data_1XUW
# 
_entry.id   1XUW 
# 
_audit_conform.dict_name       mmcif_pdbx.dic 
_audit_conform.dict_version    5.376 
_audit_conform.dict_location   http://mmcif.pdb.org/dictionaries/ascii/mmcif_pdbx.dic 
# 
loop_
_database_2.database_id 
_database_2.database_code 
_database_2.pdbx_database_accession 
_database_2.pdbx_DOI 
PDB   1XUW         pdb_00001xuw 10.2210/pdb1xuw/pdb 
NDB   UD0056       ?            ?                   
RCSB  RCSB030790   ?            ?                   
WWPDB D_1000030790 ?            ?                   
# 
_pdbx_database_status.status_code                     REL 
_pdbx_database_status.entry_id                        1XUW 
_pdbx_database_status.recvd_initial_deposition_date   2004-10-26 
_pdbx_database_status.deposit_site                    RCSB 
_pdbx_database_status.process_site                    RCSB 
_pdbx_database_status.status_code_sf                  REL 
_pdbx_database_status.SG_entry                        . 
_pdbx_database_status.pdb_format_compatible           Y 
_pdbx_database_status.status_code_mr                  ? 
_pdbx_database_status.status_code_cs                  ? 
_pdbx_database_status.methods_development_category    ? 
_pdbx_database_status.status_code_nmr_data            ? 
# 
loop_
_audit_author.name 
_audit_author.pdbx_ordinal 
'Pattanayek, R.' 1 
'Sethaphong, L.' 2 
'Pan, C.'        3 
'Prhavc, M.'     4 
'Prakash, T.P.'  5 
'Manoharan, M.'  6 
'Egli, M.'       7 
# 
_citation.id                        primary 
_citation.title                     
;Structural rationalization of a large difference in RNA affinity despite a small difference in chemistry between two 2'-O-modified nucleic acid analogues.
;
_citation.journal_abbrev            J.Am.Chem.Soc. 
_citation.journal_volume            126 
_citation.page_first                15006 
_citation.page_last                 15007 
_citation.year                      2004 
_citation.journal_id_ASTM           JACSAT 
_citation.country                   US 
_citation.journal_id_ISSN           0002-7863 
_citation.journal_id_CSD            0004 
_citation.book_publisher            ? 
_citation.pdbx_database_id_PubMed   15547979 
_citation.pdbx_database_id_DOI      10.1021/ja044637k 
# 
loop_
_citation_author.citation_id 
_citation_author.name 
_citation_author.ordinal 
_citation_author.identifier_ORCID 
primary 'Pattanayek, R.' 1 ? 
primary 'Sethaphong, L.' 2 ? 
primary 'Pan, C.'        3 ? 
primary 'Prhavc, M.'     4 ? 
primary 'Prakash, T.P.'  5 ? 
primary 'Manoharan, M.'  6 ? 
primary 'Egli, M.'       7 ? 
# 
_cell.entry_id           1XUW 
_cell.length_a           24.599 
_cell.length_b           44.876 
_cell.length_c           46.305 
_cell.angle_alpha        90.00 
_cell.angle_beta         90.00 
_cell.angle_gamma        90.00 
_cell.Z_PDB              8 
_cell.pdbx_unique_axis   ? 
# 
_symmetry.entry_id                         1XUW 
_symmetry.space_group_name_H-M             'P 21 21 21' 
_symmetry.pdbx_full_space_group_name_H-M   ? 
_symmetry.Int_Tables_number                19 
_symmetry.cell_setting                     ? 
_symmetry.space_group_name_Hall            ? 
# 
loop_
_entity.id 
_entity.type 
_entity.src_method 
_entity.pdbx_description 
_entity.formula_weight 
_entity.pdbx_number_of_molecules 
_entity.pdbx_ec 
_entity.pdbx_mutation 
_entity.pdbx_fragment 
_entity.details 
1 polymer syn 
;DNA (5'-D(*GP*CP*GP*TP*AP*(NMT)P*AP*CP*GP*C)-3')
;
3120.072 2   ? ? ? ? 
2 water   nat water                                              18.015   153 ? ? ? ? 
# 
_entity_poly.entity_id                      1 
_entity_poly.type                           polydeoxyribonucleotide 
_entity_poly.nstd_linkage                   no 
_entity_poly.nstd_monomer                   yes 
_entity_poly.pdbx_seq_one_letter_code       '(DG)(DC)(DG)(DT)(DA)(NMT)(DA)(DC)(DG)(DC)' 
_entity_poly.pdbx_seq_one_letter_code_can   GCGTATACGC 
_entity_poly.pdbx_strand_id                 A,B 
_entity_poly.pdbx_target_identifier         ? 
# 
loop_
_entity_poly_seq.entity_id 
_entity_poly_seq.num 
_entity_poly_seq.mon_id 
_entity_poly_seq.hetero 
1 1  DG  n 
1 2  DC  n 
1 3  DG  n 
1 4  DT  n 
1 5  DA  n 
1 6  NMT n 
1 7  DA  n 
1 8  DC  n 
1 9  DG  n 
1 10 DC  n 
# 
_pdbx_entity_src_syn.entity_id              1 
_pdbx_entity_src_syn.pdbx_src_id            1 
_pdbx_entity_src_syn.pdbx_alt_source_flag   sample 
_pdbx_entity_src_syn.pdbx_beg_seq_num       ? 
_pdbx_entity_src_syn.pdbx_end_seq_num       ? 
_pdbx_entity_src_syn.organism_scientific    ? 
_pdbx_entity_src_syn.organism_common_name   ? 
_pdbx_entity_src_syn.ncbi_taxonomy_id       ? 
_pdbx_entity_src_syn.details                'synthetically created' 
# 
_struct_ref.id                         1 
_struct_ref.entity_id                  1 
_struct_ref.db_name                    PDB 
_struct_ref.db_code                    1XUW 
_struct_ref.pdbx_db_accession          1XUW 
_struct_ref.pdbx_db_isoform            ? 
_struct_ref.pdbx_seq_one_letter_code   ? 
_struct_ref.pdbx_align_begin           ? 
# 
loop_
_struct_ref_seq.align_id 
_struct_ref_seq.ref_id 
_struct_ref_seq.pdbx_PDB_id_code 
_struct_ref_seq.pdbx_strand_id 
_struct_ref_seq.seq_align_beg 
_struct_ref_seq.pdbx_seq_align_beg_ins_code 
_struct_ref_seq.seq_align_end 
_struct_ref_seq.pdbx_seq_align_end_ins_code 
_struct_ref_seq.pdbx_db_accession 
_struct_ref_seq.db_align_beg 
_struct_ref_seq.pdbx_db_align_beg_ins_code 
_struct_ref_seq.db_align_end 
_struct_ref_seq.pdbx_db_align_end_ins_code 
_struct_ref_seq.pdbx_auth_seq_align_beg 
_struct_ref_seq.pdbx_auth_seq_align_end 
1 1 1XUW A 1 ? 10 ? 1XUW 1   ? 10  ? 1   10  
2 1 1XUW B 1 ? 10 ? 1XUW 111 ? 120 ? 111 120 
# 
loop_
_chem_comp.id 
_chem_comp.type 
_chem_comp.mon_nstd_flag 
_chem_comp.name 
_chem_comp.pdbx_synonyms 
_chem_comp.formula 
_chem_comp.formula_weight 
DA  'DNA linking' y "2'-DEOXYADENOSINE-5'-MONOPHOSPHATE"                                        ? 'C10 H14 N5 O6 P'  331.222 
DC  'DNA linking' y "2'-DEOXYCYTIDINE-5'-MONOPHOSPHATE"                                         ? 'C9 H14 N3 O7 P'   307.197 
DG  'DNA linking' y "2'-DEOXYGUANOSINE-5'-MONOPHOSPHATE"                                        ? 'C10 H14 N5 O7 P'  347.221 
DT  'DNA linking' y "THYMIDINE-5'-MONOPHOSPHATE"                                                ? 'C10 H15 N2 O8 P'  322.208 
HOH non-polymer   . WATER                                                                       ? 'H2 O'             18.015  
NMT 'DNA linking' n '1-(O2-(METHYLCARBAMOYL)-O5-HYDROXYPHOSPHINYL-BETA-D-RIBOFURANOSYL)THYMINE' ? 'C12 H20 N3 O10 P' 397.275 
# 
_exptl.entry_id          1XUW 
_exptl.method            'X-RAY DIFFRACTION' 
_exptl.crystals_number   1 
# 
_exptl_crystal.id                    1 
_exptl_crystal.density_meas          ? 
_exptl_crystal.density_Matthews      4. 
_exptl_crystal.density_percent_sol   40.0 
_exptl_crystal.description           ? 
_exptl_crystal.F_000                 ? 
_exptl_crystal.preparation           ? 
# 
_exptl_crystal_grow.crystal_id      1 
_exptl_crystal_grow.method          'VAPOR DIFFUSION, HANGING DROP' 
_exptl_crystal_grow.temp            291 
_exptl_crystal_grow.temp_details    ? 
_exptl_crystal_grow.pH              7.0 
_exptl_crystal_grow.pdbx_details    
;1mM 10mer, 40mM sodium cacodylate, 12 mM spermine 4HCl, 80mM potassium chloride, 10% MPD, pH 7.0, VAPOR DIFFUSION, HANGING DROP, temperature 291K
;
_exptl_crystal_grow.pdbx_pH_range   . 
# 
_diffrn.id                     1 
_diffrn.ambient_temp           110 
_diffrn.ambient_temp_details   ? 
_diffrn.crystal_id             1 
# 
_diffrn_detector.diffrn_id              1 
_diffrn_detector.detector               CCD 
_diffrn_detector.type                   MARRESEARCH 
_diffrn_detector.pdbx_collection_date   2002-11-01 
_diffrn_detector.details                ? 
# 
_diffrn_radiation.diffrn_id                        1 
_diffrn_radiation.wavelength_id                    1 
_diffrn_radiation.pdbx_monochromatic_or_laue_m_l   M 
_diffrn_radiation.monochromator                    ? 
_diffrn_radiation.pdbx_diffrn_protocol             'SINGLE WAVELENGTH' 
_diffrn_radiation.pdbx_scattering_type             x-ray 
# 
_diffrn_radiation_wavelength.id           1 
_diffrn_radiation_wavelength.wavelength   0.96297 
_diffrn_radiation_wavelength.wt           1.0 
# 
_diffrn_source.diffrn_id                   1 
_diffrn_source.source                      SYNCHROTRON 
_diffrn_source.type                        'APS BEAMLINE 5ID-B' 
_diffrn_source.pdbx_synchrotron_site       APS 
_diffrn_source.pdbx_synchrotron_beamline   5ID-B 
_diffrn_source.pdbx_wavelength             ? 
_diffrn_source.pdbx_wavelength_list        0.96297 
# 
_reflns.entry_id                     1XUW 
_reflns.observed_criterion_sigma_F   0 
_reflns.observed_criterion_sigma_I   0 
_reflns.d_resolution_high            1.25 
_reflns.d_resolution_low             30.0 
_reflns.number_all                   14402 
_reflns.number_obs                   14402 
_reflns.percent_possible_obs         97.4 
_reflns.pdbx_Rmerge_I_obs            0.077 
_reflns.pdbx_Rsym_value              ? 
_reflns.pdbx_netI_over_sigmaI        ? 
_reflns.B_iso_Wilson_estimate        29.3 
_reflns.pdbx_redundancy              2.6 
_reflns.R_free_details               ? 
_reflns.pdbx_chi_squared             ? 
_reflns.pdbx_scaling_rejects         ? 
_reflns.pdbx_diffrn_id               1 
_reflns.pdbx_ordinal                 1 
# 
_reflns_shell.d_res_high             1.25 
_reflns_shell.d_res_low              1.29 
_reflns_shell.percent_possible_all   96.0 
_reflns_shell.Rmerge_I_obs           0.254 
_reflns_shell.pdbx_Rsym_value        ? 
_reflns_shell.meanI_over_sigI_obs    ? 
_reflns_shell.pdbx_redundancy        6.2 
_reflns_shell.percent_possible_obs   ? 
_reflns_shell.number_unique_all      1389 
_reflns_shell.number_measured_all    ? 
_reflns_shell.number_measured_obs    ? 
_reflns_shell.number_unique_obs      ? 
_reflns_shell.pdbx_chi_squared       ? 
_reflns_shell.pdbx_diffrn_id         ? 
_reflns_shell.pdbx_ordinal           1 
# 
_refine.entry_id                                 1XUW 
_refine.ls_d_res_high                            1.25 
_refine.ls_d_res_low                             30.0 
_refine.pdbx_ls_sigma_F                          0 
_refine.pdbx_ls_sigma_I                          ? 
_refine.ls_number_reflns_all                     13637 
_refine.ls_number_reflns_obs                     13637 
_refine.ls_number_reflns_R_free                  711 
_refine.ls_percent_reflns_obs                    ? 
_refine.ls_R_factor_all                          0.153 
_refine.ls_R_factor_obs                          0.153 
_refine.ls_R_factor_R_work                       0.153 
_refine.ls_R_factor_R_free                       0.221 
_refine.ls_redundancy_reflns_obs                 ? 
_refine.pdbx_data_cutoff_high_absF               ? 
_refine.pdbx_data_cutoff_low_absF                ? 
_refine.ls_number_parameters                     ? 
_refine.ls_number_restraints                     ? 
_refine.ls_percent_reflns_R_free                 ? 
_refine.ls_R_factor_R_free_error                 ? 
_refine.ls_R_factor_R_free_error_details         ? 
_refine.pdbx_method_to_determine_struct          'MOLECULAR REPLACEMENT' 
_refine.pdbx_starting_model                      1DPL 
_refine.pdbx_ls_cross_valid_method               THROUGHOUT 
_refine.pdbx_R_Free_selection_details            RANDOM 
_refine.pdbx_stereochem_target_val_spec_case     ? 
_refine.pdbx_stereochemistry_target_values       ? 
_refine.solvent_model_details                    ? 
_refine.solvent_model_param_bsol                 ? 
_refine.solvent_model_param_ksol                 ? 
_refine.occupancy_max                            ? 
_refine.occupancy_min                            ? 
_refine.pdbx_isotropic_thermal_model             ? 
_refine.B_iso_mean                               ? 
_refine.aniso_B[1][1]                            ? 
_refine.aniso_B[1][2]                            ? 
_refine.aniso_B[1][3]                            ? 
_refine.aniso_B[2][2]                            ? 
_refine.aniso_B[2][3]                            ? 
_refine.aniso_B[3][3]                            ? 
_refine.details                                  ? 
_refine.correlation_coeff_Fo_to_Fc               ? 
_refine.correlation_coeff_Fo_to_Fc_free          ? 
_refine.pdbx_solvent_vdw_probe_radii             ? 
_refine.pdbx_solvent_ion_probe_radii             ? 
_refine.pdbx_solvent_shrinkage_radii             ? 
_refine.overall_SU_R_Cruickshank_DPI             ? 
_refine.overall_SU_R_free                        ? 
_refine.overall_SU_B                             ? 
_refine.overall_SU_ML                            ? 
_refine.pdbx_overall_ESU_R                       ? 
_refine.pdbx_overall_ESU_R_Free                  ? 
_refine.pdbx_data_cutoff_high_rms_absF           ? 
_refine.ls_wR_factor_R_free                      ? 
_refine.ls_wR_factor_R_work                      ? 
_refine.overall_FOM_free_R_set                   ? 
_refine.overall_FOM_work_R_set                   ? 
_refine.pdbx_refine_id                           'X-RAY DIFFRACTION' 
_refine.pdbx_diffrn_id                           1 
_refine.pdbx_TLS_residual_ADP_flag               ? 
_refine.pdbx_overall_phase_error                 ? 
_refine.pdbx_overall_SU_R_free_Cruickshank_DPI   ? 
_refine.pdbx_overall_SU_R_Blow_DPI               ? 
_refine.pdbx_overall_SU_R_free_Blow_DPI          ? 
# 
_refine_hist.pdbx_refine_id                   'X-RAY DIFFRACTION' 
_refine_hist.cycle_id                         LAST 
_refine_hist.pdbx_number_atoms_protein        0 
_refine_hist.pdbx_number_atoms_nucleic_acid   416 
_refine_hist.pdbx_number_atoms_ligand         0 
_refine_hist.number_atoms_solvent             153 
_refine_hist.number_atoms_total               569 
_refine_hist.d_res_high                       1.25 
_refine_hist.d_res_low                        30.0 
# 
loop_
_refine_ls_restr.type 
_refine_ls_restr.dev_ideal 
_refine_ls_restr.dev_ideal_target 
_refine_ls_restr.weight 
_refine_ls_restr.number 
_refine_ls_restr.pdbx_refine_id 
_refine_ls_restr.pdbx_restraint_function 
s_bond_d  0.011 ? ? ? 'X-RAY DIFFRACTION' ? 
s_angle_d 0.020 ? ? ? 'X-RAY DIFFRACTION' ? 
# 
_struct.entry_id                  1XUW 
_struct.title                     
;Structural rationalization of a large difference in RNA affinity despite a small difference in chemistry between two 2'-O-modified nucleic acid analogs
;
_struct.pdbx_model_details        ? 
_struct.pdbx_CASP_flag            ? 
_struct.pdbx_model_type_details   ? 
# 
_struct_keywords.entry_id        1XUW 
_struct_keywords.pdbx_keywords   DNA 
_struct_keywords.text            'RNA mimetic methylcarbamate amide analog, DNA' 
# 
loop_
_struct_asym.id 
_struct_asym.pdbx_blank_PDB_chainid_flag 
_struct_asym.pdbx_modified 
_struct_asym.entity_id 
_struct_asym.details 
A N N 1 ? 
B N N 1 ? 
C N N 2 ? 
D N N 2 ? 
# 
_struct_biol.id                    1 
_struct_biol.details               'Decamer duplex' 
_struct_biol.pdbx_parent_biol_id   ? 
# 
loop_
_struct_conn.id 
_struct_conn.conn_type_id 
_struct_conn.pdbx_leaving_atom_flag 
_struct_conn.pdbx_PDB_id 
_struct_conn.ptnr1_label_asym_id 
_struct_conn.ptnr1_label_comp_id 
_struct_conn.ptnr1_label_seq_id 
_struct_conn.ptnr1_label_atom_id 
_struct_conn.pdbx_ptnr1_label_alt_id 
_struct_conn.pdbx_ptnr1_PDB_ins_code 
_struct_conn.pdbx_ptnr1_standard_comp_id 
_struct_conn.ptnr1_symmetry 
_struct_conn.ptnr2_label_asym_id 
_struct_conn.ptnr2_label_comp_id 
_struct_conn.ptnr2_label_seq_id 
_struct_conn.ptnr2_label_atom_id 
_struct_conn.pdbx_ptnr2_label_alt_id 
_struct_conn.pdbx_ptnr2_PDB_ins_code 
_struct_conn.ptnr1_auth_asym_id 
_struct_conn.ptnr1_auth_comp_id 
_struct_conn.ptnr1_auth_seq_id 
_struct_conn.ptnr2_auth_asym_id 
_struct_conn.ptnr2_auth_comp_id 
_struct_conn.ptnr2_auth_seq_id 
_struct_conn.ptnr2_symmetry 
_struct_conn.pdbx_ptnr3_label_atom_id 
_struct_conn.pdbx_ptnr3_label_seq_id 
_struct_conn.pdbx_ptnr3_label_comp_id 
_struct_conn.pdbx_ptnr3_label_asym_id 
_struct_conn.pdbx_ptnr3_label_alt_id 
_struct_conn.pdbx_ptnr3_PDB_ins_code 
_struct_conn.details 
_struct_conn.pdbx_dist_value 
_struct_conn.pdbx_value_order 
_struct_conn.pdbx_role 
covale1  covale both ? A DA  5  "O3'" ? ? ? 1_555 A NMT 6  P  ? ? A DA  5   A NMT 6   1_555 ? ? ? ? ? ? ?            1.617 ? ? 
covale2  covale both ? A NMT 6  "O3'" ? ? ? 1_555 A DA  7  P  ? ? A NMT 6   A DA  7   1_555 ? ? ? ? ? ? ?            1.625 ? ? 
covale3  covale both ? B DA  5  "O3'" ? ? ? 1_555 B NMT 6  P  ? ? B DA  115 B NMT 116 1_555 ? ? ? ? ? ? ?            1.576 ? ? 
covale4  covale both ? B NMT 6  "O3'" ? ? ? 1_555 B DA  7  P  ? ? B NMT 116 B DA  117 1_555 ? ? ? ? ? ? ?            1.577 ? ? 
hydrog1  hydrog ?    ? A DG  1  N1    ? ? ? 1_555 B DC  10 N3 ? ? A DG  1   B DC  120 1_555 ? ? ? ? ? ? WATSON-CRICK ?     ? ? 
hydrog2  hydrog ?    ? A DG  1  N2    ? ? ? 1_555 B DC  10 O2 ? ? A DG  1   B DC  120 1_555 ? ? ? ? ? ? WATSON-CRICK ?     ? ? 
hydrog3  hydrog ?    ? A DG  1  O6    ? ? ? 1_555 B DC  10 N4 ? ? A DG  1   B DC  120 1_555 ? ? ? ? ? ? WATSON-CRICK ?     ? ? 
hydrog4  hydrog ?    ? A DC  2  N3    ? ? ? 1_555 B DG  9  N1 ? ? A DC  2   B DG  119 1_555 ? ? ? ? ? ? WATSON-CRICK ?     ? ? 
hydrog5  hydrog ?    ? A DC  2  N4    ? ? ? 1_555 B DG  9  O6 ? ? A DC  2   B DG  119 1_555 ? ? ? ? ? ? WATSON-CRICK ?     ? ? 
hydrog6  hydrog ?    ? A DC  2  O2    ? ? ? 1_555 B DG  9  N2 ? ? A DC  2   B DG  119 1_555 ? ? ? ? ? ? WATSON-CRICK ?     ? ? 
hydrog7  hydrog ?    ? A DG  3  N1    ? ? ? 1_555 B DC  8  N3 ? ? A DG  3   B DC  118 1_555 ? ? ? ? ? ? WATSON-CRICK ?     ? ? 
hydrog8  hydrog ?    ? A DG  3  N2    ? ? ? 1_555 B DC  8  O2 ? ? A DG  3   B DC  118 1_555 ? ? ? ? ? ? WATSON-CRICK ?     ? ? 
hydrog9  hydrog ?    ? A DG  3  O6    ? ? ? 1_555 B DC  8  N4 ? ? A DG  3   B DC  118 1_555 ? ? ? ? ? ? WATSON-CRICK ?     ? ? 
hydrog10 hydrog ?    ? A DT  4  N3    ? ? ? 1_555 B DA  7  N1 ? ? A DT  4   B DA  117 1_555 ? ? ? ? ? ? WATSON-CRICK ?     ? ? 
hydrog11 hydrog ?    ? A DT  4  O4    ? ? ? 1_555 B DA  7  N6 ? ? A DT  4   B DA  117 1_555 ? ? ? ? ? ? WATSON-CRICK ?     ? ? 
hydrog12 hydrog ?    ? A DA  5  N1    ? ? ? 1_555 B NMT 6  N3 ? ? A DA  5   B NMT 116 1_555 ? ? ? ? ? ? WATSON-CRICK ?     ? ? 
hydrog13 hydrog ?    ? A DA  5  N6    ? ? ? 1_555 B NMT 6  O4 ? ? A DA  5   B NMT 116 1_555 ? ? ? ? ? ? WATSON-CRICK ?     ? ? 
hydrog14 hydrog ?    ? A NMT 6  N3    ? ? ? 1_555 B DA  5  N1 ? ? A NMT 6   B DA  115 1_555 ? ? ? ? ? ? WATSON-CRICK ?     ? ? 
hydrog15 hydrog ?    ? A NMT 6  O4    ? ? ? 1_555 B DA  5  N6 ? ? A NMT 6   B DA  115 1_555 ? ? ? ? ? ? WATSON-CRICK ?     ? ? 
hydrog16 hydrog ?    ? A DA  7  N1    ? ? ? 1_555 B DT  4  N3 ? ? A DA  7   B DT  114 1_555 ? ? ? ? ? ? WATSON-CRICK ?     ? ? 
hydrog17 hydrog ?    ? A DA  7  N6    ? ? ? 1_555 B DT  4  O4 ? ? A DA  7   B DT  114 1_555 ? ? ? ? ? ? WATSON-CRICK ?     ? ? 
hydrog18 hydrog ?    ? A DC  8  N3    ? ? ? 1_555 B DG  3  N1 ? ? A DC  8   B DG  113 1_555 ? ? ? ? ? ? WATSON-CRICK ?     ? ? 
hydrog19 hydrog ?    ? A DC  8  N4    ? ? ? 1_555 B DG  3  O6 ? ? A DC  8   B DG  113 1_555 ? ? ? ? ? ? WATSON-CRICK ?     ? ? 
hydrog20 hydrog ?    ? A DC  8  O2    ? ? ? 1_555 B DG  3  N2 ? ? A DC  8   B DG  113 1_555 ? ? ? ? ? ? WATSON-CRICK ?     ? ? 
hydrog21 hydrog ?    ? A DG  9  N1    ? ? ? 1_555 B DC  2  N3 ? ? A DG  9   B DC  112 1_555 ? ? ? ? ? ? WATSON-CRICK ?     ? ? 
hydrog22 hydrog ?    ? A DG  9  N2    ? ? ? 1_555 B DC  2  O2 ? ? A DG  9   B DC  112 1_555 ? ? ? ? ? ? WATSON-CRICK ?     ? ? 
hydrog23 hydrog ?    ? A DG  9  O6    ? ? ? 1_555 B DC  2  N4 ? ? A DG  9   B DC  112 1_555 ? ? ? ? ? ? WATSON-CRICK ?     ? ? 
hydrog24 hydrog ?    ? A DC  10 N3    ? ? ? 1_555 B DG  1  N1 ? ? A DC  10  B DG  111 1_555 ? ? ? ? ? ? WATSON-CRICK ?     ? ? 
hydrog25 hydrog ?    ? A DC  10 N4    ? ? ? 1_555 B DG  1  O6 ? ? A DC  10  B DG  111 1_555 ? ? ? ? ? ? WATSON-CRICK ?     ? ? 
hydrog26 hydrog ?    ? A DC  10 O2    ? ? ? 1_555 B DG  1  N2 ? ? A DC  10  B DG  111 1_555 ? ? ? ? ? ? WATSON-CRICK ?     ? ? 
# 
loop_
_struct_conn_type.id 
_struct_conn_type.criteria 
_struct_conn_type.reference 
covale ? ? 
hydrog ? ? 
# 
_atom_sites.entry_id                    1XUW 
_atom_sites.fract_transf_matrix[1][1]   0.00918681 
_atom_sites.fract_transf_matrix[1][2]   -0.01035428 
_atom_sites.fract_transf_matrix[1][3]   0.03822272 
_atom_sites.fract_transf_matrix[2][1]   -0.01940556 
_atom_sites.fract_transf_matrix[2][2]   -0.01081638 
_atom_sites.fract_transf_matrix[2][3]   0.00173403 
_atom_sites.fract_transf_matrix[3][1]   0.00942800 
_atom_sites.fract_transf_matrix[3][2]   -0.01806236 
_atom_sites.fract_transf_matrix[3][3]   -0.00715899 
_atom_sites.fract_transf_vector[1]      0.381381 
_atom_sites.fract_transf_vector[2]      0.507451 
_atom_sites.fract_transf_vector[3]      0.209862 
# 
loop_
_atom_type.symbol 
C 
N 
O 
P 
# 
loop_
_atom_site.group_PDB 
_atom_site.id 
_atom_site.type_symbol 
_atom_site.label_atom_id 
_atom_site.label_alt_id 
_atom_site.label_comp_id 
_atom_site.label_asym_id 
_atom_site.label_entity_id 
_atom_site.label_seq_id 
_atom_site.pdbx_PDB_ins_code 
_atom_site.Cartn_x 
_atom_site.Cartn_y 
_atom_site.Cartn_z 
_atom_site.occupancy 
_atom_site.B_iso_or_equiv 
_atom_site.pdbx_formal_charge 
_atom_site.auth_seq_id 
_atom_site.auth_comp_id 
_atom_site.auth_asym_id 
_atom_site.auth_atom_id 
_atom_site.pdbx_PDB_model_num 
ATOM   1   O "O5'" . DG  A 1 1  ? -2.710  -7.514  -9.836  1.00 42.09  ? 1    DG  A "O5'" 1 
ATOM   2   C "C5'" . DG  A 1 1  ? -2.917  -8.891  -9.975  1.00 37.12  ? 1    DG  A "C5'" 1 
ATOM   3   C "C4'" . DG  A 1 1  ? -1.597  -9.585  -9.862  1.00 31.12  ? 1    DG  A "C4'" 1 
ATOM   4   O "O4'" . DG  A 1 1  ? -0.814  -9.195  -11.056 1.00 28.83  ? 1    DG  A "O4'" 1 
ATOM   5   C "C3'" . DG  A 1 1  ? -0.673  -9.229  -8.748  1.00 31.88  ? 1    DG  A "C3'" 1 
ATOM   6   O "O3'" . DG  A 1 1  ? -1.004  -10.032 -7.603  1.00 35.57  ? 1    DG  A "O3'" 1 
ATOM   7   C "C2'" . DG  A 1 1  ? 0.693   -9.529  -9.297  1.00 24.95  ? 1    DG  A "C2'" 1 
ATOM   8   C "C1'" . DG  A 1 1  ? 0.583   -9.105  -10.696 1.00 25.39  ? 1    DG  A "C1'" 1 
ATOM   9   N N9    . DG  A 1 1  ? 0.993   -7.700  -10.934 1.00 23.79  ? 1    DG  A N9    1 
ATOM   10  C C8    . DG  A 1 1  ? 0.257   -6.601  -11.276 1.00 25.08  ? 1    DG  A C8    1 
ATOM   11  N N7    . DG  A 1 1  ? 0.941   -5.509  -11.408 1.00 25.52  ? 1    DG  A N7    1 
ATOM   12  C C5    . DG  A 1 1  ? 2.240   -5.906  -11.134 1.00 23.16  ? 1    DG  A C5    1 
ATOM   13  C C6    . DG  A 1 1  ? 3.439   -5.163  -11.119 1.00 21.72  ? 1    DG  A C6    1 
ATOM   14  O O6    . DG  A 1 1  ? 3.693   -3.958  -11.338 1.00 22.32  ? 1    DG  A O6    1 
ATOM   15  N N1    . DG  A 1 1  ? 4.512   -5.994  -10.785 1.00 19.31  ? 1    DG  A N1    1 
ATOM   16  C C2    . DG  A 1 1  ? 4.478   -7.336  -10.506 1.00 20.45  ? 1    DG  A C2    1 
ATOM   17  N N2    . DG  A 1 1  ? 5.634   -7.920  -10.213 1.00 20.68  ? 1    DG  A N2    1 
ATOM   18  N N3    . DG  A 1 1  ? 3.359   -8.057  -10.514 1.00 20.96  ? 1    DG  A N3    1 
ATOM   19  C C4    . DG  A 1 1  ? 2.301   -7.253  -10.839 1.00 22.46  ? 1    DG  A C4    1 
ATOM   20  P P     . DC  A 1 2  ? -0.806  -9.482  -6.111  1.00 39.71  ? 2    DC  A P     1 
ATOM   21  O OP1   . DC  A 1 2  ? -1.556  -10.485 -5.305  1.00 48.22  ? 2    DC  A OP1   1 
ATOM   22  O OP2   . DC  A 1 2  ? -1.159  -8.062  -6.133  1.00 39.16  ? 2    DC  A OP2   1 
ATOM   23  O "O5'" . DC  A 1 2  ? 0.766   -9.616  -5.879  1.00 37.54  ? 2    DC  A "O5'" 1 
ATOM   24  C "C5'" . DC  A 1 2  ? 1.472   -10.762 -6.158  1.00 40.76  ? 2    DC  A "C5'" 1 
ATOM   25  C "C4'" . DC  A 1 2  ? 2.969   -10.584 -6.129  1.00 36.81  ? 2    DC  A "C4'" 1 
ATOM   26  O "O4'" . DC  A 1 2  ? 3.342   -9.751  -7.255  1.00 28.55  ? 2    DC  A "O4'" 1 
ATOM   27  C "C3'" . DC  A 1 2  ? 3.541   -9.864  -4.947  1.00 34.42  ? 2    DC  A "C3'" 1 
ATOM   28  O "O3'" . DC  A 1 2  ? 3.870   -10.865 -3.937  1.00 31.37  ? 2    DC  A "O3'" 1 
ATOM   29  C "C2'" . DC  A 1 2  ? 4.723   -9.088  -5.477  1.00 29.00  ? 2    DC  A "C2'" 1 
ATOM   30  C "C1'" . DC  A 1 2  ? 4.393   -8.813  -6.863  1.00 26.55  ? 2    DC  A "C1'" 1 
ATOM   31  N N1    . DC  A 1 2  ? 3.834   -7.475  -7.109  1.00 23.81  ? 2    DC  A N1    1 
ATOM   32  C C2    . DC  A 1 2  ? 4.786   -6.474  -7.280  1.00 25.49  ? 2    DC  A C2    1 
ATOM   33  O O2    . DC  A 1 2  ? 5.984   -6.762  -7.213  1.00 23.05  ? 2    DC  A O2    1 
ATOM   34  N N3    . DC  A 1 2  ? 4.390   -5.214  -7.513  1.00 24.17  ? 2    DC  A N3    1 
ATOM   35  C C4    . DC  A 1 2  ? 3.111   -4.865  -7.587  1.00 31.11  ? 2    DC  A C4    1 
ATOM   36  N N4    . DC  A 1 2  ? 2.827   -3.584  -7.820  1.00 28.43  ? 2    DC  A N4    1 
ATOM   37  C C5    . DC  A 1 2  ? 2.097   -5.858  -7.415  1.00 28.32  ? 2    DC  A C5    1 
ATOM   38  C C6    . DC  A 1 2  ? 2.523   -7.117  -7.186  1.00 29.54  ? 2    DC  A C6    1 
ATOM   39  P P     . DG  A 1 3  ? 4.161   -10.466 -2.408  1.00 26.36  ? 3    DG  A P     1 
ATOM   40  O OP1   . DG  A 1 3  ? 4.485   -11.723 -1.703  1.00 33.25  ? 3    DG  A OP1   1 
ATOM   41  O OP2   . DG  A 1 3  ? 3.118   -9.539  -1.867  1.00 33.55  ? 3    DG  A OP2   1 
ATOM   42  O "O5'" . DG  A 1 3  ? 5.460   -9.512  -2.526  1.00 25.92  ? 3    DG  A "O5'" 1 
ATOM   43  C "C5'" . DG  A 1 3  ? 5.560   -8.241  -1.881  1.00 24.36  ? 3    DG  A "C5'" 1 
ATOM   44  C "C4'" . DG  A 1 3  ? 6.787   -7.466  -2.247  1.00 18.50  ? 3    DG  A "C4'" 1 
ATOM   45  O "O4'" . DG  A 1 3  ? 6.581   -6.878  -3.558  1.00 19.86  ? 3    DG  A "O4'" 1 
ATOM   46  C "C3'" . DG  A 1 3  ? 7.123   -6.272  -1.395  1.00 18.19  ? 3    DG  A "C3'" 1 
ATOM   47  O "O3'" . DG  A 1 3  ? 7.985   -6.605  -0.306  1.00 19.08  ? 3    DG  A "O3'" 1 
ATOM   48  C "C2'" . DG  A 1 3  ? 7.827   -5.315  -2.329  1.00 19.74  ? 3    DG  A "C2'" 1 
ATOM   49  C "C1'" . DG  A 1 3  ? 7.210   -5.536  -3.586  1.00 19.20  ? 3    DG  A "C1'" 1 
ATOM   50  N N9    . DG  A 1 3  ? 6.055   -4.657  -3.992  1.00 18.69  ? 3    DG  A N9    1 
ATOM   51  C C8    . DG  A 1 3  ? 4.726   -4.903  -4.180  1.00 18.56  ? 3    DG  A C8    1 
ATOM   52  N N7    . DG  A 1 3  ? 4.015   -3.853  -4.545  1.00 20.03  ? 3    DG  A N7    1 
ATOM   53  C C5    . DG  A 1 3  ? 4.976   -2.844  -4.601  1.00 18.84  ? 3    DG  A C5    1 
ATOM   54  C C6    . DG  A 1 3  ? 4.853   -1.494  -4.929  1.00 19.17  ? 3    DG  A C6    1 
ATOM   55  O O6    . DG  A 1 3  ? 3.884   -0.808  -5.260  1.00 21.69  ? 3    DG  A O6    1 
ATOM   56  N N1    . DG  A 1 3  ? 6.073   -0.816  -4.866  1.00 19.17  ? 3    DG  A N1    1 
ATOM   57  C C2    . DG  A 1 3  ? 7.258   -1.367  -4.518  1.00 18.56  ? 3    DG  A C2    1 
ATOM   58  N N2    . DG  A 1 3  ? 8.331   -0.568  -4.506  1.00 18.64  ? 3    DG  A N2    1 
ATOM   59  N N3    . DG  A 1 3  ? 7.410   -2.649  -4.204  1.00 18.97  ? 3    DG  A N3    1 
ATOM   60  C C4    . DG  A 1 3  ? 6.234   -3.313  -4.265  1.00 19.00  ? 3    DG  A C4    1 
ATOM   61  P P     . DT  A 1 4  ? 8.038   -5.687  1.009   1.00 18.08  ? 4    DT  A P     1 
ATOM   62  O OP1   . DT  A 1 4  ? 8.877   -6.469  1.954   1.00 20.58  ? 4    DT  A OP1   1 
ATOM   63  O OP2   . DT  A 1 4  ? 6.682   -5.259  1.376   1.00 20.30  ? 4    DT  A OP2   1 
ATOM   64  O "O5'" . DT  A 1 4  ? 8.781   -4.337  0.591   1.00 16.44  ? 4    DT  A "O5'" 1 
ATOM   65  C "C5'" . DT  A 1 4  ? 10.184  -4.238  0.427   1.00 16.84  ? 4    DT  A "C5'" 1 
ATOM   66  C "C4'" . DT  A 1 4  ? 10.557  -2.785  0.412   1.00 16.76  ? 4    DT  A "C4'" 1 
ATOM   67  O "O4'" . DT  A 1 4  ? 10.055  -2.175  -0.798  1.00 17.55  ? 4    DT  A "O4'" 1 
ATOM   68  C "C3'" . DT  A 1 4  ? 9.953   -1.909  1.494   1.00 16.68  ? 4    DT  A "C3'" 1 
ATOM   69  O "O3'" . DT  A 1 4  ? 10.709  -2.039  2.698   1.00 17.55  ? 4    DT  A "O3'" 1 
ATOM   70  C "C2'" . DT  A 1 4  ? 10.011  -0.531  0.911   1.00 17.65  ? 4    DT  A "C2'" 1 
ATOM   71  C "C1'" . DT  A 1 4  ? 9.697   -0.740  -0.463  1.00 17.04  ? 4    DT  A "C1'" 1 
ATOM   72  N N1    . DT  A 1 4  ? 8.279   -0.633  -0.858  1.00 15.73  ? 4    DT  A N1    1 
ATOM   73  C C2    . DT  A 1 4  ? 7.864   0.611   -1.328  1.00 15.69  ? 4    DT  A C2    1 
ATOM   74  O O2    . DT  A 1 4  ? 8.601   1.565   -1.431  1.00 17.16  ? 4    DT  A O2    1 
ATOM   75  N N3    . DT  A 1 4  ? 6.521   0.646   -1.681  1.00 16.53  ? 4    DT  A N3    1 
ATOM   76  C C4    . DT  A 1 4  ? 5.587   -0.378  -1.624  1.00 16.21  ? 4    DT  A C4    1 
ATOM   77  O O4    . DT  A 1 4  ? 4.427   -0.188  -1.965  1.00 18.39  ? 4    DT  A O4    1 
ATOM   78  C C5    . DT  A 1 4  ? 6.082   -1.636  -1.106  1.00 16.19  ? 4    DT  A C5    1 
ATOM   79  C C7    . DT  A 1 4  ? 5.138   -2.788  -0.987  1.00 17.67  ? 4    DT  A C7    1 
ATOM   80  C C6    . DT  A 1 4  ? 7.383   -1.662  -0.773  1.00 16.43  ? 4    DT  A C6    1 
ATOM   81  P P     . DA  A 1 5  ? 10.000  -1.835  4.127   1.00 18.13  ? 5    DA  A P     1 
ATOM   82  O OP1   . DA  A 1 5  ? 11.090  -2.043  5.152   1.00 18.86  ? 5    DA  A OP1   1 
ATOM   83  O OP2   . DA  A 1 5  ? 8.790   -2.654  4.236   1.00 19.03  ? 5    DA  A OP2   1 
ATOM   84  O "O5'" . DA  A 1 5  ? 9.610   -0.299  4.112   1.00 16.25  ? 5    DA  A "O5'" 1 
ATOM   85  C "C5'" . DA  A 1 5  ? 8.447   0.190   4.611   1.00 17.67  ? 5    DA  A "C5'" 1 
ATOM   86  C "C4'" . DA  A 1 5  ? 8.233   1.608   4.221   1.00 16.96  ? 5    DA  A "C4'" 1 
ATOM   87  O "O4'" . DA  A 1 5  ? 8.037   1.666   2.769   1.00 18.50  ? 5    DA  A "O4'" 1 
ATOM   88  C "C3'" . DA  A 1 5  ? 6.988   2.287   4.698   1.00 18.51  ? 5    DA  A "C3'" 1 
ATOM   89  O "O3'" . DA  A 1 5  ? 7.240   2.747   6.036   1.00 18.50  ? 5    DA  A "O3'" 1 
ATOM   90  C "C2'" . DA  A 1 5  ? 6.773   3.371   3.683   1.00 19.09  ? 5    DA  A "C2'" 1 
ATOM   91  C "C1'" . DA  A 1 5  ? 7.138   2.710   2.416   1.00 18.11  ? 5    DA  A "C1'" 1 
ATOM   92  N N9    . DA  A 1 5  ? 5.944   2.143   1.769   1.00 17.07  ? 5    DA  A N9    1 
ATOM   93  C C8    . DA  A 1 5  ? 5.542   0.810   1.719   1.00 16.69  ? 5    DA  A C8    1 
ATOM   94  N N7    . DA  A 1 5  ? 4.441   0.634   1.075   1.00 17.00  ? 5    DA  A N7    1 
ATOM   95  C C5    . DA  A 1 5  ? 4.053   1.920   0.649   1.00 16.89  ? 5    DA  A C5    1 
ATOM   96  C C6    . DA  A 1 5  ? 2.950   2.411   -0.089  1.00 17.42  ? 5    DA  A C6    1 
ATOM   97  N N6    . DA  A 1 5  ? 1.990   1.627   -0.563  1.00 18.26  ? 5    DA  A N6    1 
ATOM   98  N N1    . DA  A 1 5  ? 2.886   3.731   -0.321  1.00 19.78  ? 5    DA  A N1    1 
ATOM   99  C C2    . DA  A 1 5  ? 3.861   4.516   0.161   1.00 19.87  ? 5    DA  A C2    1 
ATOM   100 N N3    . DA  A 1 5  ? 4.937   4.156   0.866   1.00 18.78  ? 5    DA  A N3    1 
ATOM   101 C C4    . DA  A 1 5  ? 4.981   2.845   1.082   1.00 16.75  ? 5    DA  A C4    1 
HETATM 102 P P     . NMT A 1 6  ? 6.082   2.801   7.162   1.00 20.22  ? 6    NMT A P     1 
HETATM 103 O OP2   . NMT A 1 6  ? 5.208   1.602   7.117   1.00 20.64  ? 6    NMT A OP2   1 
HETATM 104 O "O5'" . NMT A 1 6  ? 5.117   3.978   6.639   1.00 19.90  ? 6    NMT A "O5'" 1 
HETATM 105 N N1    . NMT A 1 6  ? 2.577   4.808   3.780   1.00 18.39  ? 6    NMT A N1    1 
HETATM 106 C C6    . NMT A 1 6  ? 2.986   3.581   4.215   1.00 18.63  ? 6    NMT A C6    1 
HETATM 107 C C2    . NMT A 1 6  ? 1.542   4.926   2.892   1.00 20.30  ? 6    NMT A C2    1 
HETATM 108 O O2    . NMT A 1 6  ? 1.137   6.012   2.473   1.00 20.87  ? 6    NMT A O2    1 
HETATM 109 N N3    . NMT A 1 6  ? 0.992   3.721   2.495   1.00 18.53  ? 6    NMT A N3    1 
HETATM 110 C C4    . NMT A 1 6  ? 1.369   2.442   2.901   1.00 18.58  ? 6    NMT A C4    1 
HETATM 111 O O4    . NMT A 1 6  ? 0.760   1.495   2.450   1.00 20.64  ? 6    NMT A O4    1 
HETATM 112 C C5    . NMT A 1 6  ? 2.468   2.416   3.845   1.00 17.68  ? 6    NMT A C5    1 
HETATM 113 C C5M   . NMT A 1 6  ? 2.924   1.061   4.319   1.00 19.80  ? 6    NMT A C5M   1 
HETATM 114 C "C2'" . NMT A 1 6  ? 2.458   6.739   5.315   1.00 18.72  ? 6    NMT A "C2'" 1 
HETATM 115 C "C5'" . NMT A 1 6  ? 5.599   5.313   6.671   1.00 20.24  ? 6    NMT A "C5'" 1 
HETATM 116 C "C4'" . NMT A 1 6  ? 4.652   6.215   6.013   1.00 19.08  ? 6    NMT A "C4'" 1 
HETATM 117 O "O4'" . NMT A 1 6  ? 4.555   5.862   4.593   1.00 20.02  ? 6    NMT A "O4'" 1 
HETATM 118 C "C1'" . NMT A 1 6  ? 3.192   6.142   4.213   1.00 19.33  ? 6    NMT A "C1'" 1 
HETATM 119 C "C3'" . NMT A 1 6  ? 3.209   6.114   6.467   1.00 19.59  ? 6    NMT A "C3'" 1 
HETATM 120 O "O3'" . NMT A 1 6  ? 3.067   6.781   7.707   1.00 21.45  ? 6    NMT A "O3'" 1 
HETATM 121 O "O6'" . NMT A 1 6  ? 2.697   8.101   5.411   1.00 22.33  ? 6    NMT A "O6'" 1 
HETATM 122 C "C7'" . NMT A 1 6  ? 2.228   8.970   4.514   1.00 29.02  ? 6    NMT A "C7'" 1 
HETATM 123 N "N8'" A NMT A 1 6  ? 2.467   10.313  4.712   0.58 38.92  ? 6    NMT A "N8'" 1 
HETATM 124 N "N8'" B NMT A 1 6  ? 2.401   10.303  4.806   0.42 38.64  ? 6    NMT A "N8'" 1 
HETATM 125 C "C9'" A NMT A 1 6  ? 2.035   11.233  3.655   0.58 36.69  ? 6    NMT A "C9'" 1 
HETATM 126 C "C9'" B NMT A 1 6  ? 3.051   10.658  6.066   0.42 40.34  ? 6    NMT A "C9'" 1 
HETATM 127 O "O7'" . NMT A 1 6  ? 1.674   8.607   3.510   1.00 51.03  ? 6    NMT A "O7'" 1 
HETATM 128 O OP1   . NMT A 1 6  ? 6.807   3.178   8.374   1.00 23.63  ? 6    NMT A OP1   1 
ATOM   129 P P     . DA  A 1 7  ? 1.972   6.261   8.788   1.00 21.92  ? 7    DA  A P     1 
ATOM   130 O OP1   . DA  A 1 7  ? 2.285   6.981   10.027  1.00 26.58  ? 7    DA  A OP1   1 
ATOM   131 O OP2   . DA  A 1 7  ? 1.950   4.784   8.762   1.00 23.09  ? 7    DA  A OP2   1 
ATOM   132 O "O5'" . DA  A 1 7  ? 0.598   6.759   8.167   1.00 19.39  ? 7    DA  A "O5'" 1 
ATOM   133 C "C5'" . DA  A 1 7  ? 0.283   8.107   8.127   1.00 20.22  ? 7    DA  A "C5'" 1 
ATOM   134 C "C4'" . DA  A 1 7  ? -1.009  8.338   7.382   1.00 17.85  ? 7    DA  A "C4'" 1 
ATOM   135 O "O4'" . DA  A 1 7  ? -0.823  7.964   5.996   1.00 17.86  ? 7    DA  A "O4'" 1 
ATOM   136 C "C3'" . DA  A 1 7  ? -2.191  7.509   7.801   1.00 17.60  ? 7    DA  A "C3'" 1 
ATOM   137 O "O3'" . DA  A 1 7  ? -2.795  8.105   9.003   1.00 17.93  ? 7    DA  A "O3'" 1 
ATOM   138 C "C2'" . DA  A 1 7  ? -3.040  7.532   6.588   1.00 16.38  ? 7    DA  A "C2'" 1 
ATOM   139 C "C1'" . DA  A 1 7  ? -2.029  7.401   5.500   1.00 16.78  ? 7    DA  A "C1'" 1 
ATOM   140 N N9    . DA  A 1 7  ? -1.818  5.981   5.182   1.00 16.70  ? 7    DA  A N9    1 
ATOM   141 C C8    . DA  A 1 7  ? -0.906  5.105   5.688   1.00 16.85  ? 7    DA  A C8    1 
ATOM   142 N N7    . DA  A 1 7  ? -0.982  3.913   5.211   1.00 17.47  ? 7    DA  A N7    1 
ATOM   143 C C5    . DA  A 1 7  ? -2.021  3.992   4.305   1.00 16.44  ? 7    DA  A C5    1 
ATOM   144 C C6    . DA  A 1 7  ? -2.618  3.069   3.459   1.00 19.09  ? 7    DA  A C6    1 
ATOM   145 N N6    . DA  A 1 7  ? -2.257  1.771   3.324   1.00 20.56  ? 7    DA  A N6    1 
ATOM   146 N N1    . DA  A 1 7  ? -3.661  3.505   2.688   1.00 18.90  ? 7    DA  A N1    1 
ATOM   147 C C2    . DA  A 1 7  ? -4.037  4.774   2.796   1.00 19.20  ? 7    DA  A C2    1 
ATOM   148 N N3    . DA  A 1 7  ? -3.570  5.743   3.542   1.00 17.52  ? 7    DA  A N3    1 
ATOM   149 C C4    . DA  A 1 7  ? -2.557  5.279   4.287   1.00 16.64  ? 7    DA  A C4    1 
ATOM   150 P P     . DC  A 1 8  ? -3.544  7.149   10.020  1.00 18.74  ? 8    DC  A P     1 
ATOM   151 O OP1   . DC  A 1 8  ? -3.864  8.015   11.187  1.00 23.60  ? 8    DC  A OP1   1 
ATOM   152 O OP2   . DC  A 1 8  ? -2.809  5.870   10.195  1.00 19.80  ? 8    DC  A OP2   1 
ATOM   153 O "O5'" . DC  A 1 8  ? -4.952  6.766   9.337   1.00 16.96  ? 8    DC  A "O5'" 1 
ATOM   154 C "C5'" . DC  A 1 8  ? -5.872  7.734   9.004   1.00 15.99  ? 8    DC  A "C5'" 1 
ATOM   155 C "C4'" . DC  A 1 8  ? -6.895  7.224   8.072   1.00 15.83  ? 8    DC  A "C4'" 1 
ATOM   156 O "O4'" . DC  A 1 8  ? -6.179  6.806   6.849   1.00 15.61  ? 8    DC  A "O4'" 1 
ATOM   157 C "C3'" . DC  A 1 8  ? -7.638  5.982   8.435   1.00 15.16  ? 8    DC  A "C3'" 1 
ATOM   158 O "O3'" . DC  A 1 8  ? -8.720  6.350   9.338   1.00 16.31  ? 8    DC  A "O3'" 1 
ATOM   159 C "C2'" . DC  A 1 8  ? -8.080  5.446   7.114   1.00 15.50  ? 8    DC  A "C2'" 1 
ATOM   160 C "C1'" . DC  A 1 8  ? -6.886  5.687   6.270   1.00 15.94  ? 8    DC  A "C1'" 1 
ATOM   161 N N1    . DC  A 1 8  ? -6.056  4.484   6.276   1.00 15.87  ? 8    DC  A N1    1 
ATOM   162 C C2    . DC  A 1 8  ? -6.395  3.463   5.393   1.00 17.74  ? 8    DC  A C2    1 
ATOM   163 O O2    . DC  A 1 8  ? -7.373  3.623   4.639   1.00 18.40  ? 8    DC  A O2    1 
ATOM   164 N N3    . DC  A 1 8  ? -5.634  2.337   5.399   1.00 16.34  ? 8    DC  A N3    1 
ATOM   165 C C4    . DC  A 1 8  ? -4.599  2.203   6.226   1.00 16.47  ? 8    DC  A C4    1 
ATOM   166 N N4    . DC  A 1 8  ? -3.893  1.066   6.170   1.00 17.91  ? 8    DC  A N4    1 
ATOM   167 C C5    . DC  A 1 8  ? -4.227  3.237   7.138   1.00 16.29  ? 8    DC  A C5    1 
ATOM   168 C C6    . DC  A 1 8  ? -4.993  4.315   7.110   1.00 16.30  ? 8    DC  A C6    1 
ATOM   169 P P     . DG  A 1 9  ? -9.449  5.293   10.290  1.00 16.15  ? 9    DG  A P     1 
ATOM   170 O OP1   . DG  A 1 9  ? -10.440 6.113   11.068  1.00 18.83  ? 9    DG  A OP1   1 
ATOM   171 O OP2   . DG  A 1 9  ? -8.446  4.465   10.974  1.00 18.80  ? 9    DG  A OP2   1 
ATOM   172 O "O5'" . DG  A 1 9  ? -10.241 4.340   9.324   1.00 14.87  ? 9    DG  A "O5'" 1 
ATOM   173 C "C5'" . DG  A 1 9  ? -11.394 4.738   8.642   1.00 13.90  ? 9    DG  A "C5'" 1 
ATOM   174 C "C4'" . DG  A 1 9  ? -11.937 3.590   7.859   1.00 14.62  ? 9    DG  A "C4'" 1 
ATOM   175 O "O4'" . DG  A 1 9  ? -10.970 3.231   6.824   1.00 16.06  ? 9    DG  A "O4'" 1 
ATOM   176 C "C3'" . DG  A 1 9  ? -12.144 2.279   8.578   1.00 14.33  ? 9    DG  A "C3'" 1 
ATOM   177 O "O3'" . DG  A 1 9  ? -13.338 2.380   9.360   1.00 15.22  ? 9    DG  A "O3'" 1 
ATOM   178 C "C2'" . DG  A 1 9  ? -12.216 1.334   7.430   1.00 15.58  ? 9    DG  A "C2'" 1 
ATOM   179 C "C1'" . DG  A 1 9  ? -11.141 1.786   6.598   1.00 14.86  ? 9    DG  A "C1'" 1 
ATOM   180 N N9    . DG  A 1 9  ? -9.814  1.247   6.942   1.00 15.01  ? 9    DG  A N9    1 
ATOM   181 C C8    . DG  A 1 9  ? -8.758  1.825   7.602   1.00 16.04  ? 9    DG  A C8    1 
ATOM   182 N N7    . DG  A 1 9  ? -7.738  1.015   7.715   1.00 16.39  ? 9    DG  A N7    1 
ATOM   183 C C5    . DG  A 1 9  ? -8.148  -0.173  7.087   1.00 15.00  ? 9    DG  A C5    1 
ATOM   184 C C6    . DG  A 1 9  ? -7.483  -1.394  6.898   1.00 15.63  ? 9    DG  A C6    1 
ATOM   185 O O6    . DG  A 1 9  ? -6.348  -1.770  7.223   1.00 17.18  ? 9    DG  A O6    1 
ATOM   186 N N1    . DG  A 1 9  ? -8.307  -2.284  6.212   1.00 15.90  ? 9    DG  A N1    1 
ATOM   187 C C2    . DG  A 1 9  ? -9.574  -2.065  5.775   1.00 17.28  ? 9    DG  A C2    1 
ATOM   188 N N2    . DG  A 1 9  ? -10.175 -3.069  5.141   1.00 17.47  ? 9    DG  A N2    1 
ATOM   189 N N3    . DG  A 1 9  ? -10.226 -0.903  5.951   1.00 15.96  ? 9    DG  A N3    1 
ATOM   190 C C4    . DG  A 1 9  ? -9.443  -0.025  6.609   1.00 15.02  ? 9    DG  A C4    1 
ATOM   191 P P     . DC  A 1 10 ? -13.450 1.476   10.672  1.00 17.05  ? 10   DC  A P     1 
ATOM   192 O OP1   . DC  A 1 10 ? -14.759 1.855   11.252  1.00 22.23  ? 10   DC  A OP1   1 
ATOM   193 O OP2   . DC  A 1 10 ? -12.219 1.566   11.457  1.00 18.99  ? 10   DC  A OP2   1 
ATOM   194 O "O5'" . DC  A 1 10 ? -13.547 -0.020  10.097  1.00 15.82  ? 10   DC  A "O5'" 1 
ATOM   195 C "C5'" . DC  A 1 10 ? -14.618 -0.487  9.343   1.00 17.01  ? 10   DC  A "C5'" 1 
ATOM   196 C "C4'" . DC  A 1 10 ? -14.434 -1.965  9.041   1.00 16.40  ? 10   DC  A "C4'" 1 
ATOM   197 O "O4'" . DC  A 1 10 ? -13.260 -2.119  8.180   1.00 16.73  ? 10   DC  A "O4'" 1 
ATOM   198 C "C3'" . DC  A 1 10 ? -14.166 -2.877  10.198  1.00 15.95  ? 10   DC  A "C3'" 1 
ATOM   199 O "O3'" . DC  A 1 10 ? -15.390 -3.290  10.855  1.00 16.95  ? 10   DC  A "O3'" 1 
ATOM   200 C "C2'" . DC  A 1 10 ? -13.433 -4.008  9.530   1.00 17.37  ? 10   DC  A "C2'" 1 
ATOM   201 C "C1'" . DC  A 1 10 ? -12.672 -3.398  8.475   1.00 16.30  ? 10   DC  A "C1'" 1 
ATOM   202 N N1    . DC  A 1 10 ? -11.277 -3.131  8.916   1.00 16.17  ? 10   DC  A N1    1 
ATOM   203 C C2    . DC  A 1 10 ? -10.368 -4.159  8.804   1.00 16.13  ? 10   DC  A C2    1 
ATOM   204 O O2    . DC  A 1 10 ? -10.762 -5.241  8.339   1.00 16.79  ? 10   DC  A O2    1 
ATOM   205 N N3    . DC  A 1 10 ? -9.084  -3.950  9.204   1.00 16.45  ? 10   DC  A N3    1 
ATOM   206 C C4    . DC  A 1 10 ? -8.744  -2.755  9.699   1.00 15.48  ? 10   DC  A C4    1 
ATOM   207 N N4    . DC  A 1 10 ? -7.478  -2.644  10.059  1.00 17.72  ? 10   DC  A N4    1 
ATOM   208 C C5    . DC  A 1 10 ? -9.659  -1.648  9.842   1.00 16.00  ? 10   DC  A C5    1 
ATOM   209 C C6    . DC  A 1 10 ? -10.896 -1.906  9.439   1.00 15.99  ? 10   DC  A C6    1 
ATOM   210 O "O5'" . DG  B 1 1  ? -0.876  -9.702  6.742   1.00 41.68  ? 111  DG  B "O5'" 1 
ATOM   211 C "C5'" . DG  B 1 1  ? -1.235  -10.978 6.397   1.00 34.13  ? 111  DG  B "C5'" 1 
ATOM   212 C "C4'" . DG  B 1 1  ? -2.704  -11.177 6.382   1.00 30.43  ? 111  DG  B "C4'" 1 
ATOM   213 O "O4'" . DG  B 1 1  ? -3.223  -10.846 7.709   1.00 29.67  ? 111  DG  B "O4'" 1 
ATOM   214 C "C3'" . DG  B 1 1  ? -3.496  -10.280 5.483   1.00 24.66  ? 111  DG  B "C3'" 1 
ATOM   215 O "O3'" . DG  B 1 1  ? -3.415  -10.886 4.170   1.00 24.25  ? 111  DG  B "O3'" 1 
ATOM   216 C "C2'" . DG  B 1 1  ? -4.853  -10.259 6.087   1.00 24.31  ? 111  DG  B "C2'" 1 
ATOM   217 C "C1'" . DG  B 1 1  ? -4.562  -10.250 7.500   1.00 22.18  ? 111  DG  B "C1'" 1 
ATOM   218 N N9    . DG  B 1 1  ? -4.465  -8.914  8.137   1.00 23.59  ? 111  DG  B N9    1 
ATOM   219 C C8    . DG  B 1 1  ? -3.402  -8.283  8.715   1.00 22.83  ? 111  DG  B C8    1 
ATOM   220 N N7    . DG  B 1 1  ? -3.687  -7.103  9.178   1.00 23.27  ? 111  DG  B N7    1 
ATOM   221 C C5    . DG  B 1 1  ? -5.028  -6.938  8.888   1.00 21.07  ? 111  DG  B C5    1 
ATOM   222 C C6    . DG  B 1 1  ? -5.866  -5.831  9.167   1.00 20.22  ? 111  DG  B C6    1 
ATOM   223 O O6    . DG  B 1 1  ? -5.550  -4.773  9.737   1.00 20.42  ? 111  DG  B O6    1 
ATOM   224 N N1    . DG  B 1 1  ? -7.153  -6.067  8.707   1.00 18.34  ? 111  DG  B N1    1 
ATOM   225 C C2    . DG  B 1 1  ? -7.548  -7.225  8.069   1.00 17.51  ? 111  DG  B C2    1 
ATOM   226 N N2    . DG  B 1 1  ? -8.834  -7.318  7.676   1.00 17.87  ? 111  DG  B N2    1 
ATOM   227 N N3    . DG  B 1 1  ? -6.763  -8.278  7.800   1.00 20.23  ? 111  DG  B N3    1 
ATOM   228 C C4    . DG  B 1 1  ? -5.527  -8.055  8.242   1.00 21.53  ? 111  DG  B C4    1 
ATOM   229 P P     . DC  B 1 2  ? -3.390  -9.989  2.833   1.00 22.99  ? 112  DC  B P     1 
ATOM   230 O OP1   . DC  B 1 2  ? -3.197  -10.984 1.772   1.00 27.74  ? 112  DC  B OP1   1 
ATOM   231 O OP2   . DC  B 1 2  ? -2.598  -8.790  3.068   1.00 28.64  ? 112  DC  B OP2   1 
ATOM   232 O "O5'" . DC  B 1 2  ? -4.919  -9.467  2.752   1.00 22.68  ? 112  DC  B "O5'" 1 
ATOM   233 C "C5'" . DC  B 1 2  ? -5.940  -10.388 2.572   1.00 20.59  ? 112  DC  B "C5'" 1 
ATOM   234 C "C4'" . DC  B 1 2  ? -7.275  -9.667  2.618   1.00 19.33  ? 112  DC  B "C4'" 1 
ATOM   235 O "O4'" . DC  B 1 2  ? -7.483  -9.249  4.010   1.00 19.03  ? 112  DC  B "O4'" 1 
ATOM   236 C "C3'" . DC  B 1 2  ? -7.447  -8.402  1.821   1.00 19.70  ? 112  DC  B "C3'" 1 
ATOM   237 O "O3'" . DC  B 1 2  ? -7.749  -8.746  0.446   1.00 21.47  ? 112  DC  B "O3'" 1 
ATOM   238 C "C2'" . DC  B 1 2  ? -8.538  -7.694  2.584   1.00 18.19  ? 112  DC  B "C2'" 1 
ATOM   239 C "C1'" . DC  B 1 2  ? -8.183  -7.948  3.978   1.00 17.13  ? 112  DC  B "C1'" 1 
ATOM   240 N N1    . DC  B 1 2  ? -7.262  -6.968  4.577   1.00 17.83  ? 112  DC  B N1    1 
ATOM   241 C C2    . DC  B 1 2  ? -7.838  -5.751  4.988   1.00 16.63  ? 112  DC  B C2    1 
ATOM   242 O O2    . DC  B 1 2  ? -9.037  -5.612  4.809   1.00 16.22  ? 112  DC  B O2    1 
ATOM   243 N N3    . DC  B 1 2  ? -7.051  -4.811  5.532   1.00 16.02  ? 112  DC  B N3    1 
ATOM   244 C C4    . DC  B 1 2  ? -5.730  -5.034  5.705   1.00 17.84  ? 112  DC  B C4    1 
ATOM   245 N N4    . DC  B 1 2  ? -5.022  -4.053  6.262   1.00 18.88  ? 112  DC  B N4    1 
ATOM   246 C C5    . DC  B 1 2  ? -5.159  -6.260  5.288   1.00 18.92  ? 112  DC  B C5    1 
ATOM   247 C C6    . DC  B 1 2  ? -5.927  -7.190  4.745   1.00 18.28  ? 112  DC  B C6    1 
ATOM   248 P P     . DG  B 1 3  ? -7.223  -7.753  -0.712  1.00 23.16  ? 113  DG  B P     1 
ATOM   249 O OP1   . DG  B 1 3  ? -7.765  -8.265  -1.975  1.00 28.37  ? 113  DG  B OP1   1 
ATOM   250 O OP2   . DG  B 1 3  ? -5.783  -7.501  -0.503  1.00 26.69  ? 113  DG  B OP2   1 
ATOM   251 O "O5'" . DG  B 1 3  ? -7.965  -6.377  -0.433  1.00 19.58  ? 113  DG  B "O5'" 1 
ATOM   252 C "C5'" . DG  B 1 3  ? -9.301  -6.242  -0.610  1.00 19.16  ? 113  DG  B "C5'" 1 
ATOM   253 C "C4'" . DG  B 1 3  ? -9.800  -4.916  -0.205  1.00 18.96  ? 113  DG  B "C4'" 1 
ATOM   254 O "O4'" . DG  B 1 3  ? -9.531  -4.731  1.248   1.00 18.58  ? 113  DG  B "O4'" 1 
ATOM   255 C "C3'" . DG  B 1 3  ? -9.149  -3.699  -0.788  1.00 16.28  ? 113  DG  B "C3'" 1 
ATOM   256 O "O3'" . DG  B 1 3  ? -9.561  -3.534  -2.141  1.00 18.40  ? 113  DG  B "O3'" 1 
ATOM   257 C "C2'" . DG  B 1 3  ? -9.604  -2.613  0.203   1.00 18.27  ? 113  DG  B "C2'" 1 
ATOM   258 C "C1'" . DG  B 1 3  ? -9.455  -3.302  1.490   1.00 18.13  ? 113  DG  B "C1'" 1 
ATOM   259 N N9    . DG  B 1 3  ? -8.139  -3.085  2.110   1.00 17.58  ? 113  DG  B N9    1 
ATOM   260 C C8    . DG  B 1 3  ? -7.039  -3.928  2.243   1.00 16.98  ? 113  DG  B C8    1 
ATOM   261 N N7    . DG  B 1 3  ? -6.038  -3.352  2.864   1.00 17.71  ? 113  DG  B N7    1 
ATOM   262 C C5    . DG  B 1 3  ? -6.480  -2.071  3.161   1.00 16.57  ? 113  DG  B C5    1 
ATOM   263 C C6    . DG  B 1 3  ? -5.832  -1.001  3.823   1.00 16.07  ? 113  DG  B C6    1 
ATOM   264 O O6    . DG  B 1 3  ? -4.706  -0.958  4.298   1.00 16.67  ? 113  DG  B O6    1 
ATOM   265 N N1    . DG  B 1 3  ? -6.652  0.104   3.896   1.00 16.63  ? 113  DG  B N1    1 
ATOM   266 C C2    . DG  B 1 3  ? -7.943  0.209   3.408   1.00 16.27  ? 113  DG  B C2    1 
ATOM   267 N N2    . DG  B 1 3  ? -8.565  1.352   3.577   1.00 17.33  ? 113  DG  B N2    1 
ATOM   268 N N3    . DG  B 1 3  ? -8.551  -0.800  2.787   1.00 16.34  ? 113  DG  B N3    1 
ATOM   269 C C4    . DG  B 1 3  ? -7.775  -1.885  2.704   1.00 17.33  ? 113  DG  B C4    1 
ATOM   270 P P     . DT  B 1 4  ? -8.657  -2.773  -3.195  1.00 19.41  ? 114  DT  B P     1 
ATOM   271 O OP1   . DT  B 1 4  ? -9.369  -2.918  -4.461  1.00 21.81  ? 114  DT  B OP1   1 
ATOM   272 O OP2   . DT  B 1 4  ? -7.240  -3.221  -3.041  1.00 20.54  ? 114  DT  B OP2   1 
ATOM   273 O "O5'" . DT  B 1 4  ? -8.634  -1.260  -2.694  1.00 19.79  ? 114  DT  B "O5'" 1 
ATOM   274 C "C5'" . DT  B 1 4  ? -9.806  -0.519  -2.814  1.00 22.15  ? 114  DT  B "C5'" 1 
ATOM   275 C "C4'" . DT  B 1 4  ? -9.562  0.900   -2.348  1.00 20.51  ? 114  DT  B "C4'" 1 
ATOM   276 O "O4'" . DT  B 1 4  ? -9.339  0.821   -0.873  1.00 22.11  ? 114  DT  B "O4'" 1 
ATOM   277 C "C3'" . DT  B 1 4  ? -8.388  1.662   -2.899  1.00 21.95  ? 114  DT  B "C3'" 1 
ATOM   278 O "O3'" . DT  B 1 4  ? -8.657  2.162   -4.301  1.00 21.77  ? 114  DT  B "O3'" 1 
ATOM   279 C "C2'" . DT  B 1 4  ? -8.259  2.658   -1.811  1.00 22.30  ? 114  DT  B "C2'" 1 
ATOM   280 C "C1'" . DT  B 1 4  ? -8.480  1.926   -0.562  1.00 22.28  ? 114  DT  B "C1'" 1 
ATOM   281 N N1    . DT  B 1 4  ? -7.207  1.396   -0.052  1.00 19.01  ? 114  DT  B N1    1 
ATOM   282 C C2    . DT  B 1 4  ? -6.460  2.243   0.726   1.00 17.69  ? 114  DT  B C2    1 
ATOM   283 O O2    . DT  B 1 4  ? -6.797  3.381   1.016   1.00 21.30  ? 114  DT  B O2    1 
ATOM   284 N N3    . DT  B 1 4  ? -5.287  1.708   1.169   1.00 17.72  ? 114  DT  B N3    1 
ATOM   285 C C4    . DT  B 1 4  ? -4.820  0.452   0.898   1.00 17.25  ? 114  DT  B C4    1 
ATOM   286 O O4    . DT  B 1 4  ? -3.742  0.135   1.375   1.00 19.01  ? 114  DT  B O4    1 
ATOM   287 C C5    . DT  B 1 4  ? -5.641  -0.400  0.064   1.00 18.34  ? 114  DT  B C5    1 
ATOM   288 C C7    . DT  B 1 4  ? -5.175  -1.784  -0.262  1.00 17.94  ? 114  DT  B C7    1 
ATOM   289 C C6    . DT  B 1 4  ? -6.773  0.124   -0.356  1.00 18.28  ? 114  DT  B C6    1 
ATOM   290 P P     . DA  B 1 5  ? -7.362  2.320   -5.276  1.00 26.61  ? 115  DA  B P     1 
ATOM   291 O OP1   . DA  B 1 5  ? -7.983  2.649   -6.581  1.00 31.38  ? 115  DA  B OP1   1 
ATOM   292 O OP2   . DA  B 1 5  ? -6.460  1.163   -5.139  1.00 27.45  ? 115  DA  B OP2   1 
ATOM   293 O "O5'" . DA  B 1 5  ? -6.629  3.597   -4.687  1.00 25.89  ? 115  DA  B "O5'" 1 
ATOM   294 C "C5'" . DA  B 1 5  ? -7.346  4.781   -4.549  1.00 31.65  ? 115  DA  B "C5'" 1 
ATOM   295 C "C4'" . DA  B 1 5  ? -6.590  5.842   -3.799  1.00 30.36  ? 115  DA  B "C4'" 1 
ATOM   296 O "O4'" . DA  B 1 5  ? -6.413  5.433   -2.404  1.00 27.40  ? 115  DA  B "O4'" 1 
ATOM   297 C "C3'" . DA  B 1 5  ? -5.188  6.103   -4.255  1.00 30.97  ? 115  DA  B "C3'" 1 
ATOM   298 O "O3'" . DA  B 1 5  ? -5.305  6.995   -5.385  1.00 33.35  ? 115  DA  B "O3'" 1 
ATOM   299 C "C2'" . DA  B 1 5  ? -4.530  6.662   -3.041  1.00 29.35  ? 115  DA  B "C2'" 1 
ATOM   300 C "C1'" . DA  B 1 5  ? -5.110  5.838   -1.963  1.00 27.74  ? 115  DA  B "C1'" 1 
ATOM   301 N N9    . DA  B 1 5  ? -4.367  4.579   -1.663  1.00 23.50  ? 115  DA  B N9    1 
ATOM   302 C C8    . DA  B 1 5  ? -4.579  3.305   -2.073  1.00 22.53  ? 115  DA  B C8    1 
ATOM   303 N N7    . DA  B 1 5  ? -3.687  2.456   -1.580  1.00 19.58  ? 115  DA  B N7    1 
ATOM   304 C C5    . DA  B 1 5  ? -2.846  3.246   -0.790  1.00 19.08  ? 115  DA  B C5    1 
ATOM   305 C C6    . DA  B 1 5  ? -1.725  2.943   -0.009  1.00 18.12  ? 115  DA  B C6    1 
ATOM   306 N N6    . DA  B 1 5  ? -1.225  1.720   0.118   1.00 19.95  ? 115  DA  B N6    1 
ATOM   307 N N1    . DA  B 1 5  ? -1.131  3.951   0.640   1.00 18.93  ? 115  DA  B N1    1 
ATOM   308 C C2    . DA  B 1 5  ? -1.650  5.191   0.500   1.00 19.66  ? 115  DA  B C2    1 
ATOM   309 N N3    . DA  B 1 5  ? -2.698  5.592   -0.204  1.00 21.63  ? 115  DA  B N3    1 
ATOM   310 C C4    . DA  B 1 5  ? -3.262  4.552   -0.838  1.00 19.55  ? 115  DA  B C4    1 
HETATM 311 P P     . NMT B 1 6  ? -4.028  7.186   -6.288  1.00 37.68  ? 116  NMT B P     1 
HETATM 312 O OP2   . NMT B 1 6  ? -3.608  5.877   -6.796  1.00 35.51  ? 116  NMT B OP2   1 
HETATM 313 O "O5'" . NMT B 1 6  ? -2.928  7.819   -5.334  1.00 32.09  ? 116  NMT B "O5'" 1 
HETATM 314 N N1    . NMT B 1 6  ? -0.100  6.843   -2.789  1.00 28.17  ? 116  NMT B N1    1 
HETATM 315 C C6    . NMT B 1 6  ? -0.926  6.036   -3.536  1.00 28.13  ? 116  NMT B C6    1 
HETATM 316 C C2    . NMT B 1 6  ? 0.884   6.314   -1.957  1.00 23.92  ? 116  NMT B C2    1 
HETATM 317 O O2    . NMT B 1 6  ? 1.621   7.014   -1.291  1.00 25.73  ? 116  NMT B O2    1 
HETATM 318 N N3    . NMT B 1 6  ? 0.938   4.955   -1.958  1.00 21.96  ? 116  NMT B N3    1 
HETATM 319 C C4    . NMT B 1 6  ? 0.142   4.079   -2.672  1.00 22.31  ? 116  NMT B C4    1 
HETATM 320 O O4    . NMT B 1 6  ? 0.297   2.857   -2.580  1.00 21.93  ? 116  NMT B O4    1 
HETATM 321 C C5    . NMT B 1 6  ? -0.857  4.688   -3.521  1.00 24.10  ? 116  NMT B C5    1 
HETATM 322 C C5M   . NMT B 1 6  ? -1.764  3.821   -4.341  1.00 25.96  ? 116  NMT B C5M   1 
HETATM 323 C "C2'" . NMT B 1 6  ? 0.665   9.073   -3.746  1.00 33.97  ? 116  NMT B "C2'" 1 
HETATM 324 C "C5'" . NMT B 1 6  ? -2.859  9.180   -5.075  1.00 33.91  ? 116  NMT B "C5'" 1 
HETATM 325 C "C4'" . NMT B 1 6  ? -1.577  9.461   -4.338  1.00 33.88  ? 116  NMT B "C4'" 1 
HETATM 326 O "O4'" . NMT B 1 6  ? -1.557  8.595   -3.137  1.00 30.53  ? 116  NMT B "O4'" 1 
HETATM 327 C "C1'" . NMT B 1 6  ? -0.166  8.372   -2.798  1.00 32.08  ? 116  NMT B "C1'" 1 
HETATM 328 C "C3'" . NMT B 1 6  ? -0.254  9.119   -4.950  1.00 34.71  ? 116  NMT B "C3'" 1 
HETATM 329 O "O3'" . NMT B 1 6  ? 0.185   10.094  -5.889  1.00 40.66  ? 116  NMT B "O3'" 1 
HETATM 330 O "O6'" . NMT B 1 6  ? 0.910   10.400  -3.369  1.00 40.47  ? 116  NMT B "O6'" 1 
HETATM 331 C "C7'" . NMT B 1 6  ? 1.773   10.757  -2.414  1.00 48.88  ? 116  NMT B "C7'" 1 
HETATM 332 N "N8'" . NMT B 1 6  ? 2.270   12.036  -2.497  1.00 52.12  ? 116  NMT B "N8'" 1 
HETATM 333 C "C9'" . NMT B 1 6  ? 3.220   12.525  -1.503  1.00 52.35  ? 116  NMT B "C9'" 1 
HETATM 334 O "O7'" . NMT B 1 6  ? 2.133   10.037  -1.503  1.00 59.54  ? 116  NMT B "O7'" 1 
HETATM 335 O OP1   . NMT B 1 6  ? -4.357  8.282   -7.248  1.00 41.20  ? 116  NMT B OP1   1 
ATOM   336 P P     . DA  B 1 7  ? 1.040   9.505   -7.076  1.00 40.46  ? 117  DA  B P     1 
ATOM   337 O OP1   . DA  B 1 7  ? 1.244   10.578  -8.060  1.00 47.29  ? 117  DA  B OP1   1 
ATOM   338 O OP2   . DA  B 1 7  ? 0.317   8.274   -7.545  1.00 48.68  ? 117  DA  B OP2   1 
ATOM   339 O "O5'" . DA  B 1 7  ? 2.458   9.038   -6.565  1.00 36.19  ? 117  DA  B "O5'" 1 
ATOM   340 C "C5'" . DA  B 1 7  ? 3.225   10.141  -6.312  1.00 33.31  ? 117  DA  B "C5'" 1 
ATOM   341 C "C4'" . DA  B 1 7  ? 4.515   9.710   -5.645  1.00 31.50  ? 117  DA  B "C4'" 1 
ATOM   342 O "O4'" . DA  B 1 7  ? 4.134   9.027   -4.410  1.00 30.48  ? 117  DA  B "O4'" 1 
ATOM   343 C "C3'" . DA  B 1 7  ? 5.383   8.702   -6.307  1.00 28.78  ? 117  DA  B "C3'" 1 
ATOM   344 O "O3'" . DA  B 1 7  ? 6.132   9.385   -7.350  1.00 32.45  ? 117  DA  B "O3'" 1 
ATOM   345 C "C2'" . DA  B 1 7  ? 6.170   8.162   -5.135  1.00 26.81  ? 117  DA  B "C2'" 1 
ATOM   346 C "C1'" . DA  B 1 7  ? 5.135   8.057   -4.095  1.00 27.11  ? 117  DA  B "C1'" 1 
ATOM   347 N N9    . DA  B 1 7  ? 4.492   6.738   -4.119  1.00 24.59  ? 117  DA  B N9    1 
ATOM   348 C C8    . DA  B 1 7  ? 3.325   6.368   -4.721  1.00 25.17  ? 117  DA  B C8    1 
ATOM   349 N N7    . DA  B 1 7  ? 3.026   5.102   -4.563  1.00 24.03  ? 117  DA  B N7    1 
ATOM   350 C C5    . DA  B 1 7  ? 4.070   4.601   -3.792  1.00 22.21  ? 117  DA  B C5    1 
ATOM   351 C C6    . DA  B 1 7  ? 4.380   3.341   -3.268  1.00 20.86  ? 117  DA  B C6    1 
ATOM   352 N N6    . DA  B 1 7  ? 3.622   2.257   -3.429  1.00 20.81  ? 117  DA  B N6    1 
ATOM   353 N N1    . DA  B 1 7  ? 5.519   3.215   -2.558  1.00 19.64  ? 117  DA  B N1    1 
ATOM   354 C C2    . DA  B 1 7  ? 6.286   4.280   -2.383  1.00 21.08  ? 117  DA  B C2    1 
ATOM   355 N N3    . DA  B 1 7  ? 6.120   5.536   -2.821  1.00 21.57  ? 117  DA  B N3    1 
ATOM   356 C C4    . DA  B 1 7  ? 4.990   5.607   -3.516  1.00 24.60  ? 117  DA  B C4    1 
ATOM   357 P P     . DC  B 1 8  ? 6.453   8.640   -8.709  1.00 32.45  ? 118  DC  B P     1 
ATOM   358 O OP1   . DC  B 1 8  ? 7.223   9.583   -9.541  1.00 44.51  ? 118  DC  B OP1   1 
ATOM   359 O OP2   . DC  B 1 8  ? 5.195   8.059   -9.230  1.00 42.60  ? 118  DC  B OP2   1 
ATOM   360 O "O5'" . DC  B 1 8  ? 7.375   7.383   -8.317  1.00 28.78  ? 118  DC  B "O5'" 1 
ATOM   361 C "C5'" . DC  B 1 8  ? 8.551   7.759   -7.695  1.00 28.40  ? 118  DC  B "C5'" 1 
ATOM   362 C "C4'" . DC  B 1 8  ? 9.206   6.576   -7.043  1.00 24.05  ? 118  DC  B "C4'" 1 
ATOM   363 O "O4'" . DC  B 1 8  ? 8.316   6.028   -6.034  1.00 23.60  ? 118  DC  B "O4'" 1 
ATOM   364 C "C3'" . DC  B 1 8  ? 9.469   5.364   -7.891  1.00 23.99  ? 118  DC  B "C3'" 1 
ATOM   365 O "O3'" . DC  B 1 8  ? 10.684  5.638   -8.577  1.00 29.58  ? 118  DC  B "O3'" 1 
ATOM   366 C "C2'" . DC  B 1 8  ? 9.523   4.239   -6.894  1.00 20.16  ? 118  DC  B "C2'" 1 
ATOM   367 C "C1'" . DC  B 1 8  ? 8.529   4.637   -5.886  1.00 21.54  ? 118  DC  B "C1'" 1 
ATOM   368 N N1    . DC  B 1 8  ? 7.263   3.934   -6.157  1.00 20.82  ? 118  DC  B N1    1 
ATOM   369 C C2    . DC  B 1 8  ? 7.198   2.649   -5.643  1.00 20.03  ? 118  DC  B C2    1 
ATOM   370 O O2    . DC  B 1 8  ? 8.135   2.169   -5.009  1.00 21.11  ? 118  DC  B O2    1 
ATOM   371 N N3    . DC  B 1 8  ? 6.065   1.951   -5.860  1.00 19.02  ? 118  DC  B N3    1 
ATOM   372 C C4    . DC  B 1 8  ? 5.073   2.473   -6.546  1.00 21.59  ? 118  DC  B C4    1 
ATOM   373 N N4    . DC  B 1 8  ? 4.010   1.700   -6.699  1.00 22.11  ? 118  DC  B N4    1 
ATOM   374 C C5    . DC  B 1 8  ? 5.108   3.787   -7.090  1.00 25.06  ? 118  DC  B C5    1 
ATOM   375 C C6    . DC  B 1 8  ? 6.229   4.461   -6.863  1.00 22.85  ? 118  DC  B C6    1 
ATOM   376 P P     . DG  B 1 9  ? 11.164  4.807   -9.839  1.00 34.65  ? 119  DG  B P     1 
ATOM   377 O OP1   . DG  B 1 9  ? 12.331  5.465   -10.448 1.00 46.70  ? 119  DG  B OP1   1 
ATOM   378 O OP2   . DG  B 1 9  ? 9.973   4.391   -10.600 1.00 38.18  ? 119  DG  B OP2   1 
ATOM   379 O "O5'" . DG  B 1 9  ? 11.729  3.539   -9.031  1.00 31.28  ? 119  DG  B "O5'" 1 
ATOM   380 C "C5'" . DG  B 1 9  ? 11.609  2.353   -9.525  1.00 31.15  ? 119  DG  B "C5'" 1 
ATOM   381 C "C4'" . DG  B 1 9  ? 11.917  1.289   -8.504  1.00 20.39  ? 119  DG  B "C4'" 1 
ATOM   382 O "O4'" . DG  B 1 9  ? 10.899  1.214   -7.527  1.00 19.52  ? 119  DG  B "O4'" 1 
ATOM   383 C "C3'" . DG  B 1 9  ? 11.944  -0.042  -9.195  1.00 17.73  ? 119  DG  B "C3'" 1 
ATOM   384 O "O3'" . DG  B 1 9  ? 13.313  -0.352  -9.545  1.00 18.18  ? 119  DG  B "O3'" 1 
ATOM   385 C "C2'" . DG  B 1 9  ? 11.365  -1.005  -8.225  1.00 17.60  ? 119  DG  B "C2'" 1 
ATOM   386 C "C1'" . DG  B 1 9  ? 10.497  -0.213  -7.446  1.00 18.78  ? 119  DG  B "C1'" 1 
ATOM   387 N N9    . DG  B 1 9  ? 9.075   -0.095  -7.880  1.00 18.83  ? 119  DG  B N9    1 
ATOM   388 C C8    . DG  B 1 9  ? 8.338   0.953   -8.366  1.00 20.80  ? 119  DG  B C8    1 
ATOM   389 N N7    . DG  B 1 9  ? 7.119   0.563   -8.599  1.00 22.01  ? 119  DG  B N7    1 
ATOM   390 C C5    . DG  B 1 9  ? 7.038   -0.782  -8.253  1.00 19.89  ? 119  DG  B C5    1 
ATOM   391 C C6    . DG  B 1 9  ? 5.987   -1.730  -8.285  1.00 21.39  ? 119  DG  B C6    1 
ATOM   392 O O6    . DG  B 1 9  ? 4.799   -1.660  -8.634  1.00 22.08  ? 119  DG  B O6    1 
ATOM   393 N N1    . DG  B 1 9  ? 6.448   -2.947  -7.824  1.00 20.08  ? 119  DG  B N1    1 
ATOM   394 C C2    . DG  B 1 9  ? 7.701   -3.248  -7.395  1.00 17.86  ? 119  DG  B C2    1 
ATOM   395 N N2    . DG  B 1 9  ? 7.865   -4.508  -7.005  1.00 18.91  ? 119  DG  B N2    1 
ATOM   396 N N3    . DG  B 1 9  ? 8.689   -2.372  -7.359  1.00 18.47  ? 119  DG  B N3    1 
ATOM   397 C C4    . DG  B 1 9  ? 8.261   -1.195  -7.803  1.00 18.48  ? 119  DG  B C4    1 
ATOM   398 P P     . DC  B 1 10 ? 13.546  -1.171  -10.897 1.00 17.98  ? 120  DC  B P     1 
ATOM   399 O OP1   . DC  B 1 10 ? 14.999  -1.264  -11.045 1.00 21.18  ? 120  DC  B OP1   1 
ATOM   400 O OP2   . DC  B 1 10 ? 12.697  -0.592  -11.959 1.00 20.43  ? 120  DC  B OP2   1 
ATOM   401 O "O5'" . DC  B 1 10 ? 12.905  -2.590  -10.527 1.00 17.12  ? 120  DC  B "O5'" 1 
ATOM   402 C "C5'" . DC  B 1 10 ? 13.555  -3.475  -9.660  1.00 17.88  ? 120  DC  B "C5'" 1 
ATOM   403 C "C4'" . DC  B 1 10 ? 12.773  -4.772  -9.620  1.00 16.67  ? 120  DC  B "C4'" 1 
ATOM   404 O "O4'" . DC  B 1 10 ? 11.429  -4.509  -9.087  1.00 17.82  ? 120  DC  B "O4'" 1 
ATOM   405 C "C3'" . DC  B 1 10 ? 12.490  -5.431  -10.925 1.00 16.58  ? 120  DC  B "C3'" 1 
ATOM   406 O "O3'" . DC  B 1 10 ? 13.574  -6.300  -11.303 1.00 18.51  ? 120  DC  B "O3'" 1 
ATOM   407 C "C2'" . DC  B 1 10 ? 11.244  -6.233  -10.715 1.00 17.81  ? 120  DC  B "C2'" 1 
ATOM   408 C "C1'" . DC  B 1 10 ? 10.527  -5.505  -9.723  1.00 17.93  ? 120  DC  B "C1'" 1 
ATOM   409 N N1    . DC  B 1 10 ? 9.413   -4.646  -10.208 1.00 17.56  ? 120  DC  B N1    1 
ATOM   410 C C2    . DC  B 1 10 ? 8.175   -5.253  -10.308 1.00 17.37  ? 120  DC  B C2    1 
ATOM   411 O O2    . DC  B 1 10 ? 8.067   -6.451  -10.004 1.00 18.12  ? 120  DC  B O2    1 
ATOM   412 N N3    . DC  B 1 10 ? 7.136   -4.521  -10.730 1.00 17.17  ? 120  DC  B N3    1 
ATOM   413 C C4    . DC  B 1 10 ? 7.295   -3.234  -11.056 1.00 17.77  ? 120  DC  B C4    1 
ATOM   414 N N4    . DC  B 1 10 ? 6.199   -2.591  -11.475 1.00 19.42  ? 120  DC  B N4    1 
ATOM   415 C C5    . DC  B 1 10 ? 8.554   -2.583  -10.970 1.00 18.85  ? 120  DC  B C5    1 
ATOM   416 C C6    . DC  B 1 10 ? 9.596   -3.326  -10.534 1.00 17.57  ? 120  DC  B C6    1 
HETATM 417 O O     . HOH C 2 .  ? 0.158   1.726   6.477   1.00 22.41  ? 1001 HOH A O     1 
HETATM 418 O O     . HOH C 2 .  ? -16.422 -1.187  12.300  1.00 19.86  ? 1002 HOH A O     1 
HETATM 419 O O     . HOH C 2 .  ? 6.565   -2.719  2.639   1.00 21.11  ? 1004 HOH A O     1 
HETATM 420 O O     . HOH C 2 .  ? -9.333  1.755   11.457  1.00 23.43  ? 1005 HOH A O     1 
HETATM 421 O O     . HOH C 2 .  ? -14.608 4.795   11.497  1.00 23.67  ? 1006 HOH A O     1 
HETATM 422 O O     . HOH C 2 .  ? 2.532   2.255   7.821   1.00 25.13  ? 1007 HOH A O     1 
HETATM 423 O O     . HOH C 2 .  ? -12.818 -1.472  5.091   1.00 22.90  ? 1009 HOH A O     1 
HETATM 424 O O     . HOH C 2 .  ? 0.293   -1.396  2.764   1.00 31.15  ? 1011 HOH A O     1 
HETATM 425 O O     . HOH C 2 .  ? -5.512  1.128   9.311   1.00 24.53  ? 1012 HOH A O     1 
HETATM 426 O O     . HOH C 2 .  ? -6.998  0.106   11.504  1.00 32.57  ? 1013 HOH A O     1 
HETATM 427 O O     . HOH C 2 .  ? -12.178 3.237   13.739  1.00 37.90  ? 1014 HOH A O     1 
HETATM 428 O O     . HOH C 2 .  ? 11.145  -0.247  7.395   1.00 24.01  ? 1015 HOH A O     1 
HETATM 429 O O     . HOH C 2 .  ? -4.309  3.483   10.634  1.00 25.88  ? 1016 HOH A O     1 
HETATM 430 O O     . HOH C 2 .  ? -4.184  -1.140  8.695   1.00 31.34  ? 1019 HOH A O     1 
HETATM 431 O O     . HOH C 2 .  ? 4.124   -6.061  1.215   1.00 33.93  ? 1022 HOH A O     1 
HETATM 432 O O     . HOH C 2 .  ? -1.722  1.010   8.332   1.00 23.47  ? 1023 HOH A O     1 
HETATM 433 O O     . HOH C 2 .  ? -16.469 3.169   9.347   1.00 45.15  ? 1025 HOH A O     1 
HETATM 434 O O     . HOH C 2 .  ? 5.262   -1.035  6.417   1.00 35.40  ? 1026 HOH A O     1 
HETATM 435 O O     . HOH C 2 .  ? 13.389  -3.535  4.269   1.00 28.27  ? 1027 HOH A O     1 
HETATM 436 O O     . HOH C 2 .  ? -1.040  4.033   9.186   1.00 39.53  ? 1028 HOH A O     1 
HETATM 437 O O     . HOH C 2 .  ? -3.824  11.382  13.359  1.00 101.64 ? 1029 HOH A O     1 
HETATM 438 O O     . HOH C 2 .  ? -12.828 6.051   12.492  1.00 31.22  ? 1032 HOH A O     1 
HETATM 439 O O     . HOH C 2 .  ? 10.938  -5.994  4.199   1.00 73.29  ? 1034 HOH A O     1 
HETATM 440 O O     . HOH C 2 .  ? 2.527   -1.517  1.425   1.00 34.26  ? 1036 HOH A O     1 
HETATM 441 O O     . HOH C 2 .  ? -15.165 0.700   13.604  1.00 26.86  ? 1037 HOH A O     1 
HETATM 442 O O     . HOH C 2 .  ? 2.031   -0.986  -2.645  1.00 58.63  ? 1038 HOH A O     1 
HETATM 443 O O     . HOH C 2 .  ? -6.254  4.506   12.431  1.00 30.40  ? 1040 HOH A O     1 
HETATM 444 O O     . HOH C 2 .  ? 6.770   6.242   1.638   1.00 27.12  ? 1042 HOH A O     1 
HETATM 445 O O     . HOH C 2 .  ? 1.253   -3.855  -4.704  1.00 37.82  ? 1043 HOH A O     1 
HETATM 446 O O     . HOH C 2 .  ? -0.219  -6.004  -4.426  1.00 96.06  ? 1044 HOH A O     1 
HETATM 447 O O     . HOH C 2 .  ? -1.481  -8.229  -14.123 1.00 81.49  ? 1047 HOH A O     1 
HETATM 448 O O     . HOH C 2 .  ? 2.423   -5.264  -0.643  1.00 39.36  ? 1049 HOH A O     1 
HETATM 449 O O     . HOH C 2 .  ? -0.565  -0.321  4.950   1.00 25.74  ? 1052 HOH A O     1 
HETATM 450 O O     . HOH C 2 .  ? -15.539 -1.000  5.869   1.00 28.84  ? 1053 HOH A O     1 
HETATM 451 O O     . HOH C 2 .  ? 4.327   -2.201  3.912   1.00 36.18  ? 1054 HOH A O     1 
HETATM 452 O O     . HOH C 2 .  ? 7.639   7.205   4.208   1.00 41.33  ? 1058 HOH A O     1 
HETATM 453 O O     . HOH C 2 .  ? 7.382   -3.030  6.662   1.00 47.66  ? 1060 HOH A O     1 
HETATM 454 O O     . HOH C 2 .  ? 4.737   -10.842 -9.612  1.00 42.49  ? 1061 HOH A O     1 
HETATM 455 O O     . HOH C 2 .  ? -6.291  2.406   14.439  1.00 40.08  ? 1062 HOH A O     1 
HETATM 456 O O     . HOH C 2 .  ? 7.715   -8.706  -6.906  1.00 29.10  ? 1063 HOH A O     1 
HETATM 457 O O     . HOH C 2 .  ? 8.536   4.830   8.931   1.00 61.17  ? 1067 HOH A O     1 
HETATM 458 O O     . HOH C 2 .  ? 9.390   -8.275  -4.443  1.00 34.46  ? 1068 HOH A O     1 
HETATM 459 O O     . HOH C 2 .  ? 10.133  2.155   7.189   1.00 27.11  ? 1070 HOH A O     1 
HETATM 460 O O     . HOH C 2 .  ? 7.320   -12.642 -0.828  1.00 48.96  ? 1071 HOH A O     1 
HETATM 461 O O     . HOH C 2 .  ? -5.909  -0.420  14.029  1.00 58.24  ? 1075 HOH A O     1 
HETATM 462 O O     . HOH C 2 .  ? 5.775   4.329   10.578  1.00 39.34  ? 1078 HOH A O     1 
HETATM 463 O O     . HOH C 2 .  ? -1.921  8.804   12.947  1.00 45.95  ? 1083 HOH A O     1 
HETATM 464 O O     . HOH C 2 .  ? -0.726  8.198   2.418   1.00 33.50  ? 1084 HOH A O     1 
HETATM 465 O O     . HOH C 2 .  ? -17.311 -2.269  6.975   1.00 35.77  ? 1086 HOH A O     1 
HETATM 466 O O     . HOH C 2 .  ? 7.375   -6.010  5.098   1.00 90.27  ? 1087 HOH A O     1 
HETATM 467 O O     . HOH C 2 .  ? 8.851   -9.436  4.600   1.00 75.50  ? 1089 HOH A O     1 
HETATM 468 O O     . HOH C 2 .  ? 3.139   -8.567  1.227   1.00 67.10  ? 1091 HOH A O     1 
HETATM 469 O O     . HOH C 2 .  ? -3.347  0.071   10.784  1.00 104.31 ? 1094 HOH A O     1 
HETATM 470 O O     . HOH C 2 .  ? 9.687   -9.540  -2.376  1.00 48.87  ? 1095 HOH A O     1 
HETATM 471 O O     . HOH C 2 .  ? 2.033   -2.460  5.802   1.00 84.66  ? 1102 HOH A O     1 
HETATM 472 O O     . HOH C 2 .  ? 1.678   -0.922  -7.143  1.00 34.82  ? 1204 HOH A O     1 
HETATM 473 O O     . HOH C 2 .  ? -5.557  10.324  12.299  1.00 52.22  ? 1212 HOH A O     1 
HETATM 474 O O     . HOH C 2 .  ? 0.584   9.811   1.050   1.00 50.00  ? 1214 HOH A O     1 
HETATM 475 O O     . HOH C 2 .  ? 11.302  -7.312  1.289   1.00 50.00  ? 1215 HOH A O     1 
HETATM 476 O O     . HOH C 2 .  ? -8.089  10.585  11.239  1.00 50.00  ? 1216 HOH A O     1 
HETATM 477 O O     . HOH C 2 .  ? -0.454  -11.810 -2.944  1.00 50.00  ? 1217 HOH A O     1 
HETATM 478 O O     . HOH C 2 .  ? 0.704   8.381   12.149  1.00 50.00  ? 1218 HOH A O     1 
HETATM 479 O O     . HOH C 2 .  ? -0.262  -3.184  -7.495  1.00 50.00  ? 1219 HOH A O     1 
HETATM 480 O O     . HOH C 2 .  ? 0.611   3.142   11.312  1.00 50.00  ? 1220 HOH A O     1 
HETATM 481 O O     . HOH C 2 .  ? -1.445  5.242   12.812  1.00 50.00  ? 1223 HOH A O     1 
HETATM 482 O O     . HOH C 2 .  ? -5.979  13.541  12.302  1.00 50.00  ? 1226 HOH A O     1 
HETATM 483 O O     . HOH C 2 .  ? 1.546   -3.187  -1.175  1.00 50.00  ? 1228 HOH A O     1 
HETATM 484 O O     . HOH C 2 .  ? 5.144   7.328   10.507  1.00 50.00  ? 1232 HOH A O     1 
HETATM 485 O O     . HOH C 2 .  ? 3.733   -11.337 0.781   1.00 50.00  ? 1233 HOH A O     1 
HETATM 486 O O     . HOH C 2 .  ? 7.692   -5.094  8.841   1.00 50.00  ? 1235 HOH A O     1 
HETATM 487 O O     . HOH C 2 .  ? -1.320  12.686  13.217  1.00 50.00  ? 1236 HOH A O     1 
HETATM 488 O O     . HOH C 2 .  ? 8.255   -9.052  2.239   1.00 50.00  ? 1238 HOH A O     1 
HETATM 489 O O     . HOH C 2 .  ? 0.735   -11.250 -1.026  1.00 50.00  ? 1240 HOH A O     1 
HETATM 490 O O     . HOH C 2 .  ? 8.751   2.222   9.350   1.00 50.00  ? 1242 HOH A O     1 
HETATM 491 O O     . HOH C 2 .  ? 1.757   0.505   9.606   1.00 50.00  ? 1245 HOH A O     1 
HETATM 492 O O     . HOH C 2 .  ? 13.147  -6.849  3.724   1.00 50.00  ? 1246 HOH A O     1 
HETATM 493 O O     . HOH C 2 .  ? 1.976   -1.577  -11.409 1.00 50.00  ? 1249 HOH A O     1 
HETATM 494 O O     . HOH C 2 .  ? 3.369   4.747   12.248  1.00 50.00  ? 1250 HOH A O     1 
HETATM 495 O O     . HOH C 2 .  ? 4.845   1.285   11.073  1.00 50.00  ? 1251 HOH A O     1 
HETATM 496 O O     . HOH C 2 .  ? 5.467   -9.906  2.094   1.00 50.00  ? 1253 HOH A O     1 
HETATM 497 O O     . HOH C 2 .  ? 3.117   -5.056  3.844   1.00 50.00  ? 1254 HOH A O     1 
HETATM 498 O O     . HOH D 2 .  ? -7.710  5.913   1.192   1.00 20.12  ? 1003 HOH B O     1 
HETATM 499 O O     . HOH D 2 .  ? -2.574  -1.911  5.813   1.00 24.40  ? 1008 HOH B O     1 
HETATM 500 O O     . HOH D 2 .  ? 15.938  -1.332  -13.648 1.00 26.94  ? 1010 HOH B O     1 
HETATM 501 O O     . HOH D 2 .  ? -11.816 -4.229  -4.612  1.00 38.47  ? 1017 HOH B O     1 
HETATM 502 O O     . HOH D 2 .  ? -3.401  -4.226  2.661   1.00 26.85  ? 1018 HOH B O     1 
HETATM 503 O O     . HOH D 2 .  ? 7.073   7.357   -1.016  1.00 30.01  ? 1020 HOH B O     1 
HETATM 504 O O     . HOH D 2 .  ? -2.118  -2.059  1.531   1.00 25.52  ? 1021 HOH B O     1 
HETATM 505 O O     . HOH D 2 .  ? -5.447  -1.060  -3.809  1.00 38.42  ? 1024 HOH B O     1 
HETATM 506 O O     . HOH D 2 .  ? 17.112  -2.855  -10.604 1.00 31.35  ? 1030 HOH B O     1 
HETATM 507 O O     . HOH D 2 .  ? -3.456  -6.693  1.429   1.00 35.31  ? 1031 HOH B O     1 
HETATM 508 O O     . HOH D 2 .  ? 4.969   1.589   -10.225 1.00 39.80  ? 1033 HOH B O     1 
HETATM 509 O O     . HOH D 2 .  ? -3.345  -0.080  -2.735  1.00 29.91  ? 1035 HOH B O     1 
HETATM 510 O O     . HOH D 2 .  ? 1.455   3.796   -6.445  1.00 47.44  ? 1039 HOH B O     1 
HETATM 511 O O     . HOH D 2 .  ? -5.071  -4.966  -1.784  1.00 41.25  ? 1041 HOH B O     1 
HETATM 512 O O     . HOH D 2 .  ? -7.677  -7.779  -5.030  1.00 81.80  ? 1045 HOH B O     1 
HETATM 513 O O     . HOH D 2 .  ? -0.535  0.438   -3.492  1.00 35.52  ? 1046 HOH B O     1 
HETATM 514 O O     . HOH D 2 .  ? 5.884   -0.081  -14.901 1.00 67.42  ? 1048 HOH B O     1 
HETATM 515 O O     . HOH D 2 .  ? -2.623  -6.357  11.785  1.00 65.96  ? 1050 HOH B O     1 
HETATM 516 O O     . HOH D 2 .  ? -0.151  13.414  -4.831  1.00 57.38  ? 1051 HOH B O     1 
HETATM 517 O O     . HOH D 2 .  ? 6.328   0.265   -12.210 1.00 29.57  ? 1055 HOH B O     1 
HETATM 518 O O     . HOH D 2 .  ? -8.327  -1.990  -7.036  1.00 47.07  ? 1056 HOH B O     1 
HETATM 519 O O     . HOH D 2 .  ? 15.633  -4.826  -12.103 1.00 30.28  ? 1057 HOH B O     1 
HETATM 520 O O     . HOH D 2 .  ? -0.805  5.474   -7.388  1.00 42.92  ? 1059 HOH B O     1 
HETATM 521 O O     . HOH D 2 .  ? -12.470 -2.020  2.450   1.00 34.16  ? 1064 HOH B O     1 
HETATM 522 O O     . HOH D 2 .  ? 2.960   -0.236  -9.587  1.00 47.57  ? 1065 HOH B O     1 
HETATM 523 O O     . HOH D 2 .  ? -13.610 -2.483  -3.349  1.00 77.84  ? 1066 HOH B O     1 
HETATM 524 O O     . HOH D 2 .  ? -6.873  2.846   -9.002  1.00 92.58  ? 1069 HOH B O     1 
HETATM 525 O O     . HOH D 2 .  ? -9.434  -6.549  -5.938  1.00 63.25  ? 1072 HOH B O     1 
HETATM 526 O O     . HOH D 2 .  ? -1.866  -4.554  5.149   1.00 67.47  ? 1073 HOH B O     1 
HETATM 527 O O     . HOH D 2 .  ? -1.309  -1.802  -0.918  1.00 44.64  ? 1074 HOH B O     1 
HETATM 528 O O     . HOH D 2 .  ? 3.542   8.470   0.119   1.00 83.21  ? 1079 HOH B O     1 
HETATM 529 O O     . HOH D 2 .  ? -1.497  -7.432  5.307   1.00 59.70  ? 1080 HOH B O     1 
HETATM 530 O O     . HOH D 2 .  ? -1.160  -2.117  8.521   1.00 89.05  ? 1081 HOH B O     1 
HETATM 531 O O     . HOH D 2 .  ? -3.962  -9.842  -0.866  1.00 61.22  ? 1082 HOH B O     1 
HETATM 532 O O     . HOH D 2 .  ? 8.890   0.947   -11.806 1.00 29.46  ? 1085 HOH B O     1 
HETATM 533 O O     . HOH D 2 .  ? 11.684  3.478   -13.069 1.00 56.32  ? 1088 HOH B O     1 
HETATM 534 O O     . HOH D 2 .  ? -11.163 -0.285  1.858   1.00 49.52  ? 1090 HOH B O     1 
HETATM 535 O O     . HOH D 2 .  ? -3.320  -3.911  10.763  1.00 83.41  ? 1092 HOH B O     1 
HETATM 536 O O     . HOH D 2 .  ? 4.411   5.363   -9.945  1.00 87.64  ? 1093 HOH B O     1 
HETATM 537 O O     . HOH D 2 .  ? 3.499   8.933   -10.936 1.00 54.22  ? 1096 HOH B O     1 
HETATM 538 O O     . HOH D 2 .  ? 11.043  0.812   -13.103 1.00 36.61  ? 1097 HOH B O     1 
HETATM 539 O O     . HOH D 2 .  ? 4.886   2.427   -15.755 1.00 36.83  ? 1098 HOH B O     1 
HETATM 540 O O     . HOH D 2 .  ? -5.127  3.749   -10.459 1.00 102.05 ? 1099 HOH B O     1 
HETATM 541 O O     . HOH D 2 .  ? -4.240  1.682   -6.229  1.00 68.68  ? 1100 HOH B O     1 
HETATM 542 O O     . HOH D 2 .  ? -3.308  2.980   -7.812  1.00 45.65  ? 1101 HOH B O     1 
HETATM 543 O O     . HOH D 2 .  ? -7.334  -11.373 -1.536  1.00 56.98  ? 1202 HOH B O     1 
HETATM 544 O O     . HOH D 2 .  ? 5.017   9.217   2.575   1.00 99.20  ? 1203 HOH B O     1 
HETATM 545 O O     . HOH D 2 .  ? 2.205   2.841   -9.056  1.00 51.21  ? 1205 HOH B O     1 
HETATM 546 O O     . HOH D 2 .  ? 1.241   0.988   -5.391  1.00 55.26  ? 1208 HOH B O     1 
HETATM 547 O O     . HOH D 2 .  ? -9.550  6.433   -3.047  1.00 46.28  ? 1211 HOH B O     1 
HETATM 548 O O     . HOH D 2 .  ? -0.162  -6.421  1.147   1.00 50.00  ? 1213 HOH B O     1 
HETATM 549 O O     . HOH D 2 .  ? -3.671  -13.573 2.353   1.00 50.00  ? 1221 HOH B O     1 
HETATM 550 O O     . HOH D 2 .  ? 2.706   6.572   -8.738  1.00 50.00  ? 1222 HOH B O     1 
HETATM 551 O O     . HOH D 2 .  ? 9.914   9.403   -10.956 1.00 50.00  ? 1224 HOH B O     1 
HETATM 552 O O     . HOH D 2 .  ? 2.524   11.012  -10.403 1.00 50.00  ? 1225 HOH B O     1 
HETATM 553 O O     . HOH D 2 .  ? 7.328   10.041  -1.399  1.00 50.00  ? 1227 HOH B O     1 
HETATM 554 O O     . HOH D 2 .  ? -0.437  -11.356 1.252   1.00 50.00  ? 1229 HOH B O     1 
HETATM 555 O O     . HOH D 2 .  ? -3.419  9.682   -9.206  1.00 50.00  ? 1230 HOH B O     1 
HETATM 556 O O     . HOH D 2 .  ? -0.994  1.122   -9.030  1.00 50.00  ? 1231 HOH B O     1 
HETATM 557 O O     . HOH D 2 .  ? -6.360  -5.051  -4.800  1.00 50.00  ? 1234 HOH B O     1 
HETATM 558 O O     . HOH D 2 .  ? 0.076   -4.854  8.281   1.00 50.00  ? 1237 HOH B O     1 
HETATM 559 O O     . HOH D 2 .  ? -1.698  -9.111  11.829  1.00 50.00  ? 1239 HOH B O     1 
HETATM 560 O O     . HOH D 2 .  ? 5.681   12.976  -6.452  1.00 50.00  ? 1241 HOH B O     1 
HETATM 561 O O     . HOH D 2 .  ? -3.065  -3.095  -4.760  1.00 50.00  ? 1243 HOH B O     1 
HETATM 562 O O     . HOH D 2 .  ? -2.686  -3.837  8.439   1.00 50.00  ? 1244 HOH B O     1 
HETATM 563 O O     . HOH D 2 .  ? -2.844  6.312   -10.551 1.00 50.00  ? 1247 HOH B O     1 
HETATM 564 O O     . HOH D 2 .  ? 9.207   11.680  -7.740  1.00 50.00  ? 1248 HOH B O     1 
HETATM 565 O O     . HOH D 2 .  ? -9.097  2.436   -9.568  1.00 50.00  ? 1252 HOH B O     1 
HETATM 566 O O     . HOH D 2 .  ? 1.108   -9.118  4.345   1.00 50.00  ? 1255 HOH B O     1 
HETATM 567 O O     . HOH D 2 .  ? -5.759  -6.573  -6.995  1.00 50.00  ? 1256 HOH B O     1 
HETATM 568 O O     . HOH D 2 .  ? -3.165  1.838   -11.658 1.00 50.00  ? 1257 HOH B O     1 
HETATM 569 O O     . HOH D 2 .  ? -7.241  6.781   -8.827  1.00 50.00  ? 1258 HOH B O     1 
# 
loop_
_atom_site_anisotrop.id 
_atom_site_anisotrop.type_symbol 
_atom_site_anisotrop.pdbx_label_atom_id 
_atom_site_anisotrop.pdbx_label_alt_id 
_atom_site_anisotrop.pdbx_label_comp_id 
_atom_site_anisotrop.pdbx_label_asym_id 
_atom_site_anisotrop.pdbx_label_seq_id 
_atom_site_anisotrop.pdbx_PDB_ins_code 
_atom_site_anisotrop.U[1][1] 
_atom_site_anisotrop.U[2][2] 
_atom_site_anisotrop.U[3][3] 
_atom_site_anisotrop.U[1][2] 
_atom_site_anisotrop.U[1][3] 
_atom_site_anisotrop.U[2][3] 
_atom_site_anisotrop.pdbx_auth_seq_id 
_atom_site_anisotrop.pdbx_auth_comp_id 
_atom_site_anisotrop.pdbx_auth_asym_id 
_atom_site_anisotrop.pdbx_auth_atom_id 
1   O "O5'" . DG  A 1  ? 0.3617 0.6068 0.6306 0.0269  0.0019  -0.1447 1    DG  A "O5'" 
2   C "C5'" . DG  A 1  ? 0.3111 0.5972 0.5024 0.0116  -0.0682 -0.0501 1    DG  A "C5'" 
3   C "C4'" . DG  A 1  ? 0.2364 0.5495 0.3963 -0.0592 -0.0211 -0.0574 1    DG  A "C4'" 
4   O "O4'" . DG  A 1  ? 0.2942 0.4446 0.3568 -0.0784 -0.0905 0.0285  1    DG  A "O4'" 
5   C "C3'" . DG  A 1  ? 0.2822 0.5851 0.3439 -0.0753 -0.0204 -0.0113 1    DG  A "C3'" 
6   O "O3'" . DG  A 1  ? 0.3216 0.6225 0.4074 -0.1537 -0.0170 0.0228  1    DG  A "O3'" 
7   C "C2'" . DG  A 1  ? 0.2546 0.3283 0.3653 -0.0431 -0.0609 0.0642  1    DG  A "C2'" 
8   C "C1'" . DG  A 1  ? 0.2520 0.3613 0.3512 -0.0329 -0.0302 0.0483  1    DG  A "C1'" 
9   N N9    . DG  A 1  ? 0.2372 0.3635 0.3032 -0.0227 0.0153  0.0490  1    DG  A N9    
10  C C8    . DG  A 1  ? 0.2389 0.3815 0.3325 -0.0264 -0.0001 0.0865  1    DG  A C8    
11  N N7    . DG  A 1  ? 0.2366 0.3319 0.4011 -0.0094 -0.0255 -0.0120 1    DG  A N7    
12  C C5    . DG  A 1  ? 0.2549 0.3144 0.3109 -0.0161 -0.0887 -0.0290 1    DG  A C5    
13  C C6    . DG  A 1  ? 0.2223 0.3211 0.2818 0.0038  0.0527  -0.0025 1    DG  A C6    
14  O O6    . DG  A 1  ? 0.2232 0.3264 0.2984 0.0143  0.0670  0.0286  1    DG  A O6    
15  N N1    . DG  A 1  ? 0.2234 0.2892 0.2213 -0.0154 0.0193  -0.0420 1    DG  A N1    
16  C C2    . DG  A 1  ? 0.2423 0.3079 0.2268 -0.0191 -0.0006 -0.0071 1    DG  A C2    
17  N N2    . DG  A 1  ? 0.2550 0.3201 0.2109 -0.0258 -0.0446 -0.0034 1    DG  A N2    
18  N N3    . DG  A 1  ? 0.2509 0.3085 0.2370 -0.0314 -0.0260 0.0117  1    DG  A N3    
19  C C4    . DG  A 1  ? 0.2306 0.3407 0.2820 -0.0103 0.0307  0.0255  1    DG  A C4    
20  P P     . DC  A 2  ? 0.3325 0.8242 0.3522 -0.2151 -0.0238 0.0777  2    DC  A P     
21  O OP1   . DC  A 2  ? 0.3398 1.0043 0.4883 -0.2792 0.0515  0.1372  2    DC  A OP1   
22  O OP2   . DC  A 2  ? 0.2790 0.8294 0.3796 -0.2008 0.0873  -0.1056 2    DC  A OP2   
23  O "O5'" . DC  A 2  ? 0.3111 0.7468 0.3686 -0.2428 0.0215  0.0280  2    DC  A "O5'" 
24  C "C5'" . DC  A 2  ? 0.3848 0.7587 0.4054 -0.1924 0.0663  0.0951  2    DC  A "C5'" 
25  C "C4'" . DC  A 2  ? 0.3852 0.6768 0.3368 -0.1690 0.0417  0.0854  2    DC  A "C4'" 
26  O "O4'" . DC  A 2  ? 0.2381 0.5177 0.3288 -0.0699 -0.0147 0.0716  2    DC  A "O4'" 
27  C "C3'" . DC  A 2  ? 0.3938 0.5938 0.3203 -0.1064 0.0572  0.0719  2    DC  A "C3'" 
28  O "O3'" . DC  A 2  ? 0.5010 0.3505 0.3405 -0.0668 -0.0107 -0.0688 2    DC  A "O3'" 
29  C "C2'" . DC  A 2  ? 0.2392 0.6390 0.2238 -0.0254 0.0503  0.0067  2    DC  A "C2'" 
30  C "C1'" . DC  A 2  ? 0.2032 0.5446 0.2609 -0.0479 0.0007  0.0338  2    DC  A "C1'" 
31  N N1    . DC  A 2  ? 0.1905 0.5186 0.1957 -0.0213 -0.0008 -0.1074 2    DC  A N1    
32  C C2    . DC  A 2  ? 0.2328 0.5171 0.2185 -0.0159 0.0582  -0.0272 2    DC  A C2    
33  O O2    . DC  A 2  ? 0.2254 0.4134 0.2369 -0.0459 0.0371  -0.0248 2    DC  A O2    
34  N N3    . DC  A 2  ? 0.1995 0.5105 0.2083 -0.0026 -0.0075 -0.0979 2    DC  A N3    
35  C C4    . DC  A 2  ? 0.2050 0.6334 0.3438 0.0280  0.0681  -0.0102 2    DC  A C4    
36  N N4    . DC  A 2  ? 0.1866 0.6004 0.2932 0.0426  -0.0139 -0.1259 2    DC  A N4    
37  C C5    . DC  A 2  ? 0.1741 0.6468 0.2553 0.0167  -0.0220 -0.0432 2    DC  A C5    
38  C C6    . DC  A 2  ? 0.2045 0.6391 0.2789 -0.0022 -0.0410 -0.0222 2    DC  A C6    
39  P P     . DG  A 3  ? 0.4099 0.2847 0.3069 -0.0448 0.0371  -0.0300 3    DG  A P     
40  O OP1   . DG  A 3  ? 0.5978 0.3116 0.3540 -0.0382 0.1005  0.0287  3    DG  A OP1   
41  O OP2   . DG  A 3  ? 0.3590 0.5568 0.3590 0.0755  0.0162  -0.0614 3    DG  A OP2   
42  O "O5'" . DG  A 3  ? 0.3940 0.3151 0.2759 -0.0504 0.0494  -0.0373 3    DG  A "O5'" 
43  C "C5'" . DG  A 3  ? 0.3869 0.3692 0.1696 -0.0835 0.0349  -0.0668 3    DG  A "C5'" 
44  C "C4'" . DG  A 3  ? 0.2734 0.2386 0.1910 0.0519  0.0106  -0.0126 3    DG  A "C4'" 
45  O "O4'" . DG  A 3  ? 0.3052 0.2606 0.1887 0.0796  0.0175  -0.0100 3    DG  A "O4'" 
46  C "C3'" . DG  A 3  ? 0.2783 0.2168 0.1960 0.0513  0.0166  -0.0061 3    DG  A "C3'" 
47  O "O3'" . DG  A 3  ? 0.3079 0.2055 0.2115 0.0044  -0.0094 0.0139  3    DG  A "O3'" 
48  C "C2'" . DG  A 3  ? 0.3053 0.2223 0.2224 0.0603  0.0035  0.0283  3    DG  A "C2'" 
49  C "C1'" . DG  A 3  ? 0.2484 0.2724 0.2086 0.0802  0.0291  0.0265  3    DG  A "C1'" 
50  N N9    . DG  A 3  ? 0.2460 0.2598 0.2041 0.0850  0.0376  -0.0068 3    DG  A N9    
51  C C8    . DG  A 3  ? 0.2453 0.2790 0.1810 0.0804  0.0306  -0.0058 3    DG  A C8    
52  N N7    . DG  A 3  ? 0.2603 0.2850 0.2157 0.0869  0.0008  -0.0106 3    DG  A N7    
53  C C5    . DG  A 3  ? 0.2674 0.2643 0.1842 0.0988  0.0083  -0.0301 3    DG  A C5    
54  C C6    . DG  A 3  ? 0.2629 0.2887 0.1768 0.1064  0.0420  0.0228  3    DG  A C6    
55  O O6    . DG  A 3  ? 0.2766 0.3332 0.2144 0.1376  0.0211  0.0274  3    DG  A O6    
56  N N1    . DG  A 3  ? 0.2619 0.2854 0.1811 0.1059  0.0663  0.0302  3    DG  A N1    
57  C C2    . DG  A 3  ? 0.2484 0.2641 0.1926 0.0962  0.0906  0.0426  3    DG  A C2    
58  N N2    . DG  A 3  ? 0.2706 0.2609 0.1770 0.0845  0.0623  0.0448  3    DG  A N2    
59  N N3    . DG  A 3  ? 0.2448 0.2535 0.2222 0.0953  0.0858  0.0312  3    DG  A N3    
60  C C4    . DG  A 3  ? 0.2368 0.2697 0.2155 0.0941  0.0765  0.0291  3    DG  A C4    
61  P P     . DT  A 4  ? 0.2621 0.2137 0.2113 0.0010  -0.0047 0.0197  4    DT  A P     
62  O OP1   . DT  A 4  ? 0.3354 0.2296 0.2170 -0.0013 -0.0349 0.0567  4    DT  A OP1   
63  O OP2   . DT  A 4  ? 0.2771 0.2403 0.2540 0.0033  0.0433  0.0349  4    DT  A OP2   
64  O "O5'" . DT  A 4  ? 0.2283 0.1813 0.2152 0.0331  0.0071  0.0165  4    DT  A "O5'" 
65  C "C5'" . DT  A 4  ? 0.2353 0.1820 0.2225 0.0327  0.0277  0.0005  4    DT  A "C5'" 
66  C "C4'" . DT  A 4  ? 0.2354 0.1836 0.2181 0.0342  0.0327  0.0206  4    DT  A "C4'" 
67  O "O4'" . DT  A 4  ? 0.2388 0.1985 0.2295 0.0726  0.0314  0.0213  4    DT  A "O4'" 
68  C "C3'" . DT  A 4  ? 0.2173 0.1818 0.2346 0.0428  -0.0027 -0.0077 4    DT  A "C3'" 
69  O "O3'" . DT  A 4  ? 0.2174 0.2125 0.2371 0.0463  -0.0028 -0.0034 4    DT  A "O3'" 
70  C "C2'" . DT  A 4  ? 0.2327 0.1965 0.2414 0.0516  0.0222  0.0068  4    DT  A "C2'" 
71  C "C1'" . DT  A 4  ? 0.2099 0.2004 0.2371 0.0688  0.0425  0.0058  4    DT  A "C1'" 
72  N N1    . DT  A 4  ? 0.2166 0.1789 0.2022 0.0599  0.0438  0.0172  4    DT  A N1    
73  C C2    . DT  A 4  ? 0.2024 0.1966 0.1970 0.0664  0.0827  0.0358  4    DT  A C2    
74  O O2    . DT  A 4  ? 0.2446 0.1861 0.2213 0.0457  0.0435  0.0273  4    DT  A O2    
75  N N3    . DT  A 4  ? 0.2217 0.2231 0.1833 0.0722  0.0457  0.0108  4    DT  A N3    
76  C C4    . DT  A 4  ? 0.2024 0.2326 0.1811 0.0763  0.0395  -0.0008 4    DT  A C4    
77  O O4    . DT  A 4  ? 0.2068 0.2824 0.2094 0.0831  0.0370  0.0085  4    DT  A O4    
78  C C5    . DT  A 4  ? 0.2156 0.2137 0.1858 0.0580  0.0391  -0.0060 4    DT  A C5    
79  C C7    . DT  A 4  ? 0.2354 0.2442 0.1918 0.0298  0.0497  -0.0081 4    DT  A C7    
80  C C6    . DT  A 4  ? 0.2170 0.1746 0.2326 0.0662  0.0300  0.0127  4    DT  A C6    
81  P P     . DA  A 5  ? 0.2526 0.2069 0.2292 0.0235  -0.0014 0.0143  5    DA  A P     
82  O OP1   . DA  A 5  ? 0.2698 0.2074 0.2393 0.0191  -0.0221 0.0243  5    DA  A OP1   
83  O OP2   . DA  A 5  ? 0.2693 0.2360 0.2177 -0.0100 -0.0100 0.0237  5    DA  A OP2   
84  O "O5'" . DA  A 5  ? 0.2013 0.2121 0.2039 0.0278  0.0199  0.0010  5    DA  A "O5'" 
85  C "C5'" . DA  A 5  ? 0.2299 0.2364 0.2050 0.0274  0.0558  0.0141  5    DA  A "C5'" 
86  C "C4'" . DA  A 5  ? 0.1913 0.2160 0.2371 0.0214  0.0042  -0.0173 5    DA  A "C4'" 
87  O "O4'" . DA  A 5  ? 0.2271 0.2354 0.2405 0.0609  0.0157  0.0151  5    DA  A "O4'" 
88  C "C3'" . DA  A 5  ? 0.2027 0.2674 0.2331 0.0485  -0.0068 -0.0278 5    DA  A "C3'" 
89  O "O3'" . DA  A 5  ? 0.1822 0.2752 0.2456 0.0391  -0.0132 -0.0401 5    DA  A "O3'" 
90  C "C2'" . DA  A 5  ? 0.2002 0.2770 0.2480 0.0573  0.0161  -0.0119 5    DA  A "C2'" 
91  C "C1'" . DA  A 5  ? 0.2227 0.2134 0.2521 0.0663  0.0229  -0.0007 5    DA  A "C1'" 
92  N N9    . DA  A 5  ? 0.2143 0.2114 0.2227 0.0694  0.0345  0.0114  5    DA  A N9    
93  C C8    . DA  A 5  ? 0.2238 0.2065 0.2040 0.0835  0.0144  -0.0099 5    DA  A C8    
94  N N7    . DA  A 5  ? 0.2256 0.2254 0.1950 0.0687  0.0136  0.0183  5    DA  A N7    
95  C C5    . DA  A 5  ? 0.2293 0.2334 0.1788 0.0723  0.0276  0.0290  5    DA  A C5    
96  C C6    . DA  A 5  ? 0.2275 0.2472 0.1874 0.0924  0.0343  0.0189  5    DA  A C6    
97  N N6    . DA  A 5  ? 0.2146 0.2829 0.1963 0.0732  0.0240  0.0537  5    DA  A N6    
98  N N1    . DA  A 5  ? 0.2440 0.2558 0.2517 0.0964  0.0370  0.0481  5    DA  A N1    
99  C C2    . DA  A 5  ? 0.2428 0.2226 0.2896 0.1089  0.0484  0.0277  5    DA  A C2    
100 N N3    . DA  A 5  ? 0.2390 0.2178 0.2567 0.0901  0.0522  0.0186  5    DA  A N3    
101 C C4    . DA  A 5  ? 0.2117 0.2118 0.2127 0.0891  0.0495  0.0031  5    DA  A C4    
102 P P     . NMT A 6  ? 0.2372 0.3045 0.2265 0.0492  0.0085  -0.0115 6    NMT A P     
103 O OP2   . NMT A 6  ? 0.2769 0.3080 0.1992 0.0283  0.0218  0.0167  6    NMT A OP2   
104 O "O5'" . NMT A 6  ? 0.2243 0.2914 0.2405 0.0596  0.0278  -0.0319 6    NMT A "O5'" 
105 N N1    . NMT A 6  ? 0.2164 0.2772 0.2053 0.0100  0.0164  -0.0276 6    NMT A N1    
106 C C6    . NMT A 6  ? 0.1964 0.2804 0.2311 0.0438  0.0203  -0.0448 6    NMT A C6    
107 C C2    . NMT A 6  ? 0.2455 0.3032 0.2224 0.0004  -0.0082 0.0061  6    NMT A C2    
108 O O2    . NMT A 6  ? 0.2455 0.3107 0.2366 0.0554  0.0354  -0.0079 6    NMT A O2    
109 N N3    . NMT A 6  ? 0.2018 0.3072 0.1949 0.0313  -0.0014 -0.0209 6    NMT A N3    
110 C C4    . NMT A 6  ? 0.2334 0.3006 0.1717 0.0204  0.0158  -0.0157 6    NMT A C4    
111 O O4    . NMT A 6  ? 0.2208 0.3067 0.2567 0.0246  -0.0009 -0.0350 6    NMT A O4    
112 C C5    . NMT A 6  ? 0.2327 0.2710 0.1682 0.0425  0.0161  -0.0288 6    NMT A C5    
113 C C5M   . NMT A 6  ? 0.2569 0.2876 0.2078 0.0816  0.0472  -0.0158 6    NMT A C5M   
114 C "C2'" . NMT A 6  ? 0.2119 0.2479 0.2512 0.0365  0.0118  -0.0350 6    NMT A "C2'" 
115 C "C5'" . NMT A 6  ? 0.2164 0.2876 0.2651 0.0802  0.0131  -0.0738 6    NMT A "C5'" 
116 C "C4'" . NMT A 6  ? 0.2072 0.2680 0.2496 0.0355  -0.0023 -0.0608 6    NMT A "C4'" 
117 O "O4'" . NMT A 6  ? 0.2086 0.3034 0.2483 0.0343  0.0087  -0.0789 6    NMT A "O4'" 
118 C "C1'" . NMT A 6  ? 0.2152 0.2783 0.2410 0.0324  0.0044  -0.0369 6    NMT A "C1'" 
119 C "C3'" . NMT A 6  ? 0.2022 0.3013 0.2410 0.0638  0.0010  -0.0607 6    NMT A "C3'" 
120 O "O3'" . NMT A 6  ? 0.2095 0.3340 0.2714 0.0537  -0.0091 -0.0997 6    NMT A "O3'" 
121 O "O6'" . NMT A 6  ? 0.2635 0.2494 0.3356 -0.0034 0.0435  -0.0364 6    NMT A "O6'" 
122 C "C7'" . NMT A 6  ? 0.4149 0.2388 0.4487 0.0390  -0.0339 -0.0254 6    NMT A "C7'" 
123 N "N8'" A NMT A 6  ? 0.5109 0.2344 0.7333 0.0099  0.0023  -0.0002 6    NMT A "N8'" 
124 N "N8'" B NMT A 6  ? 0.5056 0.2301 0.7323 0.0105  0.0085  -0.0153 6    NMT A "N8'" 
125 C "C9'" A NMT A 6  ? 0.5524 0.1956 0.6462 -0.0703 0.0553  -0.0070 6    NMT A "C9'" 
126 C "C9'" B NMT A 6  ? 0.4740 0.2023 0.8566 -0.1460 0.0032  -0.1261 6    NMT A "C9'" 
127 O "O7'" . NMT A 6  ? 0.8464 0.4182 0.6745 0.0824  -0.3981 -0.0208 6    NMT A "O7'" 
128 O OP1   . NMT A 6  ? 0.2709 0.3798 0.2471 0.0500  -0.0104 -0.0448 6    NMT A OP1   
129 P P     . DA  A 7  ? 0.2437 0.3627 0.2265 0.0780  -0.0150 -0.0650 7    DA  A P     
130 O OP1   . DA  A 7  ? 0.2831 0.4838 0.2428 0.1126  -0.0525 -0.1152 7    DA  A OP1   
131 O OP2   . DA  A 7  ? 0.2705 0.3559 0.2510 0.1154  0.0281  -0.0222 7    DA  A OP2   
132 O "O5'" . DA  A 7  ? 0.2179 0.2822 0.2365 0.0530  -0.0133 -0.0732 7    DA  A "O5'" 
133 C "C5'" . DA  A 7  ? 0.2412 0.2679 0.2594 0.0263  -0.0223 -0.0722 7    DA  A "C5'" 
134 C "C4'" . DA  A 7  ? 0.2251 0.2282 0.2249 0.0163  0.0091  -0.0396 7    DA  A "C4'" 
135 O "O4'" . DA  A 7  ? 0.2327 0.2283 0.2175 0.0154  0.0097  -0.0217 7    DA  A "O4'" 
136 C "C3'" . DA  A 7  ? 0.2303 0.2334 0.2048 0.0210  0.0089  -0.0284 7    DA  A "C3'" 
137 O "O3'" . DA  A 7  ? 0.2093 0.2656 0.2065 0.0176  -0.0082 -0.0384 7    DA  A "O3'" 
138 C "C2'" . DA  A 7  ? 0.2283 0.1916 0.2024 0.0228  0.0079  -0.0248 7    DA  A "C2'" 
139 C "C1'" . DA  A 7  ? 0.2298 0.2096 0.1983 0.0082  0.0136  -0.0142 7    DA  A "C1'" 
140 N N9    . DA  A 7  ? 0.2336 0.2324 0.1685 0.0281  0.0072  -0.0370 7    DA  A N9    
141 C C8    . DA  A 7  ? 0.1919 0.2451 0.2032 0.0325  0.0276  -0.0396 7    DA  A C8    
142 N N7    . DA  A 7  ? 0.2432 0.2383 0.1824 0.0389  0.0067  -0.0222 7    DA  A N7    
143 C C5    . DA  A 7  ? 0.2167 0.2295 0.1784 0.0406  0.0243  -0.0358 7    DA  A C5    
144 C C6    . DA  A 7  ? 0.2771 0.2320 0.2162 0.0407  -0.0160 -0.0450 7    DA  A C6    
145 N N6    . DA  A 7  ? 0.3442 0.2425 0.1944 0.0704  -0.0259 -0.0575 7    DA  A N6    
146 N N1    . DA  A 7  ? 0.2694 0.2457 0.2029 0.0473  -0.0105 -0.0499 7    DA  A N1    
147 C C2    . DA  A 7  ? 0.2865 0.2599 0.1832 0.0600  -0.0201 -0.0601 7    DA  A C2    
148 N N3    . DA  A 7  ? 0.2382 0.2287 0.1988 0.0355  -0.0066 -0.0342 7    DA  A N3    
149 C C4    . DA  A 7  ? 0.2159 0.2316 0.1846 0.0390  0.0160  -0.0447 7    DA  A C4    
150 P P     . DC  A 8  ? 0.2416 0.2859 0.1844 0.0191  -0.0013 -0.0291 8    DC  A P     
151 O OP1   . DC  A 8  ? 0.3641 0.3313 0.2013 0.0214  0.0114  -0.0658 8    DC  A OP1   
152 O OP2   . DC  A 8  ? 0.2373 0.2971 0.2179 0.0283  -0.0207 -0.0094 8    DC  A OP2   
153 O "O5'" . DC  A 8  ? 0.2418 0.2159 0.1866 0.0135  -0.0006 0.0194  8    DC  A "O5'" 
154 C "C5'" . DC  A 8  ? 0.2382 0.1987 0.1706 0.0030  -0.0006 -0.0036 8    DC  A "C5'" 
155 C "C4'" . DC  A 8  ? 0.2469 0.1887 0.1657 0.0027  -0.0021 0.0007  8    DC  A "C4'" 
156 O "O4'" . DC  A 8  ? 0.2274 0.1919 0.1737 -0.0015 0.0050  -0.0041 8    DC  A "O4'" 
157 C "C3'" . DC  A 8  ? 0.1986 0.1919 0.1855 0.0154  -0.0018 0.0000  8    DC  A "C3'" 
158 O "O3'" . DC  A 8  ? 0.2286 0.1772 0.2141 0.0080  0.0156  -0.0312 8    DC  A "O3'" 
159 C "C2'" . DC  A 8  ? 0.2218 0.1867 0.1805 0.0084  -0.0017 0.0010  8    DC  A "C2'" 
160 C "C1'" . DC  A 8  ? 0.2109 0.2034 0.1913 0.0110  0.0056  -0.0219 8    DC  A "C1'" 
161 N N1    . DC  A 8  ? 0.2232 0.1999 0.1800 0.0132  -0.0112 -0.0150 8    DC  A N1    
162 C C2    . DC  A 8  ? 0.2465 0.2321 0.1956 0.0392  -0.0294 -0.0470 8    DC  A C2    
163 O O2    . DC  A 8  ? 0.2655 0.2326 0.2009 0.0483  -0.0411 -0.0455 8    DC  A O2    
164 N N3    . DC  A 8  ? 0.2057 0.2168 0.1983 0.0140  -0.0028 -0.0290 8    DC  A N3    
165 C C4    . DC  A 8  ? 0.1909 0.2567 0.1785 0.0397  0.0154  -0.0575 8    DC  A C4    
166 N N4    . DC  A 8  ? 0.1841 0.2518 0.2444 0.0379  0.0185  -0.0573 8    DC  A N4    
167 C C5    . DC  A 8  ? 0.2130 0.2216 0.1846 0.0162  -0.0069 -0.0225 8    DC  A C5    
168 C C6    . DC  A 8  ? 0.2224 0.2100 0.1870 0.0097  -0.0168 -0.0330 8    DC  A C6    
169 P P     . DG  A 9  ? 0.2201 0.2165 0.1769 0.0108  0.0082  -0.0178 9    DG  A P     
170 O OP1   . DG  A 9  ? 0.2799 0.2245 0.2110 0.0123  0.0396  -0.0429 9    DG  A OP1   
171 O OP2   . DG  A 9  ? 0.2502 0.2430 0.2211 0.0065  -0.0391 -0.0006 9    DG  A OP2   
172 O "O5'" . DG  A 9  ? 0.2121 0.1613 0.1916 0.0234  -0.0041 0.0003  9    DG  A "O5'" 
173 C "C5'" . DG  A 9  ? 0.1975 0.1646 0.1660 0.0356  0.0146  -0.0061 9    DG  A "C5'" 
174 C "C4'" . DG  A 9  ? 0.2221 0.1693 0.1641 0.0358  0.0047  -0.0067 9    DG  A "C4'" 
175 O "O4'" . DG  A 9  ? 0.2715 0.1676 0.1708 0.0241  0.0280  -0.0098 9    DG  A "O4'" 
176 C "C3'" . DG  A 9  ? 0.2212 0.1680 0.1554 0.0271  0.0079  -0.0113 9    DG  A "C3'" 
177 O "O3'" . DG  A 9  ? 0.2294 0.1700 0.1789 0.0357  0.0181  -0.0117 9    DG  A "O3'" 
178 C "C2'" . DG  A 9  ? 0.2531 0.1844 0.1545 0.0126  0.0247  -0.0120 9    DG  A "C2'" 
179 C "C1'" . DG  A 9  ? 0.2266 0.1717 0.1661 0.0195  0.0179  -0.0190 9    DG  A "C1'" 
180 N N9    . DG  A 9  ? 0.2390 0.1553 0.1759 0.0065  -0.0059 -0.0034 9    DG  A N9    
181 C C8    . DG  A 9  ? 0.2316 0.1762 0.2019 0.0109  0.0000  -0.0314 9    DG  A C8    
182 N N7    . DG  A 9  ? 0.2290 0.1644 0.2293 0.0048  0.0001  -0.0237 9    DG  A N7    
183 C C5    . DG  A 9  ? 0.2231 0.1429 0.2039 -0.0061 0.0029  0.0008  9    DG  A C5    
184 C C6    . DG  A 9  ? 0.2349 0.1524 0.2067 0.0074  -0.0119 0.0021  9    DG  A C6    
185 O O6    . DG  A 9  ? 0.2315 0.1933 0.2279 0.0247  -0.0014 -0.0281 9    DG  A O6    
186 N N1    . DG  A 9  ? 0.2467 0.1344 0.2230 0.0306  -0.0263 -0.0052 9    DG  A N1    
187 C C2    . DG  A 9  ? 0.2612 0.1939 0.2014 0.0541  -0.0475 -0.0631 9    DG  A C2    
188 N N2    . DG  A 9  ? 0.2349 0.1843 0.2447 0.0259  -0.0029 -0.0671 9    DG  A N2    
189 N N3    . DG  A 9  ? 0.2149 0.1772 0.2141 0.0293  -0.0008 -0.0447 9    DG  A N3    
190 C C4    . DG  A 9  ? 0.2195 0.1669 0.1844 0.0140  0.0140  -0.0284 9    DG  A C4    
191 P P     . DC  A 10 ? 0.2733 0.1927 0.1818 0.0214  0.0346  -0.0048 10   DC  A P     
192 O OP1   . DC  A 10 ? 0.3366 0.2992 0.2090 0.0907  0.0918  -0.0193 10   DC  A OP1   
193 O OP2   . DC  A 10 ? 0.3344 0.2003 0.1870 0.0182  -0.0207 -0.0019 10   DC  A OP2   
194 O "O5'" . DC  A 10 ? 0.2147 0.1844 0.2021 0.0135  0.0329  -0.0012 10   DC  A "O5'" 
195 C "C5'" . DC  A 10 ? 0.2171 0.2126 0.2165 0.0106  0.0276  -0.0047 10   DC  A "C5'" 
196 C "C4'" . DC  A 10 ? 0.2206 0.2118 0.1909 0.0038  0.0134  -0.0058 10   DC  A "C4'" 
197 O "O4'" . DC  A 10 ? 0.2205 0.2156 0.1998 0.0168  0.0114  -0.0042 10   DC  A "O4'" 
198 C "C3'" . DC  A 10 ? 0.2126 0.2047 0.1885 -0.0043 -0.0013 -0.0171 10   DC  A "C3'" 
199 O "O3'" . DC  A 10 ? 0.2281 0.2221 0.1937 -0.0209 0.0002  -0.0047 10   DC  A "O3'" 
200 C "C2'" . DC  A 10 ? 0.2538 0.1928 0.2133 -0.0029 0.0188  -0.0109 10   DC  A "C2'" 
201 C "C1'" . DC  A 10 ? 0.2356 0.1984 0.1853 0.0076  0.0045  -0.0139 10   DC  A "C1'" 
202 N N1    . DC  A 10 ? 0.2299 0.1975 0.1869 0.0133  -0.0005 -0.0209 10   DC  A N1    
203 C C2    . DC  A 10 ? 0.2433 0.2075 0.1622 0.0175  -0.0111 -0.0261 10   DC  A C2    
204 O O2    . DC  A 10 ? 0.2334 0.2085 0.1962 0.0333  -0.0310 -0.0423 10   DC  A O2    
205 N N3    . DC  A 10 ? 0.2404 0.1902 0.1942 0.0127  -0.0185 -0.0096 10   DC  A N3    
206 C C4    . DC  A 10 ? 0.2316 0.1823 0.1741 0.0059  -0.0001 0.0034  10   DC  A C4    
207 N N4    . DC  A 10 ? 0.2544 0.2086 0.2101 0.0237  -0.0353 -0.0379 10   DC  A N4    
208 C C5    . DC  A 10 ? 0.2437 0.1779 0.1864 0.0077  -0.0200 0.0169  10   DC  A C5    
209 C C6    . DC  A 10 ? 0.2359 0.1976 0.1740 0.0257  -0.0065 -0.0169 10   DC  A C6    
210 O "O5'" . DG  B 1  ? 0.3879 0.5504 0.6453 0.2047  -0.0728 -0.3087 111  DG  B "O5'" 
211 C "C5'" . DG  B 1  ? 0.4176 0.4027 0.4765 0.2339  -0.0108 -0.0623 111  DG  B "C5'" 
212 C "C4'" . DG  B 1  ? 0.4197 0.3212 0.4154 0.2414  -0.0647 -0.1160 111  DG  B "C4'" 
213 O "O4'" . DG  B 1  ? 0.3885 0.3557 0.3831 0.2120  -0.0572 -0.0388 111  DG  B "O4'" 
214 C "C3'" . DG  B 1  ? 0.3452 0.2230 0.3686 0.1215  0.0323  -0.0361 111  DG  B "C3'" 
215 O "O3'" . DG  B 1  ? 0.2834 0.2743 0.3637 0.1151  0.0449  -0.0505 111  DG  B "O3'" 
216 C "C2'" . DG  B 1  ? 0.3235 0.3200 0.2802 0.1274  -0.0049 -0.0606 111  DG  B "C2'" 
217 C "C1'" . DG  B 1  ? 0.3124 0.2299 0.3007 0.0997  -0.0400 -0.0147 111  DG  B "C1'" 
218 N N9    . DG  B 1  ? 0.2865 0.2830 0.3269 0.0984  -0.0392 -0.0700 111  DG  B N9    
219 C C8    . DG  B 1  ? 0.2730 0.2511 0.3436 0.0839  -0.0314 -0.0302 111  DG  B C8    
220 N N7    . DG  B 1  ? 0.2692 0.2684 0.3463 0.1037  -0.0692 -0.0500 111  DG  B N7    
221 C C5    . DG  B 1  ? 0.2561 0.2370 0.3074 0.0681  -0.0546 -0.0319 111  DG  B C5    
222 C C6    . DG  B 1  ? 0.2386 0.2427 0.2871 0.0588  -0.0751 -0.0601 111  DG  B C6    
223 O O6    . DG  B 1  ? 0.2973 0.2323 0.2464 0.0193  -0.0639 -0.0426 111  DG  B O6    
224 N N1    . DG  B 1  ? 0.2196 0.2341 0.2432 0.0321  -0.0333 -0.0367 111  DG  B N1    
225 C C2    . DG  B 1  ? 0.2540 0.2114 0.1998 0.0463  -0.0523 -0.0228 111  DG  B C2    
226 N N2    . DG  B 1  ? 0.2497 0.2197 0.2095 0.0364  -0.0448 -0.0487 111  DG  B N2    
227 N N3    . DG  B 1  ? 0.2869 0.2251 0.2567 0.0729  -0.0642 -0.0208 111  DG  B N3    
228 C C4    . DG  B 1  ? 0.2640 0.2768 0.2774 0.0777  -0.0159 -0.0815 111  DG  B C4    
229 P P     . DC  B 2  ? 0.2468 0.2589 0.3677 0.0530  0.0116  -0.0552 112  DC  B P     
230 O OP1   . DC  B 2  ? 0.2693 0.4246 0.3600 0.0928  0.0009  -0.1341 112  DC  B OP1   
231 O OP2   . DC  B 2  ? 0.2544 0.3445 0.4893 -0.0269 0.0411  -0.0591 112  DC  B OP2   
232 O "O5'" . DC  B 2  ? 0.2388 0.2006 0.4222 0.0432  0.0008  -0.0560 112  DC  B "O5'" 
233 C "C5'" . DC  B 2  ? 0.2479 0.1775 0.3567 0.0417  0.0285  -0.0464 112  DC  B "C5'" 
234 C "C4'" . DC  B 2  ? 0.2415 0.1730 0.3200 0.0340  0.0494  -0.0411 112  DC  B "C4'" 
235 O "O4'" . DC  B 2  ? 0.2580 0.1604 0.3047 0.0468  0.0044  -0.0352 112  DC  B "O4'" 
236 C "C3'" . DC  B 2  ? 0.2756 0.1794 0.2937 0.0526  0.0248  -0.0511 112  DC  B "C3'" 
237 O "O3'" . DC  B 2  ? 0.2681 0.2395 0.3080 0.0471  0.0122  -0.0585 112  DC  B "O3'" 
238 C "C2'" . DC  B 2  ? 0.2252 0.1974 0.2686 0.0379  0.0016  -0.0355 112  DC  B "C2'" 
239 C "C1'" . DC  B 2  ? 0.2151 0.1633 0.2726 0.0379  -0.0071 -0.0379 112  DC  B "C1'" 
240 N N1    . DC  B 2  ? 0.2166 0.1632 0.2977 0.0355  -0.0122 -0.0416 112  DC  B N1    
241 C C2    . DC  B 2  ? 0.2201 0.1804 0.2313 0.0434  -0.0512 -0.0443 112  DC  B C2    
242 O O2    . DC  B 2  ? 0.2064 0.1882 0.2217 0.0327  -0.0130 -0.0469 112  DC  B O2    
243 N N3    . DC  B 2  ? 0.2017 0.1812 0.2257 0.0310  -0.0086 -0.0415 112  DC  B N3    
244 C C4    . DC  B 2  ? 0.1929 0.1908 0.2942 0.0250  -0.0101 -0.0331 112  DC  B C4    
245 N N4    . DC  B 2  ? 0.2037 0.1804 0.3331 0.0163  -0.0218 -0.0219 112  DC  B N4    
246 C C5    . DC  B 2  ? 0.2020 0.2225 0.2944 0.0445  -0.0082 -0.0630 112  DC  B C5    
247 C C6    . DC  B 2  ? 0.2139 0.1877 0.2931 0.0286  -0.0096 -0.0228 112  DC  B C6    
248 P P     . DG  B 3  ? 0.2933 0.2993 0.2875 0.0503  0.0256  -0.0536 113  DG  B P     
249 O OP1   . DG  B 3  ? 0.4622 0.3234 0.2924 0.0672  0.0014  -0.0995 113  DG  B OP1   
250 O OP2   . DG  B 3  ? 0.2708 0.3603 0.3830 0.0453  0.0824  -0.0480 113  DG  B OP2   
251 O "O5'" . DG  B 3  ? 0.2580 0.2524 0.2336 0.0048  0.0200  -0.0404 113  DG  B "O5'" 
252 C "C5'" . DG  B 3  ? 0.2576 0.1852 0.2852 -0.0192 -0.0406 -0.0416 113  DG  B "C5'" 
253 C "C4'" . DG  B 3  ? 0.2672 0.2159 0.2373 -0.0036 0.0040  -0.0501 113  DG  B "C4'" 
254 O "O4'" . DG  B 3  ? 0.2314 0.2309 0.2435 0.0122  -0.0179 -0.0262 113  DG  B "O4'" 
255 C "C3'" . DG  B 3  ? 0.2091 0.1877 0.2217 0.0173  -0.0549 -0.0463 113  DG  B "C3'" 
256 O "O3'" . DG  B 3  ? 0.2691 0.2018 0.2282 0.0368  -0.0513 -0.0456 113  DG  B "O3'" 
257 C "C2'" . DG  B 3  ? 0.2491 0.2110 0.2342 0.0101  -0.0170 -0.0517 113  DG  B "C2'" 
258 C "C1'" . DG  B 3  ? 0.2211 0.2382 0.2294 0.0224  -0.0128 -0.0542 113  DG  B "C1'" 
259 N N9    . DG  B 3  ? 0.2094 0.2228 0.2356 0.0164  -0.0023 -0.0312 113  DG  B N9    
260 C C8    . DG  B 3  ? 0.2307 0.2002 0.2143 0.0209  -0.0102 -0.0008 113  DG  B C8    
261 N N7    . DG  B 3  ? 0.2232 0.2233 0.2264 0.0306  -0.0102 -0.0258 113  DG  B N7    
262 C C5    . DG  B 3  ? 0.2128 0.2131 0.2039 0.0155  -0.0062 -0.0068 113  DG  B C5    
263 C C6    . DG  B 3  ? 0.2007 0.2374 0.1724 0.0367  0.0101  -0.0378 113  DG  B C6    
264 O O6    . DG  B 3  ? 0.2065 0.2201 0.2066 0.0321  -0.0054 -0.0238 113  DG  B O6    
265 N N1    . DG  B 3  ? 0.1993 0.2381 0.1944 0.0385  0.0049  -0.0428 113  DG  B N1    
266 C C2    . DG  B 3  ? 0.2073 0.2389 0.1720 0.0357  -0.0045 -0.0473 113  DG  B C2    
267 N N2    . DG  B 3  ? 0.1943 0.2517 0.2126 0.0421  -0.0152 -0.0612 113  DG  B N2    
268 N N3    . DG  B 3  ? 0.1921 0.2225 0.2061 0.0114  0.0197  -0.0271 113  DG  B N3    
269 C C4    . DG  B 3  ? 0.2229 0.2420 0.1938 0.0396  -0.0138 -0.0531 113  DG  B C4    
270 P P     . DT  B 4  ? 0.2960 0.2187 0.2230 0.0272  -0.0523 -0.0382 114  DT  B P     
271 O OP1   . DT  B 4  ? 0.3504 0.2566 0.2218 0.0565  -0.0664 -0.0552 114  DT  B OP1   
272 O OP2   . DT  B 4  ? 0.2828 0.2334 0.2642 0.0315  -0.0342 -0.0507 114  DT  B OP2   
273 O "O5'" . DT  B 4  ? 0.3058 0.2043 0.2417 0.0394  -0.0786 -0.0282 114  DT  B "O5'" 
274 C "C5'" . DT  B 4  ? 0.2937 0.2578 0.2900 0.0520  -0.0794 -0.0746 114  DT  B "C5'" 
275 C "C4'" . DT  B 4  ? 0.2411 0.2623 0.2756 0.0724  -0.0694 -0.0720 114  DT  B "C4'" 
276 O "O4'" . DT  B 4  ? 0.2674 0.2958 0.2769 0.0510  -0.0816 -0.0845 114  DT  B "O4'" 
277 C "C3'" . DT  B 4  ? 0.2716 0.2749 0.2877 0.0383  -0.0814 -0.0701 114  DT  B "C3'" 
278 O "O3'" . DT  B 4  ? 0.3192 0.2186 0.2895 0.0233  -0.0836 -0.0752 114  DT  B "O3'" 
279 C "C2'" . DT  B 4  ? 0.3200 0.2260 0.3015 0.0841  -0.1210 -0.0627 114  DT  B "C2'" 
280 C "C1'" . DT  B 4  ? 0.2740 0.2812 0.2913 0.0564  -0.0840 -0.0744 114  DT  B "C1'" 
281 N N1    . DT  B 4  ? 0.2617 0.2347 0.2257 0.0409  -0.0587 -0.0507 114  DT  B N1    
282 C C2    . DT  B 4  ? 0.2435 0.2360 0.1925 0.0379  -0.0251 -0.0567 114  DT  B C2    
283 O O2    . DT  B 4  ? 0.3434 0.2368 0.2292 0.0724  -0.0826 -0.0598 114  DT  B O2    
284 N N3    . DT  B 4  ? 0.2426 0.2163 0.2144 0.0267  -0.0280 -0.0464 114  DT  B N3    
285 C C4    . DT  B 4  ? 0.2755 0.2164 0.1637 0.0360  -0.0264 -0.0286 114  DT  B C4    
286 O O4    . DT  B 4  ? 0.2719 0.2173 0.2331 0.0441  -0.0324 -0.0206 114  DT  B O4    
287 C C5    . DT  B 4  ? 0.3009 0.1884 0.2074 0.0244  -0.0454 -0.0179 114  DT  B C5    
288 C C7    . DT  B 4  ? 0.2306 0.2157 0.2354 0.0167  -0.0213 -0.0443 114  DT  B C7    
289 C C6    . DT  B 4  ? 0.2554 0.2093 0.2300 0.0125  -0.0235 -0.0321 114  DT  B C6    
290 P P     . DA  B 5  ? 0.3598 0.3397 0.3116 0.0402  -0.0548 -0.0033 115  DA  B P     
291 O OP1   . DA  B 5  ? 0.3728 0.4920 0.3274 0.0030  -0.0725 0.0458  115  DA  B OP1   
292 O OP2   . DA  B 5  ? 0.4103 0.3255 0.3071 0.0645  0.0230  0.0032  115  DA  B OP2   
293 O "O5'" . DA  B 5  ? 0.3353 0.2893 0.3589 0.0222  -0.0586 0.0554  115  DA  B "O5'" 
294 C "C5'" . DA  B 5  ? 0.3191 0.3570 0.5267 0.0684  -0.2088 -0.0609 115  DA  B "C5'" 
295 C "C4'" . DA  B 5  ? 0.3327 0.3287 0.4921 0.0424  -0.1870 -0.0220 115  DA  B "C4'" 
296 O "O4'" . DA  B 5  ? 0.3249 0.2399 0.4762 0.0625  -0.1448 -0.0477 115  DA  B "O4'" 
297 C "C3'" . DA  B 5  ? 0.3408 0.3573 0.4785 0.0327  -0.2050 0.0718  115  DA  B "C3'" 
298 O "O3'" . DA  B 5  ? 0.4314 0.2552 0.5805 0.0262  -0.2359 0.0995  115  DA  B "O3'" 
299 C "C2'" . DA  B 5  ? 0.3042 0.2887 0.5223 0.0596  -0.1680 -0.0056 115  DA  B "C2'" 
300 C "C1'" . DA  B 5  ? 0.3410 0.2708 0.4424 0.0603  -0.1604 -0.0624 115  DA  B "C1'" 
301 N N9    . DA  B 5  ? 0.2800 0.2766 0.3363 0.0694  -0.0646 -0.0668 115  DA  B N9    
302 C C8    . DA  B 5  ? 0.3494 0.2826 0.2239 0.0847  -0.0913 -0.0678 115  DA  B C8    
303 N N7    . DA  B 5  ? 0.2650 0.2520 0.2268 0.0255  -0.0387 -0.0135 115  DA  B N7    
304 C C5    . DA  B 5  ? 0.2621 0.2702 0.1926 0.0348  -0.0208 -0.0290 115  DA  B C5    
305 C C6    . DA  B 5  ? 0.2705 0.2540 0.1640 0.0097  -0.0124 0.0165  115  DA  B C6    
306 N N6    . DA  B 5  ? 0.3138 0.2795 0.1649 0.0610  -0.0094 -0.0115 115  DA  B N6    
307 N N1    . DA  B 5  ? 0.2421 0.2805 0.1969 0.0039  0.0010  -0.0129 115  DA  B N1    
308 C C2    . DA  B 5  ? 0.2573 0.2829 0.2068 0.0210  0.0045  -0.0490 115  DA  B C2    
309 N N3    . DA  B 5  ? 0.2963 0.2639 0.2615 0.0225  -0.0290 -0.0274 115  DA  B N3    
310 C C4    . DA  B 5  ? 0.2131 0.2560 0.2737 0.0185  -0.0048 -0.0204 115  DA  B C4    
311 P P     . NMT B 6  ? 0.5194 0.3998 0.5125 0.0422  -0.1996 0.1553  116  NMT B P     
312 O OP2   . NMT B 6  ? 0.4911 0.3895 0.4685 -0.0028 -0.1583 0.1501  116  NMT B OP2   
313 O "O5'" . NMT B 6  ? 0.4059 0.3286 0.4849 0.0480  -0.1219 0.1603  116  NMT B "O5'" 
314 N N1    . NMT B 6  ? 0.2662 0.2988 0.5053 0.0610  -0.0470 0.1190  116  NMT B N1    
315 C C6    . NMT B 6  ? 0.2963 0.2986 0.4738 0.0706  -0.0691 0.1356  116  NMT B C6    
316 C C2    . NMT B 6  ? 0.2418 0.2748 0.3922 0.0391  0.0042  0.1192  116  NMT B C2    
317 O O2    . NMT B 6  ? 0.3292 0.2963 0.3521 0.0642  -0.0157 0.0718  116  NMT B O2    
318 N N3    . NMT B 6  ? 0.2711 0.2790 0.2842 0.0689  0.0415  0.0872  116  NMT B N3    
319 C C4    . NMT B 6  ? 0.2758 0.2656 0.3062 0.0688  0.0150  0.1047  116  NMT B C4    
320 O O4    . NMT B 6  ? 0.3164 0.2626 0.2543 0.1087  0.0338  0.0644  116  NMT B O4    
321 C C5    . NMT B 6  ? 0.2258 0.2930 0.3971 0.0770  0.0125  0.1170  116  NMT B C5    
322 C C5M   . NMT B 6  ? 0.2894 0.3128 0.3842 0.1061  -0.0327 0.0868  116  NMT B C5M   
323 C "C2'" . NMT B 6  ? 0.3274 0.2775 0.6857 0.0644  -0.0818 0.1494  116  NMT B "C2'" 
324 C "C5'" . NMT B 6  ? 0.3846 0.3266 0.5773 0.0626  -0.1139 0.1558  116  NMT B "C5'" 
325 C "C4'" . NMT B 6  ? 0.3565 0.2693 0.6614 0.0849  -0.1205 0.1378  116  NMT B "C4'" 
326 O "O4'" . NMT B 6  ? 0.3093 0.2526 0.5982 0.0377  -0.1386 0.0846  116  NMT B "O4'" 
327 C "C1'" . NMT B 6  ? 0.3046 0.2989 0.6156 0.0747  -0.0966 0.1216  116  NMT B "C1'" 
328 C "C3'" . NMT B 6  ? 0.3843 0.2763 0.6582 0.0993  -0.0856 0.1785  116  NMT B "C3'" 
329 O "O3'" . NMT B 6  ? 0.4688 0.3621 0.7139 0.0135  -0.0858 0.2154  116  NMT B "O3'" 
330 O "O6'" . NMT B 6  ? 0.3697 0.2961 0.8717 0.0333  -0.1113 0.1168  116  NMT B "O6'" 
331 C "C7'" . NMT B 6  ? 0.5306 0.4215 0.9053 -0.0447 -0.1596 0.0593  116  NMT B "C7'" 
332 N "N8'" . NMT B 6  ? 0.5716 0.4611 0.9476 -0.1036 -0.1209 0.0317  116  NMT B "N8'" 
333 C "C9'" . NMT B 6  ? 0.5744 0.4726 0.9419 -0.1029 -0.1219 0.0335  116  NMT B "C9'" 
334 O "O7'" . NMT B 6  ? 0.7451 0.5901 0.9270 -0.2224 -0.3199 0.1529  116  NMT B "O7'" 
335 O OP1   . NMT B 6  ? 0.5597 0.4187 0.5870 0.0317  -0.2447 0.1926  116  NMT B OP1   
336 P P     . DA  B 7  ? 0.5618 0.4304 0.5451 -0.0266 -0.1459 0.2092  117  DA  B P     
337 O OP1   . DA  B 7  ? 0.6232 0.4333 0.7403 0.1098  -0.0407 0.3106  117  DA  B OP1   
338 O OP2   . DA  B 7  ? 0.7972 0.5958 0.4566 -0.2079 -0.1608 0.1826  117  DA  B OP2   
339 O "O5'" . DA  B 7  ? 0.5282 0.3795 0.4675 0.0243  -0.0335 0.2012  117  DA  B "O5'" 
340 C "C5'" . DA  B 7  ? 0.4056 0.3472 0.5128 0.0814  0.0026  0.2076  117  DA  B "C5'" 
341 C "C4'" . DA  B 7  ? 0.4084 0.3489 0.4395 0.1500  0.0403  0.1335  117  DA  B "C4'" 
342 O "O4'" . DA  B 7  ? 0.3863 0.3275 0.4443 0.1549  0.0345  0.1300  117  DA  B "O4'" 
343 C "C3'" . DA  B 7  ? 0.4550 0.2577 0.3807 0.0904  0.0077  0.0900  117  DA  B "C3'" 
344 O "O3'" . DA  B 7  ? 0.4444 0.3610 0.4275 0.1776  0.0511  0.1610  117  DA  B "O3'" 
345 C "C2'" . DA  B 7  ? 0.3735 0.2754 0.3697 0.1019  0.0388  0.0844  117  DA  B "C2'" 
346 C "C1'" . DA  B 7  ? 0.3569 0.2948 0.3786 0.1390  0.0385  0.0791  117  DA  B "C1'" 
347 N N9    . DA  B 7  ? 0.3486 0.3132 0.2726 0.1215  0.0389  0.0867  117  DA  B N9    
348 C C8    . DA  B 7  ? 0.3043 0.3708 0.2811 0.1203  0.0571  0.1167  117  DA  B C8    
349 N N7    . DA  B 7  ? 0.3196 0.3621 0.2314 0.1153  0.0387  0.0808  117  DA  B N7    
350 C C5    . DA  B 7  ? 0.2735 0.3012 0.2693 0.1346  0.0594  0.0354  117  DA  B C5    
351 C C6    . DA  B 7  ? 0.2728 0.3079 0.2118 0.0989  0.0585  0.0445  117  DA  B C6    
352 N N6    . DA  B 7  ? 0.2262 0.3288 0.2356 0.0941  0.0646  0.0635  117  DA  B N6    
353 N N1    . DA  B 7  ? 0.2890 0.2626 0.1947 0.1031  0.0448  0.0120  117  DA  B N1    
354 C C2    . DA  B 7  ? 0.3035 0.2566 0.2411 0.0983  0.0343  0.0364  117  DA  B C2    
355 N N3    . DA  B 7  ? 0.3273 0.2633 0.2290 0.1068  0.0416  0.0405  117  DA  B N3    
356 C C4    . DA  B 7  ? 0.3491 0.2993 0.2863 0.1082  0.0061  0.0691  117  DA  B C4    
357 P P     . DC  B 8  ? 0.4491 0.3956 0.3882 0.1498  0.0301  0.1732  118  DC  B P     
358 O OP1   . DC  B 8  ? 0.5847 0.5421 0.5642 0.2567  0.1941  0.3515  118  DC  B OP1   
359 O OP2   . DC  B 8  ? 0.4860 0.7071 0.4257 0.1676  -0.1089 0.1498  118  DC  B OP2   
360 O "O5'" . DC  B 8  ? 0.4094 0.3160 0.3681 0.1012  -0.0089 0.1004  118  DC  B "O5'" 
361 C "C5'" . DC  B 8  ? 0.4123 0.2963 0.3703 0.0931  0.0034  0.1025  118  DC  B "C5'" 
362 C "C4'" . DC  B 8  ? 0.4270 0.2483 0.2386 0.0763  -0.0061 0.0394  118  DC  B "C4'" 
363 O "O4'" . DC  B 8  ? 0.4142 0.2416 0.2409 0.1018  0.0202  0.0137  118  DC  B "O4'" 
364 C "C3'" . DC  B 8  ? 0.4434 0.2718 0.1962 0.0511  0.0268  0.0339  118  DC  B "C3'" 
365 O "O3'" . DC  B 8  ? 0.5374 0.2769 0.3096 0.0639  0.1304  0.0914  118  DC  B "O3'" 
366 C "C2'" . DC  B 8  ? 0.3373 0.2439 0.1848 0.0546  0.0526  0.0124  118  DC  B "C2'" 
367 C "C1'" . DC  B 8  ? 0.3506 0.2412 0.2264 0.0950  0.0627  0.0107  118  DC  B "C1'" 
368 N N1    . DC  B 8  ? 0.3165 0.2535 0.2210 0.1160  0.0638  0.0412  118  DC  B N1    
369 C C2    . DC  B 8  ? 0.2885 0.2740 0.1987 0.0931  0.0516  0.0509  118  DC  B C2    
370 O O2    . DC  B 8  ? 0.2875 0.2809 0.2338 0.0960  0.0327  0.0519  118  DC  B O2    
371 N N3    . DC  B 8  ? 0.2698 0.2618 0.1909 0.1211  0.0550  0.0112  118  DC  B N3    
372 C C4    . DC  B 8  ? 0.3121 0.2848 0.2231 0.1219  0.0167  0.0327  118  DC  B C4    
373 N N4    . DC  B 8  ? 0.3231 0.3264 0.1905 0.0969  -0.0020 0.0400  118  DC  B N4    
374 C C5    . DC  B 8  ? 0.3621 0.2930 0.2971 0.1197  -0.0015 0.0589  118  DC  B C5    
375 C C6    . DC  B 8  ? 0.3653 0.2843 0.2186 0.1164  0.0344  0.0457  118  DC  B C6    
376 P P     . DG  B 9  ? 0.6559 0.3294 0.3311 0.1718  0.1909  0.1175  119  DG  B P     
377 O OP1   . DG  B 9  ? 0.7033 0.5482 0.5230 0.2770  0.3301  0.3494  119  DG  B OP1   
378 O OP2   . DG  B 9  ? 0.7874 0.4428 0.2203 0.2656  0.0895  0.0401  119  DG  B OP2   
379 O "O5'" . DG  B 9  ? 0.6110 0.3007 0.2768 0.1020  0.1146  0.0818  119  DG  B "O5'" 
380 C "C5'" . DG  B 9  ? 0.5778 0.2834 0.3223 0.0654  0.1428  0.0878  119  DG  B "C5'" 
381 C "C4'" . DG  B 9  ? 0.2915 0.2513 0.2318 0.0483  0.0677  0.0011  119  DG  B "C4'" 
382 O "O4'" . DG  B 9  ? 0.2687 0.2521 0.2208 0.0752  0.0474  0.0086  119  DG  B "O4'" 
383 C "C3'" . DG  B 9  ? 0.2387 0.2606 0.1746 0.0407  0.0198  -0.0003 119  DG  B "C3'" 
384 O "O3'" . DG  B 9  ? 0.2419 0.2508 0.1979 0.0344  0.0260  -0.0238 119  DG  B "O3'" 
385 C "C2'" . DG  B 9  ? 0.2254 0.2522 0.1909 0.0642  0.0205  0.0132  119  DG  B "C2'" 
386 C "C1'" . DG  B 9  ? 0.2443 0.2694 0.1996 0.0494  0.0334  0.0086  119  DG  B "C1'" 
387 N N9    . DG  B 9  ? 0.2433 0.2881 0.1842 0.0795  0.0450  0.0088  119  DG  B N9    
388 C C8    . DG  B 9  ? 0.2700 0.2973 0.2232 0.1147  0.0610  -0.0064 119  DG  B C8    
389 N N7    . DG  B 9  ? 0.2707 0.3576 0.2081 0.1151  0.0296  0.0167  119  DG  B N7    
390 C C5    . DG  B 9  ? 0.2513 0.3324 0.1721 0.0892  -0.0119 -0.0395 119  DG  B C5    
391 C C6    . DG  B 9  ? 0.2469 0.4026 0.1631 0.0628  -0.0295 -0.0032 119  DG  B C6    
392 O O6    . DG  B 9  ? 0.2240 0.4379 0.1772 0.0844  -0.0046 -0.0312 119  DG  B O6    
393 N N1    . DG  B 9  ? 0.2116 0.3718 0.1795 0.0293  -0.0247 -0.0126 119  DG  B N1    
394 C C2    . DG  B 9  ? 0.1863 0.3542 0.1383 0.0110  0.0152  0.0378  119  DG  B C2    
395 N N2    . DG  B 9  ? 0.1910 0.3319 0.1954 0.0022  0.0111  0.0126  119  DG  B N2    
396 N N3    . DG  B 9  ? 0.1833 0.3082 0.2102 0.0369  0.0277  0.0233  119  DG  B N3    
397 C C4    . DG  B 9  ? 0.2256 0.3066 0.1698 0.0666  0.0220  -0.0040 119  DG  B C4    
398 P P     . DC  B 10 ? 0.2395 0.2495 0.1942 0.0068  0.0295  -0.0226 120  DC  B P     
399 O OP1   . DC  B 10 ? 0.2445 0.2809 0.2793 -0.0207 0.0901  -0.0414 120  DC  B OP1   
400 O OP2   . DC  B 10 ? 0.3532 0.2473 0.1756 0.0237  0.0295  0.0136  120  DC  B OP2   
401 O "O5'" . DC  B 10 ? 0.2135 0.2503 0.1867 -0.0023 0.0143  0.0055  120  DC  B "O5'" 
402 C "C5'" . DC  B 10 ? 0.2403 0.2642 0.1748 -0.0004 -0.0086 -0.0052 120  DC  B "C5'" 
403 C "C4'" . DC  B 10 ? 0.2208 0.2273 0.1854 0.0350  -0.0074 -0.0060 120  DC  B "C4'" 
404 O "O4'" . DC  B 10 ? 0.2247 0.2748 0.1774 0.0175  0.0081  -0.0044 120  DC  B "O4'" 
405 C "C3'" . DC  B 10 ? 0.2226 0.2326 0.1747 0.0243  -0.0052 0.0005  120  DC  B "C3'" 
406 O "O3'" . DC  B 10 ? 0.2248 0.2690 0.2095 0.0391  -0.0232 -0.0391 120  DC  B "O3'" 
407 C "C2'" . DC  B 10 ? 0.2333 0.2585 0.1849 0.0030  0.0019  0.0051  120  DC  B "C2'" 
408 C "C1'" . DC  B 10 ? 0.2365 0.2803 0.1646 0.0004  -0.0053 0.0144  120  DC  B "C1'" 
409 N N1    . DC  B 10 ? 0.2201 0.2737 0.1733 0.0014  0.0279  0.0148  120  DC  B N1    
410 C C2    . DC  B 10 ? 0.2307 0.2937 0.1356 -0.0095 -0.0013 0.0419  120  DC  B C2    
411 O O2    . DC  B 10 ? 0.2169 0.2762 0.1954 0.0038  -0.0059 0.0148  120  DC  B O2    
412 N N3    . DC  B 10 ? 0.2401 0.2589 0.1535 0.0124  0.0065  -0.0192 120  DC  B N3    
413 C C4    . DC  B 10 ? 0.2705 0.2450 0.1594 0.0179  -0.0184 -0.0397 120  DC  B C4    
414 N N4    . DC  B 10 ? 0.2776 0.2712 0.1893 0.0401  -0.0086 -0.0281 120  DC  B N4    
415 C C5    . DC  B 10 ? 0.2739 0.2448 0.1975 0.0108  0.0013  -0.0301 120  DC  B C5    
416 C C6    . DC  B 10 ? 0.2526 0.2556 0.1593 0.0104  0.0341  -0.0106 120  DC  B C6    
417 O O     . HOH C .  ? 0.2404 0.3037 0.3074 0.0491  0.0224  0.0007  1001 HOH A O     
418 O O     . HOH C .  ? 0.2895 0.2273 0.2379 0.0319  -0.0086 -0.0184 1002 HOH A O     
419 O O     . HOH C .  ? 0.2645 0.3016 0.2359 0.0543  0.0442  0.0323  1004 HOH A O     
420 O O     . HOH C .  ? 0.3239 0.2495 0.3170 0.0606  -0.0258 -0.0058 1005 HOH A O     
421 O O     . HOH C .  ? 0.2861 0.2592 0.3541 0.0064  0.0023  -0.1020 1006 HOH A O     
422 O O     . HOH C .  ? 0.2636 0.4502 0.2412 0.0610  0.0018  -0.0285 1007 HOH A O     
423 O O     . HOH C .  ? 0.3160 0.2906 0.2636 0.0136  -0.0235 -0.0547 1009 HOH A O     
424 O O     . HOH C .  ? 0.2278 0.5931 0.3629 0.0950  0.0477  -0.0120 1011 HOH A O     
425 O O     . HOH C .  ? 0.2822 0.2633 0.3864 0.0199  -0.0276 -0.0126 1012 HOH A O     
426 O O     . HOH C .  ? 0.5993 0.2404 0.3977 -0.0870 -0.1065 -0.0341 1013 HOH A O     
427 O O     . HOH C .  ? 0.7938 0.4009 0.2451 -0.1154 0.0505  -0.1289 1014 HOH A O     
428 O O     . HOH C .  ? 0.3183 0.3199 0.2741 0.0205  -0.0080 0.0092  1015 HOH A O     
429 O O     . HOH C .  ? 0.3513 0.2918 0.3404 0.0300  -0.0208 -0.0451 1016 HOH A O     
430 O O     . HOH C .  ? 0.3734 0.3433 0.4742 0.0849  -0.1141 -0.0429 1019 HOH A O     
431 O O     . HOH C .  ? 0.4889 0.3563 0.4439 -0.0506 0.0837  -0.0805 1022 HOH A O     
432 O O     . HOH C .  ? 0.2173 0.3596 0.3148 0.0071  -0.0041 0.0445  1023 HOH A O     
433 O O     . HOH C .  ? 0.3007 1.1785 0.2364 0.3944  -0.0486 -0.1409 1025 HOH A O     
434 O O     . HOH C .  ? 0.5222 0.4105 0.4124 0.2016  0.1216  0.0620  1026 HOH A O     
435 O O     . HOH C .  ? 0.4424 0.2670 0.3647 0.0910  -0.0173 0.0825  1027 HOH A O     
436 O O     . HOH C .  ? 0.3250 0.8638 0.3130 0.0953  0.0620  -0.1363 1028 HOH A O     
437 O O     . HOH C .  ? 0.4370 1.1189 2.3061 0.1823  0.5446  0.7184  1029 HOH A O     
438 O O     . HOH C .  ? 0.4586 0.3935 0.3342 0.0166  0.1540  -0.0286 1032 HOH A O     
439 O O     . HOH C .  ? 1.7673 0.6986 0.3186 -0.7035 -0.2020 0.1352  1034 HOH A O     
440 O O     . HOH C .  ? 0.3333 0.4297 0.5386 -0.0236 0.1708  -0.2544 1036 HOH A O     
441 O O     . HOH C .  ? 0.3046 0.3854 0.3307 0.0491  0.0606  0.0297  1037 HOH A O     
442 O O     . HOH C .  ? 0.2213 0.4329 1.5735 0.0364  -0.0164 -0.2644 1038 HOH A O     
443 O O     . HOH C .  ? 0.3485 0.4094 0.3971 -0.0269 -0.0806 0.0140  1040 HOH A O     
444 O O     . HOH C .  ? 0.2890 0.2665 0.4749 0.0435  0.0329  -0.0038 1042 HOH A O     
445 O O     . HOH C .  ? 0.3044 0.7129 0.4198 0.1591  0.1026  -0.0151 1043 HOH A O     
446 O O     . HOH C .  ? 0.7091 2.1405 0.8001 -0.8015 0.4744  -0.7877 1044 HOH A O     
447 O O     . HOH C .  ? 0.4164 1.1636 1.5162 0.3445  -0.2735 -0.9583 1047 HOH A O     
448 O O     . HOH C .  ? 0.4625 0.6233 0.4097 -0.1239 -0.0778 -0.0685 1049 HOH A O     
449 O O     . HOH C .  ? 0.3012 0.3515 0.3253 -0.0535 0.0397  -0.0242 1052 HOH A O     
450 O O     . HOH C .  ? 0.3682 0.3564 0.3710 0.0593  -0.1012 -0.0286 1053 HOH A O     
451 O O     . HOH C .  ? 0.4157 0.4873 0.4717 0.2249  0.1330  0.0791  1054 HOH A O     
452 O O     . HOH C .  ? 0.3199 0.4462 0.8044 -0.0586 0.1534  -0.1914 1058 HOH A O     
453 O O     . HOH C .  ? 0.4251 0.9097 0.4760 0.2491  0.0985  0.3443  1060 HOH A O     
454 O O     . HOH C .  ? 0.8677 0.4056 0.3413 -0.1434 0.2133  -0.0703 1061 HOH A O     
455 O O     . HOH C .  ? 0.7146 0.4903 0.3180 -0.1885 -0.1128 0.0928  1062 HOH A O     
456 O O     . HOH C .  ? 0.3091 0.4252 0.3715 -0.0305 0.0482  -0.0722 1063 HOH A O     
457 O O     . HOH C .  ? 1.0392 0.3672 0.9178 0.1063  0.6440  0.1139  1067 HOH A O     
458 O O     . HOH C .  ? 0.4601 0.5284 0.3208 0.0448  0.0955  -0.0843 1068 HOH A O     
459 O O     . HOH C .  ? 0.3685 0.3631 0.2983 0.0771  -0.0182 -0.0234 1070 HOH A O     
460 O O     . HOH C .  ? 0.8534 0.5330 0.4738 0.2524  -0.2441 -0.2226 1071 HOH A O     
461 O O     . HOH C .  ? 0.2819 1.3001 0.6309 -0.0399 0.0044  0.4565  1075 HOH A O     
462 O O     . HOH C .  ? 0.6803 0.4864 0.3279 0.1664  -0.1455 -0.0901 1078 HOH A O     
463 O O     . HOH C .  ? 0.3852 0.6934 0.6672 0.0375  -0.1481 -0.2488 1083 HOH A O     
464 O O     . HOH C .  ? 0.6815 0.3103 0.2808 0.0415  0.0424  -0.0237 1084 HOH A O     
465 O O     . HOH C .  ? 0.4277 0.3632 0.5682 0.0274  -0.1553 0.0617  1086 HOH A O     
466 O O     . HOH C .  ? 1.1886 1.4340 0.8072 -0.1550 -0.5861 0.5973  1087 HOH A O     
467 O O     . HOH C .  ? 1.4263 0.3122 1.1301 -0.0721 0.5552  0.1433  1089 HOH A O     
468 O O     . HOH C .  ? 0.6651 0.3897 1.4947 -0.0001 0.6747  -0.0086 1091 HOH A O     
469 O O     . HOH C .  ? 1.4124 1.1755 1.3755 0.8373  0.5699  -0.1729 1094 HOH A O     
470 O O     . HOH C .  ? 0.7026 0.7202 0.4342 0.3571  -0.1915 -0.2126 1095 HOH A O     
471 O O     . HOH C .  ? 0.7800 0.4133 2.0233 0.1842  0.3221  -0.0533 1102 HOH A O     
472 O O     . HOH C .  ? 0.5562 0.3416 0.4252 0.0503  -0.0143 0.0178  1204 HOH A O     
498 O O     . HOH D .  ? 0.2278 0.2142 0.3226 0.0049  0.0240  -0.0202 1003 HOH B O     
499 O O     . HOH D .  ? 0.2868 0.3052 0.3351 0.0298  -0.0250 0.0048  1008 HOH B O     
500 O O     . HOH D .  ? 0.3011 0.4652 0.2573 0.0213  -0.0226 -0.0266 1010 HOH B O     
501 O O     . HOH D .  ? 0.6222 0.5591 0.2803 -0.2766 0.0277  -0.0989 1017 HOH B O     
502 O O     . HOH D .  ? 0.2553 0.2771 0.4877 0.0660  0.0672  0.0070  1018 HOH B O     
503 O O     . HOH D .  ? 0.4015 0.2499 0.4887 0.0990  0.1049  0.0306  1020 HOH B O     
504 O O     . HOH D .  ? 0.3488 0.2730 0.3479 0.0498  -0.0641 0.0073  1021 HOH B O     
505 O O     . HOH D .  ? 0.6291 0.5364 0.2941 0.2583  0.0061  0.0183  1024 HOH B O     
506 O O     . HOH D .  ? 0.3564 0.5182 0.3167 0.1120  0.0287  0.1123  1030 HOH B O     
507 O O     . HOH D .  ? 0.5052 0.3640 0.4725 0.0386  0.1340  -0.0221 1031 HOH B O     
508 O O     . HOH D .  ? 0.4619 0.8028 0.2476 0.3845  0.0600  0.0842  1033 HOH B O     
509 O O     . HOH D .  ? 0.5290 0.2671 0.3403 -0.0049 0.1079  -0.0294 1035 HOH B O     
510 O O     . HOH D .  ? 0.3300 0.5281 0.9444 0.1172  0.0605  0.4214  1039 HOH B O     
511 O O     . HOH D .  ? 0.5562 0.2927 0.7184 -0.0118 0.1811  0.0339  1041 HOH B O     
512 O O     . HOH D .  ? 1.6048 0.4238 1.0795 -0.1138 0.9092  0.0389  1045 HOH B O     
513 O O     . HOH D .  ? 0.5115 0.2795 0.5585 -0.0185 0.1209  -0.0269 1046 HOH B O     
514 O O     . HOH D .  ? 1.3053 0.9885 0.2678 0.8525  -0.2662 -0.2506 1048 HOH B O     
515 O O     . HOH D .  ? 0.9132 0.4221 1.1708 -0.0356 -0.6514 -0.1432 1050 HOH B O     
516 O O     . HOH D .  ? 0.9669 0.3947 0.8188 0.0270  -0.4925 -0.0142 1051 HOH B O     
517 O O     . HOH D .  ? 0.3534 0.4557 0.3145 0.0819  0.0115  0.0032  1055 HOH B O     
518 O O     . HOH D .  ? 0.3864 0.9184 0.4837 0.1819  0.0969  0.1465  1056 HOH B O     
519 O O     . HOH D .  ? 0.3461 0.4537 0.3508 -0.0644 0.0851  0.0004  1057 HOH B O     
520 O O     . HOH D .  ? 0.5670 0.5983 0.4654 0.2365  -0.0800 0.1635  1059 HOH B O     
521 O O     . HOH D .  ? 0.3061 0.3808 0.6111 -0.0236 0.0512  -0.0893 1064 HOH B O     
522 O O     . HOH D .  ? 0.9430 0.4476 0.4165 0.2861  -0.1431 -0.1207 1065 HOH B O     
523 O O     . HOH D .  ? 0.8973 0.9106 1.1496 -0.3257 0.0308  -0.8207 1066 HOH B O     
524 O O     . HOH D .  ? 0.7206 2.2939 0.5031 -0.3628 0.2974  0.0431  1069 HOH B O     
525 O O     . HOH D .  ? 0.9187 0.9673 0.5171 -0.0697 0.0364  0.4068  1072 HOH B O     
526 O O     . HOH D .  ? 0.3108 0.2615 1.9911 -0.0318 -0.4191 0.0127  1073 HOH B O     
527 O O     . HOH D .  ? 0.4361 0.7602 0.4999 0.1743  0.1176  -0.0123 1074 HOH B O     
528 O O     . HOH D .  ? 1.6811 0.4827 0.9977 0.5448  -0.9322 -0.2445 1079 HOH B O     
529 O O     . HOH D .  ? 0.4994 0.6120 1.1570 -0.1793 0.3826  -0.5101 1080 HOH B O     
530 O O     . HOH D .  ? 1.9152 0.3437 1.1244 -0.0028 1.0176  -0.1423 1081 HOH B O     
531 O O     . HOH D .  ? 0.5995 1.1281 0.5985 0.4764  -0.0821 -0.3940 1082 HOH B O     
532 O O     . HOH D .  ? 0.5072 0.3599 0.2521 -0.0660 -0.0252 0.0140  1085 HOH B O     
533 O O     . HOH D .  ? 1.4478 0.3329 0.3594 -0.0904 0.3224  0.0263  1088 HOH B O     
534 O O     . HOH D .  ? 0.4564 0.6217 0.8032 0.3121  -0.3473 -0.4747 1090 HOH B O     
535 O O     . HOH D .  ? 0.5695 0.8910 1.7088 -0.0717 -0.0602 -0.8764 1092 HOH B O     
536 O O     . HOH D .  ? 1.4911 0.8383 1.0003 -0.6121 -0.7560 0.6377  1093 HOH B O     
537 O O     . HOH D .  ? 0.5438 0.8992 0.6170 0.1543  -0.1060 -0.4234 1096 HOH B O     
538 O O     . HOH D .  ? 0.4555 0.4891 0.4465 0.1748  -0.1583 -0.2190 1097 HOH B O     
539 O O     . HOH D .  ? 0.4240 0.3658 0.6096 0.1216  0.0873  0.0297  1098 HOH B O     
540 O O     . HOH D .  ? 0.7489 2.6682 0.4603 0.1640  0.0221  0.1196  1099 HOH B O     
541 O O     . HOH D .  ? 0.5546 0.3443 1.7108 -0.0121 0.4425  0.0248  1100 HOH B O     
542 O O     . HOH D .  ? 0.6291 0.7394 0.3661 -0.2280 -0.0848 0.0357  1101 HOH B O     
543 O O     . HOH D .  ? 1.0170 0.6538 0.4940 -0.5050 0.0793  -0.1046 1202 HOH B O     
544 O O     . HOH D .  ? 1.0041 1.3486 1.4164 0.6675  0.8362  0.7338  1203 HOH B O     
545 O O     . HOH D .  ? 0.4308 1.0794 0.4354 0.1095  0.0320  0.0456  1205 HOH B O     
546 O O     . HOH D .  ? 0.5086 0.5205 1.0705 0.0135  -0.0482 0.1007  1208 HOH B O     
# 
loop_
_pdbx_poly_seq_scheme.asym_id 
_pdbx_poly_seq_scheme.entity_id 
_pdbx_poly_seq_scheme.seq_id 
_pdbx_poly_seq_scheme.mon_id 
_pdbx_poly_seq_scheme.ndb_seq_num 
_pdbx_poly_seq_scheme.pdb_seq_num 
_pdbx_poly_seq_scheme.auth_seq_num 
_pdbx_poly_seq_scheme.pdb_mon_id 
_pdbx_poly_seq_scheme.auth_mon_id 
_pdbx_poly_seq_scheme.pdb_strand_id 
_pdbx_poly_seq_scheme.pdb_ins_code 
_pdbx_poly_seq_scheme.hetero 
A 1 1  DG  1  1   1   DG  GUA A . n 
A 1 2  DC  2  2   2   DC  CYT A . n 
A 1 3  DG  3  3   3   DG  GUA A . n 
A 1 4  DT  4  4   4   DT  THY A . n 
A 1 5  DA  5  5   5   DA  ADE A . n 
A 1 6  NMT 6  6   6   NMT THC A . n 
A 1 7  DA  7  7   7   DA  ADE A . n 
A 1 8  DC  8  8   8   DC  CYT A . n 
A 1 9  DG  9  9   9   DG  GUA A . n 
A 1 10 DC  10 10  10  DC  CYT A . n 
B 1 1  DG  1  111 111 DG  GUA B . n 
B 1 2  DC  2  112 112 DC  CYT B . n 
B 1 3  DG  3  113 113 DG  GUA B . n 
B 1 4  DT  4  114 114 DT  THY B . n 
B 1 5  DA  5  115 115 DA  ADE B . n 
B 1 6  NMT 6  116 116 NMT THC B . n 
B 1 7  DA  7  117 117 DA  ADE B . n 
B 1 8  DC  8  118 118 DC  CYT B . n 
B 1 9  DG  9  119 119 DG  GUA B . n 
B 1 10 DC  10 120 120 DC  CYT B . n 
# 
loop_
_pdbx_nonpoly_scheme.asym_id 
_pdbx_nonpoly_scheme.entity_id 
_pdbx_nonpoly_scheme.mon_id 
_pdbx_nonpoly_scheme.ndb_seq_num 
_pdbx_nonpoly_scheme.pdb_seq_num 
_pdbx_nonpoly_scheme.auth_seq_num 
_pdbx_nonpoly_scheme.pdb_mon_id 
_pdbx_nonpoly_scheme.auth_mon_id 
_pdbx_nonpoly_scheme.pdb_strand_id 
_pdbx_nonpoly_scheme.pdb_ins_code 
C 2 HOH 1  1001 1001 HOH HOH A . 
C 2 HOH 2  1002 1002 HOH HOH A . 
C 2 HOH 3  1004 1004 HOH HOH A . 
C 2 HOH 4  1005 1005 HOH HOH A . 
C 2 HOH 5  1006 1006 HOH HOH A . 
C 2 HOH 6  1007 1007 HOH HOH A . 
C 2 HOH 7  1009 1009 HOH HOH A . 
C 2 HOH 8  1011 1011 HOH HOH A . 
C 2 HOH 9  1012 1012 HOH HOH A . 
C 2 HOH 10 1013 1013 HOH HOH A . 
C 2 HOH 11 1014 1014 HOH HOH A . 
C 2 HOH 12 1015 1015 HOH HOH A . 
C 2 HOH 13 1016 1016 HOH HOH A . 
C 2 HOH 14 1019 1019 HOH HOH A . 
C 2 HOH 15 1022 1022 HOH HOH A . 
C 2 HOH 16 1023 1023 HOH HOH A . 
C 2 HOH 17 1025 1025 HOH HOH A . 
C 2 HOH 18 1026 1026 HOH HOH A . 
C 2 HOH 19 1027 1027 HOH HOH A . 
C 2 HOH 20 1028 1028 HOH HOH A . 
C 2 HOH 21 1029 1029 HOH HOH A . 
C 2 HOH 22 1032 1032 HOH HOH A . 
C 2 HOH 23 1034 1034 HOH HOH A . 
C 2 HOH 24 1036 1036 HOH HOH A . 
C 2 HOH 25 1037 1037 HOH HOH A . 
C 2 HOH 26 1038 1038 HOH HOH A . 
C 2 HOH 27 1040 1040 HOH HOH A . 
C 2 HOH 28 1042 1042 HOH HOH A . 
C 2 HOH 29 1043 1043 HOH HOH A . 
C 2 HOH 30 1044 1044 HOH HOH A . 
C 2 HOH 31 1047 1047 HOH HOH A . 
C 2 HOH 32 1049 1049 HOH HOH A . 
C 2 HOH 33 1052 1052 HOH HOH A . 
C 2 HOH 34 1053 1053 HOH HOH A . 
C 2 HOH 35 1054 1054 HOH HOH A . 
C 2 HOH 36 1058 1058 HOH HOH A . 
C 2 HOH 37 1060 1060 HOH HOH A . 
C 2 HOH 38 1061 1061 HOH HOH A . 
C 2 HOH 39 1062 1062 HOH HOH A . 
C 2 HOH 40 1063 1063 HOH HOH A . 
C 2 HOH 41 1067 1067 HOH HOH A . 
C 2 HOH 42 1068 1068 HOH HOH A . 
C 2 HOH 43 1070 1070 HOH HOH A . 
C 2 HOH 44 1071 1071 HOH HOH A . 
C 2 HOH 45 1075 1075 HOH HOH A . 
C 2 HOH 46 1078 1078 HOH HOH A . 
C 2 HOH 47 1083 1083 HOH HOH A . 
C 2 HOH 48 1084 1084 HOH HOH A . 
C 2 HOH 49 1086 1086 HOH HOH A . 
C 2 HOH 50 1087 1087 HOH HOH A . 
C 2 HOH 51 1089 1089 HOH HOH A . 
C 2 HOH 52 1091 1091 HOH HOH A . 
C 2 HOH 53 1094 1094 HOH HOH A . 
C 2 HOH 54 1095 1095 HOH HOH A . 
C 2 HOH 55 1102 1102 HOH HOH A . 
C 2 HOH 56 1204 1204 HOH HOH A . 
C 2 HOH 57 1212 1212 HOH HOH A . 
C 2 HOH 58 1214 1214 HOH HOH A . 
C 2 HOH 59 1215 1215 HOH HOH A . 
C 2 HOH 60 1216 1216 HOH HOH A . 
C 2 HOH 61 1217 1217 HOH HOH A . 
C 2 HOH 62 1218 1218 HOH HOH A . 
C 2 HOH 63 1219 1219 HOH HOH A . 
C 2 HOH 64 1220 1220 HOH HOH A . 
C 2 HOH 65 1223 1223 HOH HOH A . 
C 2 HOH 66 1226 1226 HOH HOH A . 
C 2 HOH 67 1228 1228 HOH HOH A . 
C 2 HOH 68 1232 1232 HOH HOH A . 
C 2 HOH 69 1233 1233 HOH HOH A . 
C 2 HOH 70 1235 1235 HOH HOH A . 
C 2 HOH 71 1236 1236 HOH HOH A . 
C 2 HOH 72 1238 1238 HOH HOH A . 
C 2 HOH 73 1240 1240 HOH HOH A . 
C 2 HOH 74 1242 1242 HOH HOH A . 
C 2 HOH 75 1245 1245 HOH HOH A . 
C 2 HOH 76 1246 1246 HOH HOH A . 
C 2 HOH 77 1249 1249 HOH HOH A . 
C 2 HOH 78 1250 1250 HOH HOH A . 
C 2 HOH 79 1251 1251 HOH HOH A . 
C 2 HOH 80 1253 1253 HOH HOH A . 
C 2 HOH 81 1254 1254 HOH HOH A . 
D 2 HOH 1  1003 1003 HOH HOH B . 
D 2 HOH 2  1008 1008 HOH HOH B . 
D 2 HOH 3  1010 1010 HOH HOH B . 
D 2 HOH 4  1017 1017 HOH HOH B . 
D 2 HOH 5  1018 1018 HOH HOH B . 
D 2 HOH 6  1020 1020 HOH HOH B . 
D 2 HOH 7  1021 1021 HOH HOH B . 
D 2 HOH 8  1024 1024 HOH HOH B . 
D 2 HOH 9  1030 1030 HOH HOH B . 
D 2 HOH 10 1031 1031 HOH HOH B . 
D 2 HOH 11 1033 1033 HOH HOH B . 
D 2 HOH 12 1035 1035 HOH HOH B . 
D 2 HOH 13 1039 1039 HOH HOH B . 
D 2 HOH 14 1041 1041 HOH HOH B . 
D 2 HOH 15 1045 1045 HOH HOH B . 
D 2 HOH 16 1046 1046 HOH HOH B . 
D 2 HOH 17 1048 1048 HOH HOH B . 
D 2 HOH 18 1050 1050 HOH HOH B . 
D 2 HOH 19 1051 1051 HOH HOH B . 
D 2 HOH 20 1055 1055 HOH HOH B . 
D 2 HOH 21 1056 1056 HOH HOH B . 
D 2 HOH 22 1057 1057 HOH HOH B . 
D 2 HOH 23 1059 1059 HOH HOH B . 
D 2 HOH 24 1064 1064 HOH HOH B . 
D 2 HOH 25 1065 1065 HOH HOH B . 
D 2 HOH 26 1066 1066 HOH HOH B . 
D 2 HOH 27 1069 1069 HOH HOH B . 
D 2 HOH 28 1072 1072 HOH HOH B . 
D 2 HOH 29 1073 1073 HOH HOH B . 
D 2 HOH 30 1074 1074 HOH HOH B . 
D 2 HOH 31 1079 1079 HOH HOH B . 
D 2 HOH 32 1080 1080 HOH HOH B . 
D 2 HOH 33 1081 1081 HOH HOH B . 
D 2 HOH 34 1082 1082 HOH HOH B . 
D 2 HOH 35 1085 1085 HOH HOH B . 
D 2 HOH 36 1088 1088 HOH HOH B . 
D 2 HOH 37 1090 1090 HOH HOH B . 
D 2 HOH 38 1092 1092 HOH HOH B . 
D 2 HOH 39 1093 1093 HOH HOH B . 
D 2 HOH 40 1096 1096 HOH HOH B . 
D 2 HOH 41 1097 1097 HOH HOH B . 
D 2 HOH 42 1098 1098 HOH HOH B . 
D 2 HOH 43 1099 1099 HOH HOH B . 
D 2 HOH 44 1100 1100 HOH HOH B . 
D 2 HOH 45 1101 1101 HOH HOH B . 
D 2 HOH 46 1202 1202 HOH HOH B . 
D 2 HOH 47 1203 1203 HOH HOH B . 
D 2 HOH 48 1205 1205 HOH HOH B . 
D 2 HOH 49 1208 1208 HOH HOH B . 
D 2 HOH 50 1211 1211 HOH HOH B . 
D 2 HOH 51 1213 1213 HOH HOH B . 
D 2 HOH 52 1221 1221 HOH HOH B . 
D 2 HOH 53 1222 1222 HOH HOH B . 
D 2 HOH 54 1224 1224 HOH HOH B . 
D 2 HOH 55 1225 1225 HOH HOH B . 
D 2 HOH 56 1227 1227 HOH HOH B . 
D 2 HOH 57 1229 1229 HOH HOH B . 
D 2 HOH 58 1230 1230 HOH HOH B . 
D 2 HOH 59 1231 1231 HOH HOH B . 
D 2 HOH 60 1234 1234 HOH HOH B . 
D 2 HOH 61 1237 1237 HOH HOH B . 
D 2 HOH 62 1239 1239 HOH HOH B . 
D 2 HOH 63 1241 1241 HOH HOH B . 
D 2 HOH 64 1243 1243 HOH HOH B . 
D 2 HOH 65 1244 1244 HOH HOH B . 
D 2 HOH 66 1247 1247 HOH HOH B . 
D 2 HOH 67 1248 1248 HOH HOH B . 
D 2 HOH 68 1252 1252 HOH HOH B . 
D 2 HOH 69 1255 1255 HOH HOH B . 
D 2 HOH 70 1256 1256 HOH HOH B . 
D 2 HOH 71 1257 1257 HOH HOH B . 
D 2 HOH 72 1258 1258 HOH HOH B . 
# 
loop_
_pdbx_struct_mod_residue.id 
_pdbx_struct_mod_residue.label_asym_id 
_pdbx_struct_mod_residue.label_comp_id 
_pdbx_struct_mod_residue.label_seq_id 
_pdbx_struct_mod_residue.auth_asym_id 
_pdbx_struct_mod_residue.auth_comp_id 
_pdbx_struct_mod_residue.auth_seq_id 
_pdbx_struct_mod_residue.PDB_ins_code 
_pdbx_struct_mod_residue.parent_comp_id 
_pdbx_struct_mod_residue.details 
1 A NMT 6 A NMT 6   ? DT ? 
2 B NMT 6 B NMT 116 ? DT ? 
# 
_pdbx_struct_assembly.id                   1 
_pdbx_struct_assembly.details              author_defined_assembly 
_pdbx_struct_assembly.method_details       ? 
_pdbx_struct_assembly.oligomeric_details   dimeric 
_pdbx_struct_assembly.oligomeric_count     2 
# 
_pdbx_struct_assembly_gen.assembly_id       1 
_pdbx_struct_assembly_gen.oper_expression   1 
_pdbx_struct_assembly_gen.asym_id_list      A,B,C,D 
# 
_pdbx_struct_oper_list.id                   1 
_pdbx_struct_oper_list.type                 'identity operation' 
_pdbx_struct_oper_list.name                 1_555 
_pdbx_struct_oper_list.symmetry_operation   x,y,z 
_pdbx_struct_oper_list.matrix[1][1]         1.0000000000 
_pdbx_struct_oper_list.matrix[1][2]         0.0000000000 
_pdbx_struct_oper_list.matrix[1][3]         0.0000000000 
_pdbx_struct_oper_list.vector[1]            0.0000000000 
_pdbx_struct_oper_list.matrix[2][1]         0.0000000000 
_pdbx_struct_oper_list.matrix[2][2]         1.0000000000 
_pdbx_struct_oper_list.matrix[2][3]         0.0000000000 
_pdbx_struct_oper_list.vector[2]            0.0000000000 
_pdbx_struct_oper_list.matrix[3][1]         0.0000000000 
_pdbx_struct_oper_list.matrix[3][2]         0.0000000000 
_pdbx_struct_oper_list.matrix[3][3]         1.0000000000 
_pdbx_struct_oper_list.vector[3]            0.0000000000 
# 
loop_
_pdbx_audit_revision_history.ordinal 
_pdbx_audit_revision_history.data_content_type 
_pdbx_audit_revision_history.major_revision 
_pdbx_audit_revision_history.minor_revision 
_pdbx_audit_revision_history.revision_date 
1 'Structure model' 1 0 2004-12-14 
2 'Structure model' 1 1 2008-04-30 
3 'Structure model' 1 2 2011-07-13 
4 'Structure model' 1 3 2017-10-11 
5 'Structure model' 1 4 2019-07-24 
6 'Structure model' 1 5 2023-08-23 
# 
_pdbx_audit_revision_details.ordinal             1 
_pdbx_audit_revision_details.revision_ordinal    1 
_pdbx_audit_revision_details.data_content_type   'Structure model' 
_pdbx_audit_revision_details.provider            repository 
_pdbx_audit_revision_details.type                'Initial release' 
_pdbx_audit_revision_details.description         ? 
_pdbx_audit_revision_details.details             ? 
# 
loop_
_pdbx_audit_revision_group.ordinal 
_pdbx_audit_revision_group.revision_ordinal 
_pdbx_audit_revision_group.data_content_type 
_pdbx_audit_revision_group.group 
1 2 'Structure model' 'Version format compliance' 
2 3 'Structure model' 'Version format compliance' 
3 4 'Structure model' 'Refinement description'    
4 5 'Structure model' 'Data collection'           
5 5 'Structure model' 'Derived calculations'      
6 5 'Structure model' 'Refinement description'    
7 6 'Structure model' 'Data collection'           
8 6 'Structure model' 'Database references'       
9 6 'Structure model' 'Refinement description'    
# 
loop_
_pdbx_audit_revision_category.ordinal 
_pdbx_audit_revision_category.revision_ordinal 
_pdbx_audit_revision_category.data_content_type 
_pdbx_audit_revision_category.category 
1 4 'Structure model' software                      
2 5 'Structure model' software                      
3 5 'Structure model' struct_conn                   
4 6 'Structure model' chem_comp_atom                
5 6 'Structure model' chem_comp_bond                
6 6 'Structure model' database_2                    
7 6 'Structure model' pdbx_initial_refinement_model 
# 
loop_
_pdbx_audit_revision_item.ordinal 
_pdbx_audit_revision_item.revision_ordinal 
_pdbx_audit_revision_item.data_content_type 
_pdbx_audit_revision_item.item 
1 5 'Structure model' '_software.classification'            
2 5 'Structure model' '_software.name'                      
3 5 'Structure model' '_struct_conn.pdbx_leaving_atom_flag' 
4 6 'Structure model' '_database_2.pdbx_DOI'                
5 6 'Structure model' '_database_2.pdbx_database_accession' 
# 
loop_
_software.name 
_software.classification 
_software.version 
_software.citation_id 
_software.pdbx_ordinal 
SHELXL-97 refinement        . ? 1 
SCALEPACK 'data scaling'    . ? 2 
CNS       refinement        . ? 3 
MAR345    'data collection' . ? 4 
CNS       phasing           . ? 5 
# 
loop_
_pdbx_validate_symm_contact.id 
_pdbx_validate_symm_contact.PDB_model_num 
_pdbx_validate_symm_contact.auth_atom_id_1 
_pdbx_validate_symm_contact.auth_asym_id_1 
_pdbx_validate_symm_contact.auth_comp_id_1 
_pdbx_validate_symm_contact.auth_seq_id_1 
_pdbx_validate_symm_contact.PDB_ins_code_1 
_pdbx_validate_symm_contact.label_alt_id_1 
_pdbx_validate_symm_contact.site_symmetry_1 
_pdbx_validate_symm_contact.auth_atom_id_2 
_pdbx_validate_symm_contact.auth_asym_id_2 
_pdbx_validate_symm_contact.auth_comp_id_2 
_pdbx_validate_symm_contact.auth_seq_id_2 
_pdbx_validate_symm_contact.PDB_ins_code_2 
_pdbx_validate_symm_contact.label_alt_id_2 
_pdbx_validate_symm_contact.site_symmetry_2 
_pdbx_validate_symm_contact.dist 
1 1 O A HOH 1032 ? ? 1_555 O B HOH 1066 ? ? 4_565 1.99 
2 1 O A HOH 1086 ? ? 1_555 O A HOH 1095 ? ? 3_655 2.18 
# 
loop_
_pdbx_validate_rmsd_bond.id 
_pdbx_validate_rmsd_bond.PDB_model_num 
_pdbx_validate_rmsd_bond.auth_atom_id_1 
_pdbx_validate_rmsd_bond.auth_asym_id_1 
_pdbx_validate_rmsd_bond.auth_comp_id_1 
_pdbx_validate_rmsd_bond.auth_seq_id_1 
_pdbx_validate_rmsd_bond.PDB_ins_code_1 
_pdbx_validate_rmsd_bond.label_alt_id_1 
_pdbx_validate_rmsd_bond.auth_atom_id_2 
_pdbx_validate_rmsd_bond.auth_asym_id_2 
_pdbx_validate_rmsd_bond.auth_comp_id_2 
_pdbx_validate_rmsd_bond.auth_seq_id_2 
_pdbx_validate_rmsd_bond.PDB_ins_code_2 
_pdbx_validate_rmsd_bond.label_alt_id_2 
_pdbx_validate_rmsd_bond.bond_value 
_pdbx_validate_rmsd_bond.bond_target_value 
_pdbx_validate_rmsd_bond.bond_deviation 
_pdbx_validate_rmsd_bond.bond_standard_deviation 
_pdbx_validate_rmsd_bond.linker_flag 
1  1 "C2'" A DC 2   ? ? "C1'" A DC 2   ? ? 1.451 1.518 -0.067 0.010 N 
2  1 "C2'" A DG 3   ? ? "C1'" A DG 3   ? ? 1.417 1.518 -0.101 0.010 N 
3  1 "C2'" A DT 4   ? ? "C1'" A DT 4   ? ? 1.425 1.518 -0.093 0.010 N 
4  1 "O4'" A DT 4   ? ? "C1'" A DT 4   ? ? 1.517 1.420 0.097  0.011 N 
5  1 "C2'" A DG 9   ? ? "C1'" A DG 9   ? ? 1.433 1.518 -0.085 0.010 N 
6  1 "C2'" A DC 10  ? ? "C1'" A DC 10  ? ? 1.437 1.518 -0.081 0.010 N 
7  1 "C2'" B DG 111 ? ? "C1'" B DG 111 ? ? 1.443 1.518 -0.075 0.010 N 
8  1 "C2'" B DG 119 ? ? "C1'" B DG 119 ? ? 1.409 1.518 -0.109 0.010 N 
9  1 "C2'" B DC 120 ? ? "C1'" B DC 120 ? ? 1.424 1.518 -0.094 0.010 N 
10 1 "O4'" B DC 120 ? ? "C1'" B DC 120 ? ? 1.487 1.420 0.067  0.011 N 
# 
loop_
_pdbx_validate_rmsd_angle.id 
_pdbx_validate_rmsd_angle.PDB_model_num 
_pdbx_validate_rmsd_angle.auth_atom_id_1 
_pdbx_validate_rmsd_angle.auth_asym_id_1 
_pdbx_validate_rmsd_angle.auth_comp_id_1 
_pdbx_validate_rmsd_angle.auth_seq_id_1 
_pdbx_validate_rmsd_angle.PDB_ins_code_1 
_pdbx_validate_rmsd_angle.label_alt_id_1 
_pdbx_validate_rmsd_angle.auth_atom_id_2 
_pdbx_validate_rmsd_angle.auth_asym_id_2 
_pdbx_validate_rmsd_angle.auth_comp_id_2 
_pdbx_validate_rmsd_angle.auth_seq_id_2 
_pdbx_validate_rmsd_angle.PDB_ins_code_2 
_pdbx_validate_rmsd_angle.label_alt_id_2 
_pdbx_validate_rmsd_angle.auth_atom_id_3 
_pdbx_validate_rmsd_angle.auth_asym_id_3 
_pdbx_validate_rmsd_angle.auth_comp_id_3 
_pdbx_validate_rmsd_angle.auth_seq_id_3 
_pdbx_validate_rmsd_angle.PDB_ins_code_3 
_pdbx_validate_rmsd_angle.label_alt_id_3 
_pdbx_validate_rmsd_angle.angle_value 
_pdbx_validate_rmsd_angle.angle_target_value 
_pdbx_validate_rmsd_angle.angle_deviation 
_pdbx_validate_rmsd_angle.angle_standard_deviation 
_pdbx_validate_rmsd_angle.linker_flag 
1  1 C5    A DG 1   ? ? C6    A DG 1   ? ? O6    A DG 1   ? ? 132.71 128.60 4.11   0.60 N 
2  1 C6    A DC 2   ? ? N1    A DC 2   ? ? C2    A DC 2   ? ? 117.53 120.30 -2.77  0.40 N 
3  1 C5    A DC 2   ? ? C6    A DC 2   ? ? N1    A DC 2   ? ? 124.03 121.00 3.03   0.50 N 
4  1 "O4'" A DG 3   ? ? "C1'" A DG 3   ? ? N9    A DG 3   ? ? 101.98 108.00 -6.02  0.70 N 
5  1 N1    A DG 3   ? ? C6    A DG 3   ? ? O6    A DG 3   ? ? 115.41 119.90 -4.49  0.60 N 
6  1 "O4'" A DT 4   ? ? "C1'" A DT 4   ? ? N1    A DT 4   ? ? 103.65 108.00 -4.35  0.70 N 
7  1 "O4'" A DA 5   ? ? "C4'" A DA 5   ? ? "C3'" A DA 5   ? ? 100.79 104.50 -3.71  0.40 N 
8  1 "O4'" A DC 8   ? ? "C4'" A DC 8   ? ? "C3'" A DC 8   ? ? 101.99 104.50 -2.51  0.40 N 
9  1 "O4'" A DC 8   ? ? "C1'" A DC 8   ? ? N1    A DC 8   ? ? 111.00 108.30 2.70   0.30 N 
10 1 C5    A DC 8   ? ? C6    A DC 8   ? ? N1    A DC 8   ? ? 124.49 121.00 3.49   0.50 N 
11 1 "O4'" A DG 9   ? ? "C1'" A DG 9   ? ? N9    A DG 9   ? ? 102.66 108.00 -5.34  0.70 N 
12 1 C4    A DC 10  ? ? C5    A DC 10  ? ? C6    A DC 10  ? ? 114.36 117.40 -3.04  0.50 N 
13 1 "O4'" B DG 113 ? ? "C4'" B DG 113 ? ? "C3'" B DG 113 ? ? 101.56 104.50 -2.94  0.40 N 
14 1 P     B DA 117 ? ? "O5'" B DA 117 ? ? "C5'" B DA 117 ? ? 108.99 120.90 -11.91 1.60 N 
15 1 "O4'" B DC 118 ? ? "C4'" B DC 118 ? ? "C3'" B DC 118 ? ? 101.25 104.50 -3.25  0.40 N 
16 1 "O4'" B DG 119 ? ? "C1'" B DG 119 ? ? "C2'" B DG 119 ? ? 110.05 106.80 3.25   0.50 N 
17 1 "O4'" B DG 119 ? ? "C1'" B DG 119 ? ? N9    B DG 119 ? ? 99.56  108.00 -8.44  0.70 N 
18 1 N3    B DG 119 ? ? C4    B DG 119 ? ? C5    B DG 119 ? ? 131.76 128.60 3.16   0.50 N 
19 1 C5    B DG 119 ? ? N7    B DG 119 ? ? C8    B DG 119 ? ? 107.44 104.30 3.14   0.50 N 
20 1 N7    B DG 119 ? ? C8    B DG 119 ? ? N9    B DG 119 ? ? 109.81 113.10 -3.29  0.50 N 
21 1 C5    B DG 119 ? ? C6    B DG 119 ? ? O6    B DG 119 ? ? 132.82 128.60 4.22   0.60 N 
22 1 "O4'" B DC 120 ? ? "C1'" B DC 120 ? ? N1    B DC 120 ? ? 101.93 108.00 -6.07  0.70 N 
# 
loop_
_pdbx_validate_chiral.id 
_pdbx_validate_chiral.PDB_model_num 
_pdbx_validate_chiral.auth_atom_id 
_pdbx_validate_chiral.label_alt_id 
_pdbx_validate_chiral.auth_asym_id 
_pdbx_validate_chiral.auth_comp_id 
_pdbx_validate_chiral.auth_seq_id 
_pdbx_validate_chiral.PDB_ins_code 
_pdbx_validate_chiral.details 
_pdbx_validate_chiral.omega 
1 1 "C7'" ? A NMT 6   ? PLANAR . 
2 1 "C7'" ? A NMT 6   ? PLANAR . 
3 1 "C7'" ? B NMT 116 ? PLANAR . 
# 
loop_
_chem_comp_atom.comp_id 
_chem_comp_atom.atom_id 
_chem_comp_atom.type_symbol 
_chem_comp_atom.pdbx_aromatic_flag 
_chem_comp_atom.pdbx_stereo_config 
_chem_comp_atom.pdbx_ordinal 
DA  OP3    O N N 1   
DA  P      P N N 2   
DA  OP1    O N N 3   
DA  OP2    O N N 4   
DA  "O5'"  O N N 5   
DA  "C5'"  C N N 6   
DA  "C4'"  C N R 7   
DA  "O4'"  O N N 8   
DA  "C3'"  C N S 9   
DA  "O3'"  O N N 10  
DA  "C2'"  C N N 11  
DA  "C1'"  C N R 12  
DA  N9     N Y N 13  
DA  C8     C Y N 14  
DA  N7     N Y N 15  
DA  C5     C Y N 16  
DA  C6     C Y N 17  
DA  N6     N N N 18  
DA  N1     N Y N 19  
DA  C2     C Y N 20  
DA  N3     N Y N 21  
DA  C4     C Y N 22  
DA  HOP3   H N N 23  
DA  HOP2   H N N 24  
DA  "H5'"  H N N 25  
DA  "H5''" H N N 26  
DA  "H4'"  H N N 27  
DA  "H3'"  H N N 28  
DA  "HO3'" H N N 29  
DA  "H2'"  H N N 30  
DA  "H2''" H N N 31  
DA  "H1'"  H N N 32  
DA  H8     H N N 33  
DA  H61    H N N 34  
DA  H62    H N N 35  
DA  H2     H N N 36  
DC  OP3    O N N 37  
DC  P      P N N 38  
DC  OP1    O N N 39  
DC  OP2    O N N 40  
DC  "O5'"  O N N 41  
DC  "C5'"  C N N 42  
DC  "C4'"  C N R 43  
DC  "O4'"  O N N 44  
DC  "C3'"  C N S 45  
DC  "O3'"  O N N 46  
DC  "C2'"  C N N 47  
DC  "C1'"  C N R 48  
DC  N1     N N N 49  
DC  C2     C N N 50  
DC  O2     O N N 51  
DC  N3     N N N 52  
DC  C4     C N N 53  
DC  N4     N N N 54  
DC  C5     C N N 55  
DC  C6     C N N 56  
DC  HOP3   H N N 57  
DC  HOP2   H N N 58  
DC  "H5'"  H N N 59  
DC  "H5''" H N N 60  
DC  "H4'"  H N N 61  
DC  "H3'"  H N N 62  
DC  "HO3'" H N N 63  
DC  "H2'"  H N N 64  
DC  "H2''" H N N 65  
DC  "H1'"  H N N 66  
DC  H41    H N N 67  
DC  H42    H N N 68  
DC  H5     H N N 69  
DC  H6     H N N 70  
DG  OP3    O N N 71  
DG  P      P N N 72  
DG  OP1    O N N 73  
DG  OP2    O N N 74  
DG  "O5'"  O N N 75  
DG  "C5'"  C N N 76  
DG  "C4'"  C N R 77  
DG  "O4'"  O N N 78  
DG  "C3'"  C N S 79  
DG  "O3'"  O N N 80  
DG  "C2'"  C N N 81  
DG  "C1'"  C N R 82  
DG  N9     N Y N 83  
DG  C8     C Y N 84  
DG  N7     N Y N 85  
DG  C5     C Y N 86  
DG  C6     C N N 87  
DG  O6     O N N 88  
DG  N1     N N N 89  
DG  C2     C N N 90  
DG  N2     N N N 91  
DG  N3     N N N 92  
DG  C4     C Y N 93  
DG  HOP3   H N N 94  
DG  HOP2   H N N 95  
DG  "H5'"  H N N 96  
DG  "H5''" H N N 97  
DG  "H4'"  H N N 98  
DG  "H3'"  H N N 99  
DG  "HO3'" H N N 100 
DG  "H2'"  H N N 101 
DG  "H2''" H N N 102 
DG  "H1'"  H N N 103 
DG  H8     H N N 104 
DG  H1     H N N 105 
DG  H21    H N N 106 
DG  H22    H N N 107 
DT  OP3    O N N 108 
DT  P      P N N 109 
DT  OP1    O N N 110 
DT  OP2    O N N 111 
DT  "O5'"  O N N 112 
DT  "C5'"  C N N 113 
DT  "C4'"  C N R 114 
DT  "O4'"  O N N 115 
DT  "C3'"  C N S 116 
DT  "O3'"  O N N 117 
DT  "C2'"  C N N 118 
DT  "C1'"  C N R 119 
DT  N1     N N N 120 
DT  C2     C N N 121 
DT  O2     O N N 122 
DT  N3     N N N 123 
DT  C4     C N N 124 
DT  O4     O N N 125 
DT  C5     C N N 126 
DT  C7     C N N 127 
DT  C6     C N N 128 
DT  HOP3   H N N 129 
DT  HOP2   H N N 130 
DT  "H5'"  H N N 131 
DT  "H5''" H N N 132 
DT  "H4'"  H N N 133 
DT  "H3'"  H N N 134 
DT  "HO3'" H N N 135 
DT  "H2'"  H N N 136 
DT  "H2''" H N N 137 
DT  "H1'"  H N N 138 
DT  H3     H N N 139 
DT  H71    H N N 140 
DT  H72    H N N 141 
DT  H73    H N N 142 
DT  H6     H N N 143 
HOH O      O N N 144 
HOH H1     H N N 145 
HOH H2     H N N 146 
NMT P      P N N 147 
NMT OP3    O N N 148 
NMT OP2    O N N 149 
NMT "O5'"  O N N 150 
NMT N1     N N N 151 
NMT C6     C N N 152 
NMT C2     C N N 153 
NMT O2     O N N 154 
NMT N3     N N N 155 
NMT C4     C N N 156 
NMT O4     O N N 157 
NMT C5     C N N 158 
NMT C5M    C N N 159 
NMT "C2'"  C N R 160 
NMT "C5'"  C N N 161 
NMT "C4'"  C N R 162 
NMT "O4'"  O N N 163 
NMT "C1'"  C N R 164 
NMT "C3'"  C N R 165 
NMT "O3'"  O N N 166 
NMT "O6'"  O N N 167 
NMT "C7'"  C N S 168 
NMT "N8'"  N N N 169 
NMT "C9'"  C N N 170 
NMT "O7'"  O N N 171 
NMT OP1    O N N 172 
NMT HOP3   H N N 173 
NMT HOP2   H N N 174 
NMT H6     H N N 175 
NMT HN3    H N N 176 
NMT H71    H N N 177 
NMT H72    H N N 178 
NMT H73    H N N 179 
NMT "H2'"  H N N 180 
NMT "H5'"  H N N 181 
NMT "H5''" H N N 182 
NMT "H4'"  H N N 183 
NMT "H1'"  H N N 184 
NMT "H3'"  H N N 185 
NMT "HO3'" H N N 186 
NMT "H7'"  H N N 187 
NMT "H8'"  H N N 188 
NMT "H9'1" H N N 189 
NMT "H9'2" H N N 190 
NMT "H9'3" H N N 191 
NMT H1     H N N 192 
# 
loop_
_chem_comp_bond.comp_id 
_chem_comp_bond.atom_id_1 
_chem_comp_bond.atom_id_2 
_chem_comp_bond.value_order 
_chem_comp_bond.pdbx_aromatic_flag 
_chem_comp_bond.pdbx_stereo_config 
_chem_comp_bond.pdbx_ordinal 
DA  OP3   P      sing N N 1   
DA  OP3   HOP3   sing N N 2   
DA  P     OP1    doub N N 3   
DA  P     OP2    sing N N 4   
DA  P     "O5'"  sing N N 5   
DA  OP2   HOP2   sing N N 6   
DA  "O5'" "C5'"  sing N N 7   
DA  "C5'" "C4'"  sing N N 8   
DA  "C5'" "H5'"  sing N N 9   
DA  "C5'" "H5''" sing N N 10  
DA  "C4'" "O4'"  sing N N 11  
DA  "C4'" "C3'"  sing N N 12  
DA  "C4'" "H4'"  sing N N 13  
DA  "O4'" "C1'"  sing N N 14  
DA  "C3'" "O3'"  sing N N 15  
DA  "C3'" "C2'"  sing N N 16  
DA  "C3'" "H3'"  sing N N 17  
DA  "O3'" "HO3'" sing N N 18  
DA  "C2'" "C1'"  sing N N 19  
DA  "C2'" "H2'"  sing N N 20  
DA  "C2'" "H2''" sing N N 21  
DA  "C1'" N9     sing N N 22  
DA  "C1'" "H1'"  sing N N 23  
DA  N9    C8     sing Y N 24  
DA  N9    C4     sing Y N 25  
DA  C8    N7     doub Y N 26  
DA  C8    H8     sing N N 27  
DA  N7    C5     sing Y N 28  
DA  C5    C6     sing Y N 29  
DA  C5    C4     doub Y N 30  
DA  C6    N6     sing N N 31  
DA  C6    N1     doub Y N 32  
DA  N6    H61    sing N N 33  
DA  N6    H62    sing N N 34  
DA  N1    C2     sing Y N 35  
DA  C2    N3     doub Y N 36  
DA  C2    H2     sing N N 37  
DA  N3    C4     sing Y N 38  
DC  OP3   P      sing N N 39  
DC  OP3   HOP3   sing N N 40  
DC  P     OP1    doub N N 41  
DC  P     OP2    sing N N 42  
DC  P     "O5'"  sing N N 43  
DC  OP2   HOP2   sing N N 44  
DC  "O5'" "C5'"  sing N N 45  
DC  "C5'" "C4'"  sing N N 46  
DC  "C5'" "H5'"  sing N N 47  
DC  "C5'" "H5''" sing N N 48  
DC  "C4'" "O4'"  sing N N 49  
DC  "C4'" "C3'"  sing N N 50  
DC  "C4'" "H4'"  sing N N 51  
DC  "O4'" "C1'"  sing N N 52  
DC  "C3'" "O3'"  sing N N 53  
DC  "C3'" "C2'"  sing N N 54  
DC  "C3'" "H3'"  sing N N 55  
DC  "O3'" "HO3'" sing N N 56  
DC  "C2'" "C1'"  sing N N 57  
DC  "C2'" "H2'"  sing N N 58  
DC  "C2'" "H2''" sing N N 59  
DC  "C1'" N1     sing N N 60  
DC  "C1'" "H1'"  sing N N 61  
DC  N1    C2     sing N N 62  
DC  N1    C6     sing N N 63  
DC  C2    O2     doub N N 64  
DC  C2    N3     sing N N 65  
DC  N3    C4     doub N N 66  
DC  C4    N4     sing N N 67  
DC  C4    C5     sing N N 68  
DC  N4    H41    sing N N 69  
DC  N4    H42    sing N N 70  
DC  C5    C6     doub N N 71  
DC  C5    H5     sing N N 72  
DC  C6    H6     sing N N 73  
DG  OP3   P      sing N N 74  
DG  OP3   HOP3   sing N N 75  
DG  P     OP1    doub N N 76  
DG  P     OP2    sing N N 77  
DG  P     "O5'"  sing N N 78  
DG  OP2   HOP2   sing N N 79  
DG  "O5'" "C5'"  sing N N 80  
DG  "C5'" "C4'"  sing N N 81  
DG  "C5'" "H5'"  sing N N 82  
DG  "C5'" "H5''" sing N N 83  
DG  "C4'" "O4'"  sing N N 84  
DG  "C4'" "C3'"  sing N N 85  
DG  "C4'" "H4'"  sing N N 86  
DG  "O4'" "C1'"  sing N N 87  
DG  "C3'" "O3'"  sing N N 88  
DG  "C3'" "C2'"  sing N N 89  
DG  "C3'" "H3'"  sing N N 90  
DG  "O3'" "HO3'" sing N N 91  
DG  "C2'" "C1'"  sing N N 92  
DG  "C2'" "H2'"  sing N N 93  
DG  "C2'" "H2''" sing N N 94  
DG  "C1'" N9     sing N N 95  
DG  "C1'" "H1'"  sing N N 96  
DG  N9    C8     sing Y N 97  
DG  N9    C4     sing Y N 98  
DG  C8    N7     doub Y N 99  
DG  C8    H8     sing N N 100 
DG  N7    C5     sing Y N 101 
DG  C5    C6     sing N N 102 
DG  C5    C4     doub Y N 103 
DG  C6    O6     doub N N 104 
DG  C6    N1     sing N N 105 
DG  N1    C2     sing N N 106 
DG  N1    H1     sing N N 107 
DG  C2    N2     sing N N 108 
DG  C2    N3     doub N N 109 
DG  N2    H21    sing N N 110 
DG  N2    H22    sing N N 111 
DG  N3    C4     sing N N 112 
DT  OP3   P      sing N N 113 
DT  OP3   HOP3   sing N N 114 
DT  P     OP1    doub N N 115 
DT  P     OP2    sing N N 116 
DT  P     "O5'"  sing N N 117 
DT  OP2   HOP2   sing N N 118 
DT  "O5'" "C5'"  sing N N 119 
DT  "C5'" "C4'"  sing N N 120 
DT  "C5'" "H5'"  sing N N 121 
DT  "C5'" "H5''" sing N N 122 
DT  "C4'" "O4'"  sing N N 123 
DT  "C4'" "C3'"  sing N N 124 
DT  "C4'" "H4'"  sing N N 125 
DT  "O4'" "C1'"  sing N N 126 
DT  "C3'" "O3'"  sing N N 127 
DT  "C3'" "C2'"  sing N N 128 
DT  "C3'" "H3'"  sing N N 129 
DT  "O3'" "HO3'" sing N N 130 
DT  "C2'" "C1'"  sing N N 131 
DT  "C2'" "H2'"  sing N N 132 
DT  "C2'" "H2''" sing N N 133 
DT  "C1'" N1     sing N N 134 
DT  "C1'" "H1'"  sing N N 135 
DT  N1    C2     sing N N 136 
DT  N1    C6     sing N N 137 
DT  C2    O2     doub N N 138 
DT  C2    N3     sing N N 139 
DT  N3    C4     sing N N 140 
DT  N3    H3     sing N N 141 
DT  C4    O4     doub N N 142 
DT  C4    C5     sing N N 143 
DT  C5    C7     sing N N 144 
DT  C5    C6     doub N N 145 
DT  C7    H71    sing N N 146 
DT  C7    H72    sing N N 147 
DT  C7    H73    sing N N 148 
DT  C6    H6     sing N N 149 
HOH O     H1     sing N N 150 
HOH O     H2     sing N N 151 
NMT P     OP3    sing N N 152 
NMT P     OP2    sing N N 153 
NMT P     "O5'"  sing N N 154 
NMT P     OP1    doub N N 155 
NMT OP3   HOP3   sing N N 156 
NMT OP2   HOP2   sing N N 157 
NMT "O5'" "C5'"  sing N N 158 
NMT N1    C6     sing N N 159 
NMT N1    C2     sing N N 160 
NMT N1    "C1'"  sing N N 161 
NMT C6    C5     doub N N 162 
NMT C6    H6     sing N N 163 
NMT C2    O2     doub N N 164 
NMT C2    N3     sing N N 165 
NMT N3    C4     sing N N 166 
NMT N3    HN3    sing N N 167 
NMT C4    O4     doub N N 168 
NMT C4    C5     sing N N 169 
NMT C5    C5M    sing N N 170 
NMT C5M   H71    sing N N 171 
NMT C5M   H72    sing N N 172 
NMT C5M   H73    sing N N 173 
NMT "C2'" "C1'"  sing N N 174 
NMT "C2'" "C3'"  sing N N 175 
NMT "C2'" "O6'"  sing N N 176 
NMT "C2'" "H2'"  sing N N 177 
NMT "C5'" "C4'"  sing N N 178 
NMT "C5'" "H5'"  sing N N 179 
NMT "C5'" "H5''" sing N N 180 
NMT "C4'" "O4'"  sing N N 181 
NMT "C4'" "C3'"  sing N N 182 
NMT "C4'" "H4'"  sing N N 183 
NMT "O4'" "C1'"  sing N N 184 
NMT "C1'" "H1'"  sing N N 185 
NMT "C3'" "O3'"  sing N N 186 
NMT "C3'" "H3'"  sing N N 187 
NMT "O3'" "HO3'" sing N N 188 
NMT "O6'" "C7'"  sing N N 189 
NMT "C7'" "N8'"  sing N N 190 
NMT "C7'" "O7'"  sing N N 191 
NMT "C7'" "H7'"  sing N N 192 
NMT "N8'" "C9'"  sing N N 193 
NMT "N8'" "H8'"  sing N N 194 
NMT "C9'" "H9'1" sing N N 195 
NMT "C9'" "H9'2" sing N N 196 
NMT "C9'" "H9'3" sing N N 197 
NMT "O7'" H1     sing N N 198 
# 
_ndb_struct_conf_na.entry_id   1XUW 
_ndb_struct_conf_na.feature    'a-form double helix' 
# 
loop_
_ndb_struct_na_base_pair.model_number 
_ndb_struct_na_base_pair.i_label_asym_id 
_ndb_struct_na_base_pair.i_label_comp_id 
_ndb_struct_na_base_pair.i_label_seq_id 
_ndb_struct_na_base_pair.i_symmetry 
_ndb_struct_na_base_pair.j_label_asym_id 
_ndb_struct_na_base_pair.j_label_comp_id 
_ndb_struct_na_base_pair.j_label_seq_id 
_ndb_struct_na_base_pair.j_symmetry 
_ndb_struct_na_base_pair.shear 
_ndb_struct_na_base_pair.stretch 
_ndb_struct_na_base_pair.stagger 
_ndb_struct_na_base_pair.buckle 
_ndb_struct_na_base_pair.propeller 
_ndb_struct_na_base_pair.opening 
_ndb_struct_na_base_pair.pair_number 
_ndb_struct_na_base_pair.pair_name 
_ndb_struct_na_base_pair.i_auth_asym_id 
_ndb_struct_na_base_pair.i_auth_seq_id 
_ndb_struct_na_base_pair.i_PDB_ins_code 
_ndb_struct_na_base_pair.j_auth_asym_id 
_ndb_struct_na_base_pair.j_auth_seq_id 
_ndb_struct_na_base_pair.j_PDB_ins_code 
_ndb_struct_na_base_pair.hbond_type_28 
_ndb_struct_na_base_pair.hbond_type_12 
1 A DG  1  1_555 B DC  10 1_555 -0.325 -0.090 0.132  2.500  -4.340  -0.241 1  A_DG1:DC120_B  A 1  ? B 120 ? 19 1 
1 A DC  2  1_555 B DG  9  1_555 -0.018 0.002  0.153  4.506  -14.626 -1.201 2  A_DC2:DG119_B  A 2  ? B 119 ? 19 1 
1 A DG  3  1_555 B DC  8  1_555 -0.228 -0.121 0.126  -7.525 -14.440 -0.101 3  A_DG3:DC118_B  A 3  ? B 118 ? 19 1 
1 A DT  4  1_555 B DA  7  1_555 -0.097 -0.086 -0.029 -5.766 -15.345 -0.006 4  A_DT4:DA117_B  A 4  ? B 117 ? 20 1 
1 A DA  5  1_555 B NMT 6  1_555 0.141  -0.133 0.149  -3.834 -12.241 -1.978 5  A_DA5:NMT116_B A 5  ? B 116 ? 20 1 
1 A NMT 6  1_555 B DA  5  1_555 -0.018 -0.098 0.185  3.433  -12.050 3.240  6  A_NMT6:DA115_B A 6  ? B 115 ? 20 1 
1 A DA  7  1_555 B DT  4  1_555 0.006  -0.109 -0.067 6.569  -11.010 1.702  7  A_DA7:DT114_B  A 7  ? B 114 ? 20 1 
1 A DC  8  1_555 B DG  3  1_555 0.208  -0.162 -0.164 11.768 -13.778 0.566  8  A_DC8:DG113_B  A 8  ? B 113 ? 19 1 
1 A DG  9  1_555 B DC  2  1_555 -0.203 -0.156 0.052  -5.012 -9.954  -0.220 9  A_DG9:DC112_B  A 9  ? B 112 ? 19 1 
1 A DC  10 1_555 B DG  1  1_555 0.208  -0.126 0.154  -3.217 4.531   -0.895 10 A_DC10:DG111_B A 10 ? B 111 ? 19 1 
# 
loop_
_ndb_struct_na_base_pair_step.model_number 
_ndb_struct_na_base_pair_step.i_label_asym_id_1 
_ndb_struct_na_base_pair_step.i_label_comp_id_1 
_ndb_struct_na_base_pair_step.i_label_seq_id_1 
_ndb_struct_na_base_pair_step.i_symmetry_1 
_ndb_struct_na_base_pair_step.j_label_asym_id_1 
_ndb_struct_na_base_pair_step.j_label_comp_id_1 
_ndb_struct_na_base_pair_step.j_label_seq_id_1 
_ndb_struct_na_base_pair_step.j_symmetry_1 
_ndb_struct_na_base_pair_step.i_label_asym_id_2 
_ndb_struct_na_base_pair_step.i_label_comp_id_2 
_ndb_struct_na_base_pair_step.i_label_seq_id_2 
_ndb_struct_na_base_pair_step.i_symmetry_2 
_ndb_struct_na_base_pair_step.j_label_asym_id_2 
_ndb_struct_na_base_pair_step.j_label_comp_id_2 
_ndb_struct_na_base_pair_step.j_label_seq_id_2 
_ndb_struct_na_base_pair_step.j_symmetry_2 
_ndb_struct_na_base_pair_step.shift 
_ndb_struct_na_base_pair_step.slide 
_ndb_struct_na_base_pair_step.rise 
_ndb_struct_na_base_pair_step.tilt 
_ndb_struct_na_base_pair_step.roll 
_ndb_struct_na_base_pair_step.twist 
_ndb_struct_na_base_pair_step.x_displacement 
_ndb_struct_na_base_pair_step.y_displacement 
_ndb_struct_na_base_pair_step.helical_rise 
_ndb_struct_na_base_pair_step.inclination 
_ndb_struct_na_base_pair_step.tip 
_ndb_struct_na_base_pair_step.helical_twist 
_ndb_struct_na_base_pair_step.step_number 
_ndb_struct_na_base_pair_step.step_name 
_ndb_struct_na_base_pair_step.i_auth_asym_id_1 
_ndb_struct_na_base_pair_step.i_auth_seq_id_1 
_ndb_struct_na_base_pair_step.i_PDB_ins_code_1 
_ndb_struct_na_base_pair_step.j_auth_asym_id_1 
_ndb_struct_na_base_pair_step.j_auth_seq_id_1 
_ndb_struct_na_base_pair_step.j_PDB_ins_code_1 
_ndb_struct_na_base_pair_step.i_auth_asym_id_2 
_ndb_struct_na_base_pair_step.i_auth_seq_id_2 
_ndb_struct_na_base_pair_step.i_PDB_ins_code_2 
_ndb_struct_na_base_pair_step.j_auth_asym_id_2 
_ndb_struct_na_base_pair_step.j_auth_seq_id_2 
_ndb_struct_na_base_pair_step.j_PDB_ins_code_2 
1 A DG  1 1_555 B DC  10 1_555 A DC  2  1_555 B DG  9 1_555 0.291  -1.584 3.275 1.173  -2.073 37.689 -2.176 -0.296 3.362 -3.205 
-1.813 37.762 1 AA_DG1DC2:DG119DC120_BB   A 1 ? B 120 ? A 2  ? B 119 ? 
1 A DC  2 1_555 B DG  9  1_555 A DG  3  1_555 B DC  8 1_555 0.274  -2.191 3.375 1.122  10.078 27.455 -6.349 -0.318 2.443 20.375 
-2.268 29.234 2 AA_DC2DG3:DC118DG119_BB   A 2 ? B 119 ? A 3  ? B 118 ? 
1 A DG  3 1_555 B DC  8  1_555 A DT  4  1_555 B DA  7 1_555 -1.180 -1.603 3.177 -1.013 5.507  34.951 -3.400 1.801  2.930 9.096  
1.674  35.383 3 AA_DG3DT4:DA117DC118_BB   A 3 ? B 118 ? A 4  ? B 117 ? 
1 A DT  4 1_555 B DA  7  1_555 A DA  5  1_555 B NMT 6 1_555 0.765  -1.536 3.158 1.123  17.820 25.158 -5.788 -1.259 1.745 35.732 
-2.253 30.766 4 AA_DT4DA5:NMT116DA117_BB  A 4 ? B 117 ? A 5  ? B 116 ? 
1 A DA  5 1_555 B NMT 6  1_555 A NMT 6  1_555 B DA  5 1_555 0.518  -1.346 3.142 0.988  6.446  32.166 -3.406 -0.760 2.841 11.487 
-1.761 32.803 5 AA_DA5NMT6:DA115NMT116_BB A 5 ? B 116 ? A 6  ? B 115 ? 
1 A NMT 6 1_555 B DA  5  1_555 A DA  7  1_555 B DT  4 1_555 -0.307 -1.263 3.054 1.267  14.643 30.351 -4.213 0.707  2.214 26.130 
-2.261 33.647 6 AA_NMT6DA7:DT114DA115_BB  A 6 ? B 115 ? A 7  ? B 114 ? 
1 A DA  7 1_555 B DT  4  1_555 A DC  8  1_555 B DG  3 1_555 0.249  -1.536 3.292 0.292  5.675  31.055 -3.842 -0.406 2.974 10.489 
-0.539 31.558 7 AA_DA7DC8:DG113DT114_BB   A 7 ? B 114 ? A 8  ? B 113 ? 
1 A DC  8 1_555 B DG  3  1_555 A DG  9  1_555 B DC  2 1_555 -0.400 -1.961 3.553 -2.185 13.404 30.174 -5.653 0.345  2.503 24.262 
3.955  33.025 8 AA_DC8DG9:DC112DG113_BB   A 8 ? B 113 ? A 9  ? B 112 ? 
1 A DG  9 1_555 B DC  2  1_555 A DC  10 1_555 B DG  1 1_555 0.232  -1.696 3.348 0.793  1.688  35.854 -2.996 -0.262 3.271 2.740  
-1.286 35.901 9 AA_DG9DC10:DG111DC112_BB  A 9 ? B 112 ? A 10 ? B 111 ? 
# 
_pdbx_entity_nonpoly.entity_id   2 
_pdbx_entity_nonpoly.name        water 
_pdbx_entity_nonpoly.comp_id     HOH 
# 
_pdbx_initial_refinement_model.id               1 
_pdbx_initial_refinement_model.entity_id_list   ? 
_pdbx_initial_refinement_model.type             'experimental model' 
_pdbx_initial_refinement_model.source_name      PDB 
_pdbx_initial_refinement_model.accession_code   1DPL 
_pdbx_initial_refinement_model.details          ? 
# 
